data_4AJH
#
_entry.id   4AJH
#
_cell.length_a   62.055
_cell.length_b   81.656
_cell.length_c   128.941
_cell.angle_alpha   90.00
_cell.angle_beta   96.11
_cell.angle_gamma   90.00
#
_symmetry.space_group_name_H-M   'P 1 21 1'
#
loop_
_entity.id
_entity.type
_entity.pdbx_description
1 polymer 'L-LACTATE DEHYDROGENASE A CHAIN'
2 non-polymer 'MALONATE ION'
3 non-polymer N-(2-METHYL-1,3-BENZOTHIAZOL-6-YL)-3-UREIDO-PROPANAMIDE
4 non-polymer '2-(4-BROMANYLPHENOXY)PROPANEDIOIC ACID'
5 non-polymer GLYCEROL
6 water water
#
_entity_poly.entity_id   1
_entity_poly.type   'polypeptide(L)'
_entity_poly.pdbx_seq_one_letter_code
;AALKDQLIVNLLKEEQVPQNKITVVGVGAVGMACAISILMKDLADELALVDVIEDKLKGEMMDLQHGSLFLKTPKIVSSK
DYSVTANSKLVIITAGARQQEGESRLNLVQRNVNIFKFIIPNVVKYSPQCKLLIVSNPVDILTYVAWKISGFPKNRVIGS
GCNLDSARFRYLMGERLGVHPLSCHGWVLGEHGDSSVPVWSGVNVAGVSLKSLNPQLGTDADKEQWKDVHKQVVDSAYEV
IKLKGYTSWAIGLSVADLAESIMKNLRRVHPISTMIKGLYGIKEDVFLSVPCILGQNGISDVVKVTLTPDEEARLKKSAD
TLWGIQKELQF
;
_entity_poly.pdbx_strand_id   A,B,C,D
#
loop_
_chem_comp.id
_chem_comp.type
_chem_comp.name
_chem_comp.formula
2B4 non-polymer '2-(4-BROMANYLPHENOXY)PROPANEDIOIC ACID' 'C9 H7 Br O5'
88S non-polymer N-(2-METHYL-1,3-BENZOTHIAZOL-6-YL)-3-UREIDO-PROPANAMIDE 'C12 H14 N4 O2 S'
GOL non-polymer GLYCEROL 'C3 H8 O3'
MLI non-polymer 'MALONATE ION' 'C3 H2 O4 -2'
#
# COMPACT_ATOMS: atom_id res chain seq x y z
C ALA A 1 29.73 23.93 14.30
N ALA A 2 29.37 23.54 13.07
CA ALA A 2 27.96 23.39 12.70
C ALA A 2 27.39 22.11 13.30
N LEU A 3 26.14 22.19 13.80
CA LEU A 3 25.42 21.09 14.43
C LEU A 3 25.36 19.84 13.52
N LYS A 4 25.15 20.03 12.21
CA LYS A 4 25.09 18.95 11.22
C LYS A 4 26.40 18.17 11.15
N ASP A 5 27.55 18.89 11.19
CA ASP A 5 28.89 18.28 11.16
C ASP A 5 29.27 17.56 12.45
N GLN A 6 28.77 18.04 13.60
CA GLN A 6 28.97 17.42 14.93
C GLN A 6 28.13 16.12 15.00
N LEU A 7 27.01 16.07 14.30
CA LEU A 7 26.09 14.94 14.33
C LEU A 7 26.42 13.88 13.28
N ILE A 8 26.76 14.32 12.06
CA ILE A 8 26.93 13.44 10.92
C ILE A 8 28.29 13.60 10.24
N VAL A 9 28.87 12.46 9.84
CA VAL A 9 30.10 12.38 9.05
C VAL A 9 29.64 12.14 7.63
N ASN A 10 29.91 13.11 6.76
CA ASN A 10 29.53 12.96 5.36
C ASN A 10 30.60 12.16 4.62
N LEU A 11 30.18 11.17 3.84
CA LEU A 11 31.12 10.33 3.11
C LEU A 11 30.99 10.49 1.61
N LEU A 12 29.85 11.03 1.15
CA LEU A 12 29.51 11.20 -0.25
C LEU A 12 28.73 12.51 -0.47
N LYS A 13 29.27 13.39 -1.32
CA LYS A 13 28.67 14.68 -1.65
C LYS A 13 27.84 14.58 -2.92
N VAL A 17 21.02 12.76 -9.39
CA VAL A 17 19.94 12.81 -10.36
C VAL A 17 18.79 11.86 -9.95
N PRO A 18 17.48 12.32 -9.99
CA PRO A 18 16.40 11.41 -9.59
C PRO A 18 16.22 10.28 -10.60
N GLN A 19 15.76 9.13 -10.13
CA GLN A 19 15.61 7.98 -11.00
C GLN A 19 14.21 7.73 -11.50
N ASN A 20 13.20 8.23 -10.79
CA ASN A 20 11.80 8.00 -11.11
C ASN A 20 11.04 9.32 -10.92
N LYS A 21 11.50 10.35 -11.63
CA LYS A 21 10.90 11.68 -11.50
C LYS A 21 9.65 11.89 -12.33
N ILE A 22 8.62 12.50 -11.72
CA ILE A 22 7.38 12.84 -12.43
C ILE A 22 7.20 14.35 -12.34
N THR A 23 6.73 14.99 -13.43
CA THR A 23 6.43 16.42 -13.40
C THR A 23 4.94 16.56 -13.66
N VAL A 24 4.28 17.46 -12.89
CA VAL A 24 2.90 17.84 -13.15
C VAL A 24 2.94 19.30 -13.59
N VAL A 25 2.46 19.58 -14.82
CA VAL A 25 2.33 20.94 -15.33
C VAL A 25 0.90 21.41 -15.09
N GLY A 26 0.78 22.48 -14.30
CA GLY A 26 -0.54 23.02 -13.96
C GLY A 26 -0.93 22.65 -12.55
N VAL A 27 -1.11 23.67 -11.68
CA VAL A 27 -1.49 23.48 -10.27
C VAL A 27 -2.97 23.83 -9.98
N GLY A 28 -3.80 23.66 -11.00
CA GLY A 28 -5.25 23.78 -10.84
C GLY A 28 -5.77 22.56 -10.10
N ALA A 29 -7.09 22.48 -9.89
CA ALA A 29 -7.67 21.37 -9.16
C ALA A 29 -7.26 20.01 -9.78
N VAL A 30 -7.29 19.90 -11.14
CA VAL A 30 -6.87 18.66 -11.82
C VAL A 30 -5.43 18.30 -11.46
N GLY A 31 -4.52 19.25 -11.68
CA GLY A 31 -3.08 19.05 -11.45
C GLY A 31 -2.76 18.65 -10.03
N MET A 32 -3.40 19.32 -9.06
CA MET A 32 -3.16 18.99 -7.65
C MET A 32 -3.74 17.62 -7.25
N ALA A 33 -4.87 17.22 -7.89
CA ALA A 33 -5.45 15.90 -7.63
C ALA A 33 -4.52 14.85 -8.22
N CYS A 34 -3.93 15.11 -9.42
CA CYS A 34 -2.96 14.18 -10.01
C CYS A 34 -1.76 14.09 -9.04
N ALA A 35 -1.29 15.25 -8.56
CA ALA A 35 -0.14 15.33 -7.66
C ALA A 35 -0.35 14.53 -6.38
N ILE A 36 -1.47 14.75 -5.66
CA ILE A 36 -1.72 14.01 -4.43
C ILE A 36 -1.85 12.51 -4.68
N SER A 37 -2.54 12.12 -5.77
CA SER A 37 -2.78 10.71 -6.10
C SER A 37 -1.46 10.00 -6.40
N ILE A 38 -0.53 10.70 -7.08
CA ILE A 38 0.82 10.16 -7.41
C ILE A 38 1.65 10.02 -6.14
N LEU A 39 1.60 11.03 -5.23
CA LEU A 39 2.33 10.97 -3.95
C LEU A 39 1.85 9.81 -3.07
N MET A 40 0.53 9.58 -3.06
N MET A 40 0.52 9.59 -3.03
CA MET A 40 -0.08 8.56 -2.23
CA MET A 40 -0.11 8.56 -2.21
C MET A 40 0.00 7.15 -2.79
C MET A 40 0.20 7.15 -2.72
N LYS A 41 0.50 7.01 -4.02
CA LYS A 41 0.75 5.73 -4.70
C LYS A 41 2.27 5.43 -4.79
N ASP A 42 3.14 6.32 -4.24
CA ASP A 42 4.61 6.08 -4.18
C ASP A 42 5.26 5.74 -5.54
N LEU A 43 4.92 6.50 -6.56
CA LEU A 43 5.36 6.24 -7.92
C LEU A 43 6.63 6.95 -8.30
N ALA A 44 6.94 8.03 -7.57
CA ALA A 44 8.05 8.89 -7.86
C ALA A 44 9.02 9.13 -6.70
N ASP A 45 10.30 9.34 -7.01
CA ASP A 45 11.30 9.72 -6.02
C ASP A 45 11.45 11.24 -6.02
N GLU A 46 10.88 11.92 -7.03
CA GLU A 46 10.91 13.39 -7.11
C GLU A 46 9.67 13.87 -7.86
N LEU A 47 8.93 14.81 -7.28
CA LEU A 47 7.78 15.40 -7.93
C LEU A 47 8.11 16.87 -8.17
N ALA A 48 7.91 17.32 -9.42
CA ALA A 48 8.11 18.74 -9.76
C ALA A 48 6.77 19.30 -10.19
N LEU A 49 6.48 20.56 -9.80
CA LEU A 49 5.24 21.26 -10.20
C LEU A 49 5.59 22.49 -10.98
N VAL A 50 4.83 22.77 -12.04
CA VAL A 50 5.10 23.96 -12.84
C VAL A 50 3.80 24.68 -13.07
N ASP A 51 3.83 26.01 -12.99
CA ASP A 51 2.67 26.85 -13.30
C ASP A 51 3.18 28.27 -13.57
N VAL A 52 2.30 29.18 -14.00
CA VAL A 52 2.64 30.58 -14.29
C VAL A 52 2.32 31.51 -13.10
N ILE A 53 1.48 31.05 -12.17
CA ILE A 53 1.07 31.89 -11.02
C ILE A 53 1.98 31.53 -9.86
N GLU A 54 3.00 32.37 -9.66
CA GLU A 54 4.08 32.16 -8.69
C GLU A 54 3.66 31.90 -7.25
N ASP A 55 2.70 32.68 -6.71
CA ASP A 55 2.25 32.51 -5.32
C ASP A 55 1.53 31.19 -5.12
N LYS A 56 0.55 30.90 -5.99
CA LYS A 56 -0.24 29.67 -5.99
C LYS A 56 0.68 28.44 -6.11
N LEU A 57 1.69 28.53 -6.99
CA LEU A 57 2.65 27.46 -7.21
C LEU A 57 3.43 27.13 -5.93
N LYS A 58 4.01 28.19 -5.32
CA LYS A 58 4.82 28.04 -4.12
C LYS A 58 3.98 27.49 -2.96
N GLY A 59 2.77 28.01 -2.80
CA GLY A 59 1.86 27.59 -1.73
C GLY A 59 1.45 26.14 -1.82
N GLU A 60 1.19 25.65 -3.06
CA GLU A 60 0.84 24.25 -3.29
C GLU A 60 2.02 23.36 -2.98
N MET A 61 3.21 23.72 -3.51
CA MET A 61 4.42 22.96 -3.22
C MET A 61 4.68 22.87 -1.71
N MET A 62 4.59 24.02 -0.97
CA MET A 62 4.83 24.03 0.49
C MET A 62 3.82 23.18 1.22
N ASP A 63 2.55 23.25 0.81
CA ASP A 63 1.49 22.45 1.42
C ASP A 63 1.79 20.93 1.28
N LEU A 64 2.27 20.51 0.07
CA LEU A 64 2.69 19.12 -0.16
C LEU A 64 3.91 18.79 0.69
N GLN A 65 4.90 19.69 0.73
CA GLN A 65 6.14 19.50 1.51
C GLN A 65 5.87 19.31 2.97
N HIS A 66 4.88 20.02 3.51
CA HIS A 66 4.54 19.88 4.94
C HIS A 66 4.00 18.48 5.33
N GLY A 67 3.49 17.74 4.35
CA GLY A 67 3.04 16.37 4.57
C GLY A 67 4.11 15.30 4.34
N SER A 68 5.37 15.71 4.08
CA SER A 68 6.49 14.81 3.78
C SER A 68 6.68 13.63 4.73
N LEU A 69 6.35 13.85 6.03
CA LEU A 69 6.49 12.80 7.03
C LEU A 69 5.53 11.63 6.72
N PHE A 70 4.41 11.91 6.06
CA PHE A 70 3.42 10.87 5.77
C PHE A 70 3.51 10.31 4.36
N LEU A 71 4.59 10.64 3.64
CA LEU A 71 4.86 10.23 2.26
C LEU A 71 6.21 9.54 2.12
N LYS A 72 6.50 9.03 0.90
CA LYS A 72 7.74 8.35 0.54
C LYS A 72 8.29 8.91 -0.79
N THR A 73 8.12 10.24 -1.01
CA THR A 73 8.62 11.02 -2.15
C THR A 73 9.44 12.09 -1.47
N PRO A 74 10.78 11.87 -1.42
CA PRO A 74 11.65 12.71 -0.60
C PRO A 74 12.03 14.09 -1.10
N LYS A 75 11.63 14.43 -2.34
CA LYS A 75 11.92 15.71 -2.96
C LYS A 75 10.68 16.19 -3.72
N ILE A 76 10.14 17.33 -3.31
CA ILE A 76 8.97 17.98 -3.92
C ILE A 76 9.49 19.34 -4.27
N VAL A 77 9.48 19.67 -5.57
CA VAL A 77 10.04 20.93 -6.04
C VAL A 77 9.07 21.68 -6.97
N SER A 78 9.27 22.99 -7.13
CA SER A 78 8.42 23.74 -8.06
C SER A 78 9.14 24.95 -8.60
N SER A 79 8.67 25.44 -9.78
CA SER A 79 9.16 26.66 -10.42
C SER A 79 8.32 26.95 -11.66
N LYS A 80 8.28 28.22 -12.09
CA LYS A 80 7.70 28.65 -13.36
C LYS A 80 8.69 28.28 -14.48
N ASP A 81 9.98 28.16 -14.12
CA ASP A 81 11.10 27.81 -14.99
C ASP A 81 11.14 26.27 -15.18
N TYR A 82 11.13 25.82 -16.44
CA TYR A 82 11.14 24.39 -16.79
C TYR A 82 12.41 23.62 -16.48
N SER A 83 13.47 24.31 -16.04
CA SER A 83 14.72 23.65 -15.64
C SER A 83 14.45 22.71 -14.43
N VAL A 84 13.39 23.00 -13.63
CA VAL A 84 12.96 22.22 -12.47
C VAL A 84 12.46 20.82 -12.92
N THR A 85 12.00 20.71 -14.17
CA THR A 85 11.44 19.47 -14.76
C THR A 85 12.46 18.53 -15.36
N ALA A 86 13.77 18.94 -15.42
CA ALA A 86 14.82 18.11 -16.01
C ALA A 86 14.85 16.69 -15.45
N ASN A 87 15.06 15.71 -16.34
CA ASN A 87 15.17 14.27 -16.04
C ASN A 87 13.88 13.64 -15.56
N SER A 88 12.74 14.13 -16.07
CA SER A 88 11.47 13.52 -15.71
C SER A 88 11.31 12.27 -16.58
N LYS A 89 10.78 11.17 -16.01
CA LYS A 89 10.47 9.97 -16.78
C LYS A 89 9.09 10.22 -17.41
N LEU A 90 8.24 10.92 -16.67
CA LEU A 90 6.88 11.21 -17.08
C LEU A 90 6.52 12.66 -16.79
N VAL A 91 5.98 13.35 -17.80
CA VAL A 91 5.52 14.73 -17.67
C VAL A 91 4.02 14.74 -17.99
N ILE A 92 3.23 15.12 -17.00
CA ILE A 92 1.78 15.19 -17.09
C ILE A 92 1.33 16.66 -17.28
N ILE A 93 0.64 16.95 -18.39
CA ILE A 93 0.18 18.32 -18.70
C ILE A 93 -1.31 18.42 -18.39
N THR A 94 -1.65 19.28 -17.41
CA THR A 94 -3.03 19.49 -16.98
C THR A 94 -3.41 20.96 -17.18
N ALA A 95 -2.46 21.79 -17.65
CA ALA A 95 -2.61 23.24 -17.80
C ALA A 95 -3.58 23.68 -18.89
N GLY A 96 -4.06 24.91 -18.76
CA GLY A 96 -4.96 25.58 -19.70
C GLY A 96 -6.38 25.84 -19.22
N ALA A 97 -7.22 26.36 -20.13
CA ALA A 97 -8.64 26.64 -19.87
C ALA A 97 -9.32 25.29 -19.51
N ARG A 98 -10.14 25.30 -18.45
CA ARG A 98 -10.84 24.09 -18.02
C ARG A 98 -12.29 24.15 -18.43
N GLN A 99 -12.92 22.99 -18.58
CA GLN A 99 -14.31 22.86 -18.98
C GLN A 99 -15.23 23.67 -18.07
N GLN A 100 -16.15 24.39 -18.69
CA GLN A 100 -17.08 25.29 -18.02
C GLN A 100 -18.46 24.74 -17.95
N GLU A 101 -19.26 25.27 -17.02
CA GLU A 101 -20.64 24.82 -16.87
C GLU A 101 -21.45 24.93 -18.18
N GLY A 102 -22.07 23.81 -18.60
CA GLY A 102 -22.94 23.76 -19.78
C GLY A 102 -22.23 23.92 -21.10
N GLU A 103 -20.90 23.68 -21.10
CA GLU A 103 -20.06 23.86 -22.29
C GLU A 103 -19.26 22.64 -22.61
N SER A 104 -19.15 22.34 -23.92
CA SER A 104 -18.33 21.23 -24.40
C SER A 104 -16.85 21.50 -24.10
N ARG A 105 -16.05 20.41 -23.92
CA ARG A 105 -14.59 20.49 -23.75
C ARG A 105 -13.99 20.98 -25.07
N LEU A 106 -14.74 20.81 -26.20
CA LEU A 106 -14.25 21.24 -27.53
C LEU A 106 -14.15 22.79 -27.63
N ASN A 107 -14.85 23.49 -26.73
CA ASN A 107 -14.86 24.96 -26.63
C ASN A 107 -13.56 25.57 -26.05
N LEU A 108 -12.62 24.73 -25.59
CA LEU A 108 -11.35 25.17 -24.98
C LEU A 108 -10.19 25.04 -25.96
N VAL A 109 -10.45 24.43 -27.11
CA VAL A 109 -9.43 24.01 -28.06
C VAL A 109 -8.37 25.02 -28.49
N GLN A 110 -8.75 26.13 -29.12
CA GLN A 110 -7.78 27.09 -29.62
C GLN A 110 -6.89 27.69 -28.51
N ARG A 111 -7.50 28.04 -27.38
CA ARG A 111 -6.77 28.62 -26.24
C ARG A 111 -5.75 27.63 -25.68
N ASN A 112 -6.12 26.33 -25.61
CA ASN A 112 -5.22 25.29 -25.10
C ASN A 112 -4.11 24.92 -26.07
N VAL A 113 -4.38 25.04 -27.39
CA VAL A 113 -3.38 24.85 -28.45
C VAL A 113 -2.28 25.92 -28.32
N ASN A 114 -2.68 27.21 -28.20
CA ASN A 114 -1.76 28.34 -28.05
C ASN A 114 -0.89 28.16 -26.82
N ILE A 115 -1.49 27.71 -25.70
CA ILE A 115 -0.75 27.47 -24.46
C ILE A 115 0.27 26.31 -24.67
N PHE A 116 -0.13 25.24 -25.38
CA PHE A 116 0.75 24.08 -25.65
C PHE A 116 1.94 24.45 -26.53
N LYS A 117 1.79 25.46 -27.40
CA LYS A 117 2.88 25.99 -28.25
C LYS A 117 4.05 26.52 -27.37
N PHE A 118 3.75 26.93 -26.12
CA PHE A 118 4.76 27.39 -25.15
C PHE A 118 5.26 26.20 -24.28
N ILE A 119 4.31 25.51 -23.66
CA ILE A 119 4.59 24.40 -22.74
C ILE A 119 5.44 23.28 -23.34
N ILE A 120 4.94 22.66 -24.44
CA ILE A 120 5.57 21.51 -25.09
C ILE A 120 7.04 21.67 -25.45
N PRO A 121 7.50 22.74 -26.14
CA PRO A 121 8.96 22.85 -26.44
C PRO A 121 9.80 22.94 -25.17
N ASN A 122 9.28 23.60 -24.12
CA ASN A 122 9.97 23.73 -22.83
C ASN A 122 10.14 22.40 -22.12
N VAL A 123 9.08 21.57 -22.12
CA VAL A 123 9.12 20.22 -21.53
C VAL A 123 10.19 19.41 -22.27
N VAL A 124 10.09 19.40 -23.61
CA VAL A 124 10.98 18.66 -24.51
C VAL A 124 12.45 19.07 -24.33
N LYS A 125 12.70 20.36 -24.13
CA LYS A 125 14.04 20.89 -23.94
C LYS A 125 14.73 20.23 -22.70
N TYR A 126 13.98 20.11 -21.59
CA TYR A 126 14.55 19.58 -20.35
C TYR A 126 14.47 18.07 -20.15
N SER A 127 13.47 17.39 -20.76
CA SER A 127 13.38 15.91 -20.64
C SER A 127 13.07 15.37 -22.04
N PRO A 128 14.08 15.30 -22.95
CA PRO A 128 13.78 14.88 -24.33
C PRO A 128 13.31 13.44 -24.49
N GLN A 129 13.48 12.58 -23.46
CA GLN A 129 13.08 11.17 -23.54
C GLN A 129 11.94 10.81 -22.62
N CYS A 130 11.28 11.81 -22.03
CA CYS A 130 10.13 11.57 -21.14
C CYS A 130 8.93 11.00 -21.96
N LYS A 131 7.93 10.49 -21.26
CA LYS A 131 6.64 10.10 -21.81
C LYS A 131 5.79 11.32 -21.47
N LEU A 132 5.03 11.81 -22.44
CA LEU A 132 4.15 12.93 -22.25
C LEU A 132 2.77 12.36 -22.01
N LEU A 133 2.15 12.74 -20.89
CA LEU A 133 0.79 12.34 -20.56
C LEU A 133 -0.10 13.59 -20.55
N ILE A 134 -0.96 13.73 -21.58
CA ILE A 134 -1.83 14.89 -21.74
C ILE A 134 -3.17 14.66 -21.03
N VAL A 135 -3.56 15.60 -20.16
CA VAL A 135 -4.83 15.53 -19.41
C VAL A 135 -5.73 16.70 -19.85
N SER A 136 -5.12 17.85 -20.21
CA SER A 136 -5.82 19.08 -20.64
C SER A 136 -6.84 18.80 -21.74
N ASN A 137 -7.96 19.52 -21.72
CA ASN A 137 -9.04 19.36 -22.68
C ASN A 137 -9.08 20.32 -23.88
N PRO A 138 -9.59 19.87 -25.06
CA PRO A 138 -10.02 18.49 -25.39
C PRO A 138 -8.81 17.57 -25.57
N VAL A 139 -8.70 16.61 -24.64
CA VAL A 139 -7.56 15.70 -24.54
C VAL A 139 -7.11 15.00 -25.84
N ASP A 140 -8.06 14.56 -26.67
CA ASP A 140 -7.71 13.87 -27.90
C ASP A 140 -7.00 14.77 -28.90
N ILE A 141 -7.50 16.01 -29.07
CA ILE A 141 -6.90 16.99 -29.96
C ILE A 141 -5.58 17.50 -29.37
N LEU A 142 -5.55 17.73 -28.06
CA LEU A 142 -4.32 18.22 -27.44
C LEU A 142 -3.21 17.19 -27.42
N THR A 143 -3.57 15.86 -27.48
CA THR A 143 -2.55 14.82 -27.51
C THR A 143 -1.92 14.90 -28.89
N TYR A 144 -2.75 14.98 -29.95
CA TYR A 144 -2.29 15.14 -31.33
C TYR A 144 -1.36 16.38 -31.42
N VAL A 145 -1.80 17.52 -30.86
CA VAL A 145 -1.07 18.78 -30.86
C VAL A 145 0.32 18.63 -30.16
N ALA A 146 0.33 18.07 -28.93
CA ALA A 146 1.57 17.79 -28.20
C ALA A 146 2.50 16.87 -29.04
N TRP A 147 1.93 15.85 -29.74
CA TRP A 147 2.69 14.94 -30.60
C TRP A 147 3.36 15.72 -31.74
N LYS A 148 2.59 16.53 -32.49
CA LYS A 148 3.09 17.39 -33.56
C LYS A 148 4.17 18.39 -33.10
N ILE A 149 3.95 19.09 -31.99
CA ILE A 149 4.91 20.08 -31.47
C ILE A 149 6.18 19.43 -30.93
N SER A 150 6.03 18.38 -30.11
CA SER A 150 7.18 17.71 -29.49
C SER A 150 8.18 17.07 -30.44
N GLY A 151 7.69 16.50 -31.55
CA GLY A 151 8.52 15.70 -32.45
C GLY A 151 8.78 14.31 -31.86
N PHE A 152 8.14 13.97 -30.73
CA PHE A 152 8.34 12.67 -30.09
C PHE A 152 7.77 11.52 -30.95
N PRO A 153 8.26 10.26 -30.85
CA PRO A 153 7.56 9.18 -31.57
C PRO A 153 6.20 8.95 -30.87
N LYS A 154 5.21 8.49 -31.63
CA LYS A 154 3.84 8.34 -31.12
C LYS A 154 3.64 7.54 -29.82
N ASN A 155 4.51 6.54 -29.54
CA ASN A 155 4.40 5.76 -28.30
C ASN A 155 4.55 6.62 -27.02
N ARG A 156 5.32 7.71 -27.12
CA ARG A 156 5.60 8.57 -25.96
C ARG A 156 4.64 9.73 -25.70
N VAL A 157 3.59 9.85 -26.51
CA VAL A 157 2.61 10.92 -26.38
C VAL A 157 1.25 10.26 -26.14
N ILE A 158 0.82 10.27 -24.88
CA ILE A 158 -0.38 9.59 -24.41
C ILE A 158 -1.38 10.59 -23.90
N GLY A 159 -2.63 10.38 -24.27
CA GLY A 159 -3.72 11.20 -23.73
C GLY A 159 -4.48 10.40 -22.70
N SER A 160 -4.85 11.03 -21.57
CA SER A 160 -5.64 10.32 -20.53
C SER A 160 -6.95 9.73 -21.08
N GLY A 161 -7.42 10.31 -22.17
CA GLY A 161 -8.56 9.84 -22.96
C GLY A 161 -9.76 9.38 -22.16
N CYS A 162 -10.18 8.15 -22.48
CA CYS A 162 -11.36 7.46 -21.94
C CYS A 162 -11.08 6.54 -20.77
N ASN A 163 -9.90 6.66 -20.13
CA ASN A 163 -9.60 5.82 -18.96
C ASN A 163 -10.61 6.16 -17.87
N LEU A 164 -10.95 7.46 -17.72
CA LEU A 164 -11.93 7.90 -16.73
C LEU A 164 -13.39 7.55 -17.14
N ASP A 165 -13.73 7.71 -18.44
CA ASP A 165 -15.07 7.40 -18.95
C ASP A 165 -15.37 5.93 -18.72
N SER A 166 -14.37 5.06 -18.96
CA SER A 166 -14.52 3.60 -18.75
C SER A 166 -14.65 3.29 -17.27
N ALA A 167 -13.88 4.01 -16.41
CA ALA A 167 -13.94 3.86 -14.94
C ALA A 167 -15.33 4.25 -14.44
N ARG A 168 -15.87 5.37 -14.96
CA ARG A 168 -17.22 5.84 -14.62
C ARG A 168 -18.25 4.80 -15.05
N PHE A 169 -18.08 4.27 -16.27
CA PHE A 169 -18.97 3.26 -16.81
C PHE A 169 -18.98 1.99 -15.94
N ARG A 170 -17.81 1.54 -15.51
CA ARG A 170 -17.66 0.34 -14.69
C ARG A 170 -18.24 0.59 -13.29
N TYR A 171 -18.13 1.82 -12.75
CA TYR A 171 -18.74 2.17 -11.45
C TYR A 171 -20.27 2.10 -11.58
N LEU A 172 -20.83 2.73 -12.63
CA LEU A 172 -22.27 2.76 -12.88
C LEU A 172 -22.87 1.38 -13.13
N MET A 173 -22.14 0.54 -13.89
CA MET A 173 -22.50 -0.86 -14.18
C MET A 173 -22.48 -1.64 -12.84
N GLY A 174 -21.44 -1.42 -12.04
CA GLY A 174 -21.28 -2.00 -10.72
C GLY A 174 -22.42 -1.69 -9.76
N GLU A 175 -22.92 -0.43 -9.78
CA GLU A 175 -24.03 0.01 -8.92
C GLU A 175 -25.33 -0.68 -9.32
N ARG A 176 -25.56 -0.88 -10.64
CA ARG A 176 -26.77 -1.56 -11.12
C ARG A 176 -26.74 -3.05 -10.74
N LEU A 177 -25.55 -3.67 -10.82
CA LEU A 177 -25.42 -5.11 -10.58
C LEU A 177 -25.12 -5.54 -9.14
N GLY A 178 -24.66 -4.62 -8.29
CA GLY A 178 -24.27 -4.94 -6.92
C GLY A 178 -22.95 -5.69 -6.89
N VAL A 179 -22.04 -5.28 -7.79
CA VAL A 179 -20.73 -5.89 -7.97
C VAL A 179 -19.71 -4.76 -7.91
N HIS A 180 -18.48 -5.04 -7.41
CA HIS A 180 -17.42 -4.03 -7.38
C HIS A 180 -17.08 -3.66 -8.83
N PRO A 181 -16.79 -2.36 -9.17
CA PRO A 181 -16.42 -2.03 -10.55
C PRO A 181 -15.25 -2.85 -11.11
N LEU A 182 -14.33 -3.34 -10.25
CA LEU A 182 -13.20 -4.19 -10.70
C LEU A 182 -13.72 -5.49 -11.40
N SER A 183 -14.92 -5.95 -11.04
CA SER A 183 -15.53 -7.17 -11.60
C SER A 183 -16.59 -6.91 -12.67
N CYS A 184 -16.73 -5.64 -13.09
CA CYS A 184 -17.64 -5.21 -14.15
C CYS A 184 -16.76 -4.72 -15.28
N HIS A 185 -16.76 -5.41 -16.41
CA HIS A 185 -15.90 -5.07 -17.54
C HIS A 185 -16.71 -4.47 -18.66
N GLY A 186 -16.13 -3.47 -19.30
CA GLY A 186 -16.78 -2.71 -20.37
C GLY A 186 -15.95 -1.51 -20.73
N TRP A 187 -15.89 -1.22 -22.03
CA TRP A 187 -15.03 -0.19 -22.59
C TRP A 187 -15.79 0.96 -23.22
N VAL A 188 -15.38 2.18 -22.90
CA VAL A 188 -15.92 3.40 -23.55
C VAL A 188 -14.73 3.93 -24.37
N LEU A 189 -14.88 3.98 -25.70
CA LEU A 189 -13.81 4.40 -26.62
C LEU A 189 -14.15 5.68 -27.38
N GLY A 190 -13.22 6.13 -28.23
CA GLY A 190 -13.38 7.34 -29.04
C GLY A 190 -13.04 8.59 -28.27
N GLU A 191 -13.83 9.65 -28.49
CA GLU A 191 -13.63 10.94 -27.83
C GLU A 191 -13.88 10.89 -26.32
N HIS A 192 -12.99 11.55 -25.52
CA HIS A 192 -13.23 11.76 -24.11
C HIS A 192 -14.15 13.00 -24.15
N GLY A 193 -15.42 12.74 -24.36
CA GLY A 193 -16.44 13.75 -24.56
C GLY A 193 -17.75 13.15 -25.06
N ASP A 194 -18.63 14.00 -25.64
CA ASP A 194 -19.98 13.66 -26.07
C ASP A 194 -20.11 12.56 -27.11
N SER A 195 -19.08 12.37 -27.98
CA SER A 195 -19.15 11.35 -29.03
C SER A 195 -18.49 10.02 -28.64
N SER A 196 -18.22 9.83 -27.33
CA SER A 196 -17.65 8.56 -26.84
C SER A 196 -18.55 7.38 -27.22
N VAL A 197 -17.94 6.21 -27.34
CA VAL A 197 -18.60 4.99 -27.80
C VAL A 197 -18.65 3.89 -26.73
N PRO A 198 -19.85 3.50 -26.23
CA PRO A 198 -19.93 2.35 -25.30
C PRO A 198 -19.87 1.05 -26.14
N VAL A 199 -18.90 0.16 -25.85
CA VAL A 199 -18.74 -1.09 -26.62
C VAL A 199 -19.51 -2.17 -25.88
N TRP A 200 -20.83 -2.19 -26.11
CA TRP A 200 -21.77 -3.14 -25.50
C TRP A 200 -21.45 -4.59 -25.77
N SER A 201 -20.82 -4.85 -26.93
CA SER A 201 -20.41 -6.18 -27.35
C SER A 201 -19.35 -6.79 -26.40
N GLY A 202 -18.53 -5.96 -25.76
CA GLY A 202 -17.52 -6.43 -24.82
C GLY A 202 -17.91 -6.35 -23.35
N VAL A 203 -19.10 -5.79 -23.05
CA VAL A 203 -19.57 -5.62 -21.69
C VAL A 203 -19.83 -6.96 -21.00
N ASN A 204 -19.10 -7.25 -19.90
CA ASN A 204 -19.24 -8.55 -19.26
C ASN A 204 -18.95 -8.60 -17.77
N VAL A 205 -19.48 -9.65 -17.13
CA VAL A 205 -19.22 -10.03 -15.74
C VAL A 205 -18.80 -11.51 -15.78
N ALA A 206 -17.61 -11.81 -15.24
CA ALA A 206 -17.01 -13.16 -15.20
C ALA A 206 -16.92 -13.84 -16.59
N GLY A 207 -16.71 -13.04 -17.63
CA GLY A 207 -16.65 -13.51 -19.00
C GLY A 207 -18.00 -13.68 -19.66
N VAL A 208 -19.09 -13.38 -18.91
CA VAL A 208 -20.46 -13.50 -19.40
C VAL A 208 -20.91 -12.22 -20.10
N SER A 209 -21.03 -12.28 -21.44
CA SER A 209 -21.48 -11.18 -22.29
C SER A 209 -22.89 -10.74 -21.84
N LEU A 210 -23.05 -9.47 -21.44
CA LEU A 210 -24.37 -8.96 -21.01
C LEU A 210 -25.32 -8.92 -22.21
N LYS A 211 -24.75 -8.75 -23.41
CA LYS A 211 -25.50 -8.75 -24.67
C LYS A 211 -26.08 -10.15 -24.92
N SER A 212 -25.40 -11.22 -24.44
CA SER A 212 -25.93 -12.57 -24.60
C SER A 212 -27.21 -12.77 -23.77
N LEU A 213 -27.34 -12.08 -22.62
CA LEU A 213 -28.52 -12.17 -21.75
C LEU A 213 -29.58 -11.10 -22.06
N ASN A 214 -29.22 -10.11 -22.89
CA ASN A 214 -30.09 -9.01 -23.34
C ASN A 214 -29.57 -8.57 -24.72
N PRO A 215 -30.02 -9.24 -25.81
CA PRO A 215 -29.52 -8.88 -27.17
C PRO A 215 -29.70 -7.42 -27.58
N GLN A 216 -30.68 -6.73 -26.99
CA GLN A 216 -30.98 -5.34 -27.30
C GLN A 216 -30.13 -4.37 -26.45
N LEU A 217 -29.23 -4.90 -25.59
CA LEU A 217 -28.35 -4.11 -24.72
C LEU A 217 -27.76 -2.84 -25.39
N GLY A 218 -28.00 -1.69 -24.78
CA GLY A 218 -27.47 -0.40 -25.24
C GLY A 218 -28.22 0.29 -26.36
N THR A 219 -29.19 -0.39 -26.99
CA THR A 219 -29.98 0.20 -28.09
C THR A 219 -31.22 0.88 -27.53
N ASP A 220 -31.97 1.58 -28.39
CA ASP A 220 -33.21 2.25 -28.04
C ASP A 220 -34.28 1.27 -27.60
N ALA A 221 -34.29 0.05 -28.19
CA ALA A 221 -35.27 -0.99 -27.90
C ALA A 221 -34.96 -1.83 -26.62
N ASP A 222 -33.84 -1.53 -25.93
CA ASP A 222 -33.43 -2.21 -24.68
C ASP A 222 -34.44 -1.87 -23.58
N LYS A 223 -35.23 -2.88 -23.16
CA LYS A 223 -36.28 -2.76 -22.15
C LYS A 223 -35.77 -2.22 -20.81
N GLU A 224 -34.46 -2.39 -20.55
CA GLU A 224 -33.81 -1.90 -19.32
C GLU A 224 -33.04 -0.58 -19.53
N GLN A 225 -33.09 -0.03 -20.77
CA GLN A 225 -32.45 1.21 -21.22
C GLN A 225 -31.01 1.44 -20.69
N TRP A 226 -30.09 0.45 -20.91
CA TRP A 226 -28.68 0.55 -20.50
C TRP A 226 -27.92 1.66 -21.20
N LYS A 227 -28.47 2.20 -22.32
CA LYS A 227 -27.91 3.35 -23.03
C LYS A 227 -27.81 4.54 -22.04
N ASP A 228 -28.72 4.58 -21.02
CA ASP A 228 -28.72 5.63 -19.99
C ASP A 228 -27.44 5.62 -19.14
N VAL A 229 -26.78 4.44 -19.02
CA VAL A 229 -25.52 4.34 -18.29
C VAL A 229 -24.45 5.12 -19.07
N HIS A 230 -24.40 4.93 -20.40
CA HIS A 230 -23.47 5.69 -21.24
C HIS A 230 -23.87 7.17 -21.23
N LYS A 231 -25.19 7.46 -21.23
CA LYS A 231 -25.68 8.85 -21.15
C LYS A 231 -25.14 9.49 -19.84
N GLN A 232 -25.20 8.74 -18.73
CA GLN A 232 -24.66 9.18 -17.44
C GLN A 232 -23.13 9.40 -17.55
N VAL A 233 -22.40 8.52 -18.26
CA VAL A 233 -20.93 8.67 -18.50
C VAL A 233 -20.65 9.99 -19.26
N VAL A 234 -21.40 10.25 -20.33
CA VAL A 234 -21.26 11.47 -21.13
C VAL A 234 -21.51 12.75 -20.29
N ASP A 235 -22.64 12.77 -19.56
CA ASP A 235 -23.14 13.87 -18.72
C ASP A 235 -22.38 14.10 -17.43
N SER A 236 -21.63 13.08 -16.95
CA SER A 236 -20.90 13.11 -15.69
C SER A 236 -20.13 14.41 -15.39
N ALA A 237 -19.17 14.81 -16.25
CA ALA A 237 -18.42 16.04 -16.04
C ALA A 237 -19.30 17.28 -15.98
N TYR A 238 -20.32 17.37 -16.83
CA TYR A 238 -21.23 18.51 -16.87
C TYR A 238 -21.97 18.60 -15.54
N GLU A 239 -22.48 17.45 -15.06
CA GLU A 239 -23.17 17.31 -13.78
C GLU A 239 -22.26 17.70 -12.58
N VAL A 240 -21.02 17.20 -12.54
CA VAL A 240 -20.07 17.48 -11.46
C VAL A 240 -19.68 18.97 -11.46
N ILE A 241 -19.44 19.52 -12.66
CA ILE A 241 -19.13 20.95 -12.83
C ILE A 241 -20.26 21.81 -12.28
N LYS A 242 -21.51 21.47 -12.63
CA LYS A 242 -22.68 22.21 -12.18
C LYS A 242 -22.77 22.22 -10.63
N LEU A 243 -22.54 21.07 -10.00
CA LEU A 243 -22.63 20.89 -8.56
C LEU A 243 -21.49 21.49 -7.75
N LYS A 244 -20.24 21.21 -8.16
CA LYS A 244 -19.05 21.66 -7.41
C LYS A 244 -18.12 22.61 -8.15
N GLY A 245 -18.43 22.95 -9.41
CA GLY A 245 -17.64 23.94 -10.13
C GLY A 245 -16.58 23.42 -11.09
N TYR A 246 -16.12 22.17 -10.89
CA TYR A 246 -15.08 21.54 -11.72
C TYR A 246 -15.05 20.08 -11.33
N THR A 247 -14.22 19.29 -12.00
CA THR A 247 -13.98 17.90 -11.60
C THR A 247 -12.49 17.80 -11.27
N SER A 248 -12.13 16.96 -10.30
CA SER A 248 -10.72 16.81 -9.92
C SER A 248 -10.36 15.42 -9.42
N TRP A 249 -11.08 14.89 -8.45
CA TRP A 249 -10.74 13.64 -7.79
C TRP A 249 -10.68 12.40 -8.68
N ALA A 250 -11.73 12.14 -9.44
CA ALA A 250 -11.79 10.96 -10.32
C ALA A 250 -10.70 11.02 -11.44
N ILE A 251 -10.45 12.22 -11.98
CA ILE A 251 -9.43 12.40 -13.01
C ILE A 251 -8.02 12.21 -12.42
N GLY A 252 -7.78 12.73 -11.22
CA GLY A 252 -6.50 12.54 -10.55
C GLY A 252 -6.21 11.07 -10.32
N LEU A 253 -7.24 10.31 -9.91
CA LEU A 253 -7.10 8.86 -9.70
C LEU A 253 -6.89 8.12 -11.04
N SER A 254 -7.58 8.56 -12.09
CA SER A 254 -7.43 7.92 -13.42
C SER A 254 -6.00 8.17 -13.98
N VAL A 255 -5.49 9.39 -13.78
CA VAL A 255 -4.15 9.78 -14.23
C VAL A 255 -3.08 9.03 -13.43
N ALA A 256 -3.27 8.91 -12.10
CA ALA A 256 -2.32 8.14 -11.28
C ALA A 256 -2.31 6.66 -11.69
N ASP A 257 -3.46 6.14 -12.18
CA ASP A 257 -3.62 4.76 -12.67
C ASP A 257 -2.73 4.59 -13.91
N LEU A 258 -2.76 5.58 -14.84
CA LEU A 258 -1.90 5.53 -16.04
C LEU A 258 -0.45 5.71 -15.67
N ALA A 259 -0.17 6.60 -14.70
CA ALA A 259 1.20 6.86 -14.27
C ALA A 259 1.80 5.56 -13.64
N GLU A 260 0.97 4.80 -12.91
CA GLU A 260 1.43 3.53 -12.32
C GLU A 260 1.83 2.53 -13.40
N SER A 261 1.00 2.38 -14.45
CA SER A 261 1.27 1.45 -15.55
C SER A 261 2.56 1.82 -16.28
N ILE A 262 2.78 3.12 -16.50
CA ILE A 262 3.98 3.63 -17.15
C ILE A 262 5.21 3.41 -16.27
N MET A 263 5.17 3.92 -15.03
CA MET A 263 6.30 3.88 -14.10
C MET A 263 6.70 2.47 -13.70
N LYS A 264 5.75 1.54 -13.56
CA LYS A 264 6.03 0.15 -13.13
C LYS A 264 6.07 -0.83 -14.30
N ASN A 265 5.99 -0.30 -15.56
CA ASN A 265 6.03 -1.06 -16.82
C ASN A 265 5.04 -2.22 -16.81
N LEU A 266 3.81 -1.97 -16.32
CA LEU A 266 2.83 -3.04 -16.13
C LEU A 266 2.35 -3.75 -17.37
N ARG A 267 2.25 -3.04 -18.49
CA ARG A 267 1.67 -3.58 -19.74
C ARG A 267 0.22 -3.99 -19.51
N ARG A 268 -0.49 -3.15 -18.75
CA ARG A 268 -1.92 -3.29 -18.56
C ARG A 268 -2.56 -2.61 -19.79
N VAL A 269 -3.81 -2.94 -20.05
CA VAL A 269 -4.58 -2.39 -21.16
C VAL A 269 -5.44 -1.23 -20.66
N HIS A 270 -5.31 -0.05 -21.30
CA HIS A 270 -6.14 1.12 -20.95
C HIS A 270 -6.77 1.77 -22.18
N PRO A 271 -8.02 2.30 -22.08
CA PRO A 271 -8.63 3.00 -23.23
C PRO A 271 -8.13 4.45 -23.17
N ILE A 272 -7.05 4.71 -23.90
CA ILE A 272 -6.36 5.99 -23.85
C ILE A 272 -6.14 6.53 -25.22
N SER A 273 -5.94 7.86 -25.34
CA SER A 273 -5.80 8.51 -26.64
CA SER A 273 -5.78 8.54 -26.63
C SER A 273 -4.47 8.22 -27.33
N THR A 274 -4.56 7.75 -28.58
CA THR A 274 -3.41 7.42 -29.43
C THR A 274 -3.74 7.67 -30.87
N MET A 275 -2.71 7.75 -31.72
CA MET A 275 -2.88 7.96 -33.15
C MET A 275 -3.57 6.73 -33.76
N ILE A 276 -4.80 6.90 -34.26
CA ILE A 276 -5.59 5.78 -34.80
C ILE A 276 -5.61 5.63 -36.31
N LYS A 277 -4.83 6.45 -37.04
CA LYS A 277 -4.75 6.41 -38.52
C LYS A 277 -4.40 5.00 -38.98
N GLY A 278 -5.21 4.49 -39.91
CA GLY A 278 -5.04 3.15 -40.48
C GLY A 278 -5.67 2.03 -39.68
N LEU A 279 -6.07 2.30 -38.43
CA LEU A 279 -6.72 1.31 -37.57
C LEU A 279 -8.18 1.68 -37.37
N TYR A 280 -9.02 0.66 -37.16
CA TYR A 280 -10.47 0.77 -36.94
C TYR A 280 -11.25 1.41 -38.11
N GLY A 281 -10.60 1.51 -39.28
CA GLY A 281 -11.18 2.08 -40.50
C GLY A 281 -11.10 3.59 -40.68
N ILE A 282 -10.15 4.27 -39.99
CA ILE A 282 -9.96 5.74 -40.06
C ILE A 282 -8.70 6.11 -40.87
N LYS A 283 -8.85 7.01 -41.87
CA LYS A 283 -7.76 7.44 -42.77
C LYS A 283 -6.97 8.71 -42.37
N GLU A 284 -7.49 9.53 -41.43
CA GLU A 284 -6.82 10.77 -41.00
C GLU A 284 -5.97 10.61 -39.72
N ASP A 285 -5.02 11.57 -39.48
CA ASP A 285 -4.12 11.64 -38.32
C ASP A 285 -4.90 12.09 -37.04
N VAL A 286 -5.94 11.33 -36.70
CA VAL A 286 -6.83 11.55 -35.54
C VAL A 286 -6.30 10.77 -34.32
N PHE A 287 -6.39 11.34 -33.11
CA PHE A 287 -6.08 10.65 -31.86
C PHE A 287 -7.40 10.46 -31.16
N LEU A 288 -7.65 9.27 -30.64
CA LEU A 288 -8.83 8.94 -29.83
C LEU A 288 -8.51 7.70 -29.04
N SER A 289 -9.37 7.35 -28.09
CA SER A 289 -9.12 6.19 -27.26
C SER A 289 -9.52 4.89 -27.89
N VAL A 290 -8.59 3.94 -27.83
CA VAL A 290 -8.75 2.53 -28.18
C VAL A 290 -7.99 1.81 -27.05
N PRO A 291 -8.23 0.50 -26.78
CA PRO A 291 -7.48 -0.19 -25.72
C PRO A 291 -6.02 -0.36 -26.12
N CYS A 292 -5.10 0.23 -25.33
CA CYS A 292 -3.66 0.24 -25.55
C CYS A 292 -2.93 -0.50 -24.44
N ILE A 293 -1.81 -1.12 -24.79
CA ILE A 293 -0.92 -1.73 -23.81
C ILE A 293 0.04 -0.60 -23.41
N LEU A 294 0.03 -0.27 -22.14
CA LEU A 294 0.81 0.82 -21.57
C LEU A 294 1.91 0.34 -20.61
N GLY A 295 3.13 0.78 -20.87
CA GLY A 295 4.30 0.45 -20.06
C GLY A 295 5.36 1.54 -20.03
N GLN A 296 6.62 1.15 -19.71
CA GLN A 296 7.77 2.06 -19.60
C GLN A 296 8.07 2.86 -20.86
N ASN A 297 7.67 2.35 -22.03
CA ASN A 297 7.92 3.10 -23.27
C ASN A 297 6.64 3.73 -23.82
N GLY A 298 5.63 3.91 -22.96
CA GLY A 298 4.33 4.44 -23.35
C GLY A 298 3.49 3.38 -24.04
N ILE A 299 2.78 3.75 -25.14
CA ILE A 299 1.94 2.82 -25.88
C ILE A 299 2.77 1.98 -26.87
N SER A 300 2.95 0.71 -26.57
CA SER A 300 3.73 -0.19 -27.40
C SER A 300 2.86 -0.96 -28.36
N ASP A 301 1.60 -1.18 -27.99
CA ASP A 301 0.68 -2.00 -28.78
C ASP A 301 -0.74 -1.51 -28.60
N VAL A 302 -1.59 -1.81 -29.59
CA VAL A 302 -3.02 -1.48 -29.62
C VAL A 302 -3.82 -2.77 -29.78
N VAL A 303 -4.86 -2.96 -28.92
CA VAL A 303 -5.74 -4.13 -29.02
C VAL A 303 -6.76 -3.82 -30.12
N LYS A 304 -6.96 -4.74 -31.06
CA LYS A 304 -7.92 -4.57 -32.15
C LYS A 304 -9.26 -5.14 -31.69
N VAL A 305 -10.14 -4.25 -31.19
CA VAL A 305 -11.47 -4.62 -30.70
C VAL A 305 -12.38 -4.91 -31.87
N THR A 306 -13.10 -6.03 -31.76
CA THR A 306 -14.11 -6.49 -32.70
C THR A 306 -15.37 -5.65 -32.42
N LEU A 307 -15.59 -4.62 -33.22
CA LEU A 307 -16.74 -3.72 -33.03
C LEU A 307 -17.88 -4.16 -33.93
N THR A 308 -19.13 -4.10 -33.42
CA THR A 308 -20.33 -4.39 -34.21
C THR A 308 -20.48 -3.28 -35.27
N PRO A 309 -21.27 -3.44 -36.36
CA PRO A 309 -21.39 -2.33 -37.33
C PRO A 309 -21.84 -0.99 -36.73
N ASP A 310 -22.77 -1.03 -35.74
CA ASP A 310 -23.26 0.14 -34.98
C ASP A 310 -22.09 0.81 -34.25
N GLU A 311 -21.30 0.01 -33.48
CA GLU A 311 -20.16 0.47 -32.70
C GLU A 311 -19.09 1.08 -33.60
N GLU A 312 -18.81 0.42 -34.74
CA GLU A 312 -17.84 0.91 -35.71
C GLU A 312 -18.28 2.27 -36.29
N ALA A 313 -19.59 2.41 -36.62
CA ALA A 313 -20.13 3.66 -37.17
C ALA A 313 -19.98 4.79 -36.16
N ARG A 314 -20.30 4.52 -34.89
CA ARG A 314 -20.18 5.50 -33.80
C ARG A 314 -18.72 5.92 -33.61
N LEU A 315 -17.77 4.97 -33.68
CA LEU A 315 -16.35 5.31 -33.55
C LEU A 315 -15.84 6.18 -34.72
N LYS A 316 -16.32 5.90 -35.94
CA LYS A 316 -16.02 6.66 -37.16
C LYS A 316 -16.56 8.08 -37.03
N LYS A 317 -17.80 8.22 -36.47
CA LYS A 317 -18.49 9.48 -36.21
C LYS A 317 -17.69 10.30 -35.20
N SER A 318 -17.16 9.64 -34.13
CA SER A 318 -16.33 10.28 -33.10
C SER A 318 -15.05 10.83 -33.75
N ALA A 319 -14.40 10.02 -34.63
CA ALA A 319 -13.18 10.38 -35.37
C ALA A 319 -13.47 11.58 -36.28
N ASP A 320 -14.62 11.55 -36.98
CA ASP A 320 -15.03 12.65 -37.88
C ASP A 320 -15.21 13.98 -37.14
N THR A 321 -15.91 13.93 -35.97
CA THR A 321 -16.14 15.08 -35.08
C THR A 321 -14.80 15.70 -34.67
N LEU A 322 -13.83 14.88 -34.22
CA LEU A 322 -12.52 15.38 -33.81
C LEU A 322 -11.72 15.93 -34.98
N TRP A 323 -11.71 15.22 -36.12
CA TRP A 323 -10.98 15.67 -37.31
C TRP A 323 -11.50 17.01 -37.83
N GLY A 324 -12.82 17.21 -37.76
CA GLY A 324 -13.49 18.44 -38.18
C GLY A 324 -12.98 19.66 -37.45
N ILE A 325 -12.83 19.55 -36.11
CA ILE A 325 -12.31 20.62 -35.23
C ILE A 325 -10.83 20.85 -35.52
N GLN A 326 -10.04 19.78 -35.45
CA GLN A 326 -8.59 19.75 -35.64
C GLN A 326 -8.14 20.40 -36.94
N LYS A 327 -8.93 20.17 -38.01
CA LYS A 327 -8.73 20.63 -39.37
C LYS A 327 -8.58 22.16 -39.43
N GLU A 328 -9.55 22.89 -38.84
CA GLU A 328 -9.64 24.35 -38.82
C GLU A 328 -8.80 25.04 -37.73
N LEU A 329 -7.78 24.34 -37.18
CA LEU A 329 -6.90 24.83 -36.11
C LEU A 329 -5.54 25.31 -36.61
N GLN A 330 -5.02 26.42 -36.01
CA GLN A 330 -3.74 27.02 -36.36
C GLN A 330 -2.64 26.78 -35.33
N PHE A 331 -1.50 26.18 -35.79
CA PHE A 331 -0.26 25.89 -35.05
C PHE A 331 0.80 25.33 -36.01
C ALA B 1 -35.81 -10.10 -16.18
N ALA B 2 -35.21 -9.45 -15.16
CA ALA B 2 -34.19 -8.43 -15.36
C ALA B 2 -32.83 -9.07 -15.66
N LEU B 3 -31.95 -8.32 -16.35
CA LEU B 3 -30.58 -8.71 -16.71
C LEU B 3 -29.77 -9.17 -15.46
N LYS B 4 -29.89 -8.42 -14.33
CA LYS B 4 -29.23 -8.76 -13.07
C LYS B 4 -29.62 -10.16 -12.60
N ASP B 5 -30.93 -10.50 -12.63
CA ASP B 5 -31.43 -11.81 -12.19
C ASP B 5 -31.04 -12.96 -13.10
N GLN B 6 -30.88 -12.68 -14.40
CA GLN B 6 -30.42 -13.65 -15.39
C GLN B 6 -28.95 -14.00 -15.17
N LEU B 7 -28.15 -12.99 -14.78
CA LEU B 7 -26.70 -13.09 -14.57
C LEU B 7 -26.31 -13.56 -13.16
N ILE B 8 -27.06 -13.14 -12.11
CA ILE B 8 -26.74 -13.39 -10.71
C ILE B 8 -27.83 -14.07 -9.91
N VAL B 9 -27.50 -15.16 -9.17
CA VAL B 9 -28.45 -15.82 -8.26
C VAL B 9 -28.19 -15.21 -6.90
N ASN B 10 -29.21 -14.65 -6.28
CA ASN B 10 -29.05 -14.12 -4.95
C ASN B 10 -29.23 -15.25 -3.95
N LEU B 11 -28.31 -15.35 -3.00
CA LEU B 11 -28.34 -16.44 -2.02
C LEU B 11 -28.50 -15.94 -0.60
N LEU B 12 -28.37 -14.62 -0.42
CA LEU B 12 -28.39 -13.90 0.85
C LEU B 12 -28.85 -12.43 0.58
N LYS B 13 -29.70 -11.76 1.39
CA LYS B 13 -30.33 -11.85 2.73
C LYS B 13 -29.89 -10.60 3.54
N GLU B 14 -29.39 -9.58 2.80
CA GLU B 14 -28.93 -8.25 3.25
C GLU B 14 -28.05 -8.21 4.52
N GLU B 15 -28.49 -7.46 5.56
CA GLU B 15 -27.80 -7.25 6.86
C GLU B 15 -26.55 -6.38 6.75
N GLN B 16 -26.46 -5.55 5.70
CA GLN B 16 -25.32 -4.68 5.43
C GLN B 16 -25.06 -3.61 6.53
N VAL B 17 -24.28 -3.99 7.56
CA VAL B 17 -23.86 -3.08 8.64
C VAL B 17 -22.35 -2.76 8.46
N PRO B 18 -21.97 -1.47 8.23
CA PRO B 18 -20.55 -1.16 8.02
C PRO B 18 -19.70 -1.47 9.25
N GLN B 19 -18.53 -2.05 9.02
CA GLN B 19 -17.63 -2.49 10.08
C GLN B 19 -16.46 -1.57 10.36
N ASN B 20 -16.10 -0.71 9.40
CA ASN B 20 -14.97 0.20 9.54
C ASN B 20 -15.35 1.54 8.88
N LYS B 21 -16.48 2.10 9.29
CA LYS B 21 -16.99 3.33 8.70
C LYS B 21 -16.36 4.60 9.22
N ILE B 22 -16.08 5.53 8.32
CA ILE B 22 -15.56 6.85 8.66
C ILE B 22 -16.51 7.91 8.08
N THR B 23 -16.74 8.97 8.86
CA THR B 23 -17.49 10.14 8.43
C THR B 23 -16.58 11.34 8.43
N VAL B 24 -16.75 12.18 7.41
CA VAL B 24 -16.04 13.46 7.32
C VAL B 24 -17.12 14.53 7.29
N VAL B 25 -17.16 15.38 8.34
CA VAL B 25 -18.11 16.49 8.40
C VAL B 25 -17.41 17.73 7.83
N GLY B 26 -17.96 18.25 6.74
CA GLY B 26 -17.40 19.40 6.04
C GLY B 26 -16.71 18.98 4.77
N VAL B 27 -17.13 19.57 3.63
CA VAL B 27 -16.56 19.25 2.32
C VAL B 27 -15.80 20.42 1.69
N GLY B 28 -15.25 21.30 2.54
CA GLY B 28 -14.36 22.36 2.12
C GLY B 28 -13.04 21.72 1.73
N ALA B 29 -11.99 22.50 1.47
CA ALA B 29 -10.69 21.92 1.06
C ALA B 29 -10.07 20.99 2.11
N VAL B 30 -10.22 21.30 3.41
CA VAL B 30 -9.68 20.41 4.45
C VAL B 30 -10.41 19.08 4.47
N GLY B 31 -11.75 19.13 4.49
CA GLY B 31 -12.59 17.94 4.53
C GLY B 31 -12.33 17.04 3.35
N MET B 32 -12.19 17.63 2.13
CA MET B 32 -11.93 16.79 0.95
C MET B 32 -10.51 16.23 0.93
N ALA B 33 -9.51 16.97 1.47
CA ALA B 33 -8.13 16.45 1.53
C ALA B 33 -8.11 15.27 2.53
N CYS B 34 -8.88 15.35 3.65
CA CYS B 34 -9.04 14.24 4.60
C CYS B 34 -9.67 13.04 3.91
N ALA B 35 -10.75 13.27 3.11
CA ALA B 35 -11.48 12.22 2.40
C ALA B 35 -10.59 11.50 1.39
N ILE B 36 -9.89 12.23 0.53
CA ILE B 36 -9.04 11.59 -0.48
C ILE B 36 -7.88 10.81 0.16
N SER B 37 -7.32 11.34 1.26
CA SER B 37 -6.20 10.68 1.96
C SER B 37 -6.66 9.38 2.63
N ILE B 38 -7.87 9.40 3.24
CA ILE B 38 -8.45 8.23 3.89
C ILE B 38 -8.75 7.15 2.83
N LEU B 39 -9.36 7.56 1.73
CA LEU B 39 -9.65 6.65 0.63
C LEU B 39 -8.38 6.01 0.07
N MET B 40 -7.33 6.82 -0.12
CA MET B 40 -6.10 6.27 -0.68
C MET B 40 -5.26 5.43 0.26
N LYS B 41 -5.61 5.44 1.57
CA LYS B 41 -4.93 4.61 2.57
C LYS B 41 -5.75 3.38 2.92
N ASP B 42 -6.89 3.17 2.25
CA ASP B 42 -7.76 2.02 2.46
C ASP B 42 -8.14 1.79 3.94
N LEU B 43 -8.49 2.86 4.63
CA LEU B 43 -8.81 2.73 6.06
C LEU B 43 -10.23 2.36 6.36
N ALA B 44 -11.15 2.65 5.42
CA ALA B 44 -12.58 2.46 5.63
C ALA B 44 -13.26 1.53 4.64
N ASP B 45 -14.39 0.89 5.08
CA ASP B 45 -15.21 0.07 4.17
C ASP B 45 -16.41 0.92 3.71
N GLU B 46 -16.63 2.06 4.40
CA GLU B 46 -17.68 3.00 4.02
C GLU B 46 -17.23 4.43 4.36
N LEU B 47 -17.47 5.38 3.45
CA LEU B 47 -17.15 6.80 3.69
C LEU B 47 -18.40 7.63 3.54
N ALA B 48 -18.74 8.39 4.60
CA ALA B 48 -19.88 9.30 4.61
C ALA B 48 -19.39 10.75 4.69
N LEU B 49 -19.98 11.62 3.87
CA LEU B 49 -19.69 13.05 3.86
C LEU B 49 -20.93 13.81 4.32
N VAL B 50 -20.74 14.87 5.15
CA VAL B 50 -21.83 15.73 5.62
C VAL B 50 -21.43 17.20 5.40
N ASP B 51 -22.37 18.00 4.92
CA ASP B 51 -22.22 19.44 4.77
C ASP B 51 -23.63 20.10 4.72
N VAL B 52 -23.67 21.43 4.61
CA VAL B 52 -24.92 22.20 4.57
C VAL B 52 -25.22 22.72 3.16
N ILE B 53 -24.21 22.68 2.26
CA ILE B 53 -24.38 23.15 0.89
C ILE B 53 -24.67 21.90 0.05
N GLU B 54 -25.93 21.66 -0.29
CA GLU B 54 -26.38 20.47 -1.01
C GLU B 54 -25.70 20.12 -2.34
N ASP B 55 -25.53 21.11 -3.21
CA ASP B 55 -24.94 20.90 -4.53
C ASP B 55 -23.48 20.53 -4.40
N LYS B 56 -22.69 21.35 -3.64
CA LYS B 56 -21.27 21.16 -3.38
C LYS B 56 -21.02 19.76 -2.80
N LEU B 57 -21.84 19.34 -1.82
CA LEU B 57 -21.76 18.04 -1.16
C LEU B 57 -21.99 16.89 -2.17
N LYS B 58 -23.04 17.01 -3.00
CA LYS B 58 -23.37 15.99 -4.00
C LYS B 58 -22.29 15.88 -5.08
N GLY B 59 -21.80 17.01 -5.56
CA GLY B 59 -20.75 17.06 -6.57
C GLY B 59 -19.45 16.45 -6.08
N GLU B 60 -19.09 16.70 -4.82
CA GLU B 60 -17.88 16.12 -4.20
C GLU B 60 -18.03 14.59 -4.04
N MET B 61 -19.20 14.15 -3.58
CA MET B 61 -19.52 12.73 -3.43
C MET B 61 -19.39 12.03 -4.76
N MET B 62 -20.02 12.59 -5.82
CA MET B 62 -20.01 12.00 -7.15
C MET B 62 -18.60 11.90 -7.70
N ASP B 63 -17.80 12.97 -7.53
CA ASP B 63 -16.41 13.00 -8.03
C ASP B 63 -15.57 11.92 -7.34
N LEU B 64 -15.79 11.68 -6.04
CA LEU B 64 -15.08 10.57 -5.36
C LEU B 64 -15.61 9.21 -5.89
N GLN B 65 -16.94 9.09 -6.03
CA GLN B 65 -17.57 7.86 -6.54
C GLN B 65 -17.03 7.43 -7.90
N HIS B 66 -16.81 8.39 -8.81
CA HIS B 66 -16.32 8.11 -10.18
C HIS B 66 -14.91 7.52 -10.18
N GLY B 67 -14.16 7.70 -9.09
CA GLY B 67 -12.84 7.12 -8.91
C GLY B 67 -12.83 5.76 -8.21
N SER B 68 -14.02 5.16 -7.94
CA SER B 68 -14.18 3.85 -7.23
C SER B 68 -13.38 2.68 -7.77
N LEU B 69 -13.24 2.59 -9.10
CA LEU B 69 -12.47 1.52 -9.77
C LEU B 69 -11.02 1.52 -9.26
N PHE B 70 -10.51 2.70 -8.91
CA PHE B 70 -9.13 2.89 -8.46
C PHE B 70 -8.97 2.79 -6.94
N LEU B 71 -10.08 2.55 -6.26
CA LEU B 71 -10.11 2.51 -4.79
C LEU B 71 -10.53 1.13 -4.23
N LYS B 72 -10.55 1.01 -2.90
CA LYS B 72 -10.95 -0.19 -2.15
C LYS B 72 -11.94 0.16 -1.03
N THR B 73 -12.78 1.19 -1.25
CA THR B 73 -13.81 1.65 -0.30
C THR B 73 -15.09 1.58 -1.13
N PRO B 74 -15.84 0.45 -0.98
CA PRO B 74 -16.98 0.19 -1.88
C PRO B 74 -18.27 0.98 -1.65
N LYS B 75 -18.35 1.80 -0.60
CA LYS B 75 -19.53 2.62 -0.35
C LYS B 75 -19.15 4.05 0.05
N ILE B 76 -19.50 5.02 -0.81
CA ILE B 76 -19.24 6.45 -0.60
C ILE B 76 -20.62 7.09 -0.64
N VAL B 77 -21.01 7.71 0.48
CA VAL B 77 -22.35 8.29 0.62
C VAL B 77 -22.26 9.71 1.15
N SER B 78 -23.34 10.47 0.98
CA SER B 78 -23.45 11.82 1.49
C SER B 78 -24.89 12.23 1.73
N SER B 79 -25.06 13.22 2.60
CA SER B 79 -26.35 13.81 2.97
C SER B 79 -26.13 14.96 3.95
N LYS B 80 -27.07 15.89 3.95
CA LYS B 80 -27.08 16.97 4.94
C LYS B 80 -27.68 16.39 6.26
N ASP B 81 -28.36 15.20 6.16
CA ASP B 81 -29.00 14.48 7.26
CA ASP B 81 -28.98 14.51 7.28
C ASP B 81 -27.97 13.54 7.91
N TYR B 82 -27.74 13.67 9.24
CA TYR B 82 -26.79 12.86 9.99
C TYR B 82 -27.09 11.39 10.07
N SER B 83 -28.32 10.95 9.69
CA SER B 83 -28.63 9.52 9.66
C SER B 83 -27.65 8.81 8.69
N VAL B 84 -27.10 9.51 7.69
CA VAL B 84 -26.11 8.96 6.73
C VAL B 84 -24.79 8.53 7.45
N THR B 85 -24.50 9.11 8.64
CA THR B 85 -23.27 8.85 9.40
C THR B 85 -23.42 7.64 10.34
N ALA B 86 -24.60 7.01 10.36
CA ALA B 86 -24.89 5.90 11.28
C ALA B 86 -23.84 4.80 11.27
N ASN B 87 -23.42 4.39 12.48
CA ASN B 87 -22.45 3.30 12.68
C ASN B 87 -21.03 3.62 12.24
N SER B 88 -20.60 4.87 12.42
CA SER B 88 -19.24 5.27 12.12
C SER B 88 -18.31 4.84 13.29
N LYS B 89 -17.09 4.45 12.98
CA LYS B 89 -16.12 4.14 14.03
C LYS B 89 -15.35 5.42 14.33
N LEU B 90 -15.34 6.36 13.36
CA LEU B 90 -14.64 7.61 13.47
C LEU B 90 -15.37 8.72 12.73
N VAL B 91 -15.53 9.85 13.41
CA VAL B 91 -16.19 11.00 12.82
C VAL B 91 -15.22 12.14 12.89
N ILE B 92 -14.82 12.65 11.72
CA ILE B 92 -13.86 13.73 11.56
C ILE B 92 -14.61 15.05 11.30
N ILE B 93 -14.39 16.06 12.18
CA ILE B 93 -15.09 17.35 12.08
C ILE B 93 -14.16 18.39 11.54
N THR B 94 -14.48 18.92 10.36
CA THR B 94 -13.65 19.94 9.72
C THR B 94 -14.47 21.22 9.44
N ALA B 95 -15.77 21.22 9.80
CA ALA B 95 -16.67 22.34 9.53
C ALA B 95 -16.29 23.61 10.33
N GLY B 96 -16.65 24.76 9.77
CA GLY B 96 -16.46 26.03 10.44
C GLY B 96 -15.70 27.08 9.67
N ALA B 97 -15.63 28.26 10.27
CA ALA B 97 -14.90 29.39 9.73
C ALA B 97 -13.40 29.08 9.81
N ARG B 98 -12.64 29.60 8.86
CA ARG B 98 -11.20 29.44 8.82
C ARG B 98 -10.59 30.83 9.01
N GLN B 99 -9.38 30.89 9.58
CA GLN B 99 -8.73 32.17 9.84
C GLN B 99 -8.21 32.85 8.60
N GLN B 100 -8.36 34.18 8.57
CA GLN B 100 -7.84 35.06 7.53
C GLN B 100 -6.40 35.39 7.90
N GLU B 101 -5.63 35.98 6.95
CA GLU B 101 -4.26 36.43 7.21
C GLU B 101 -4.34 37.50 8.29
N GLY B 102 -3.49 37.43 9.29
CA GLY B 102 -3.47 38.41 10.37
C GLY B 102 -4.53 38.15 11.44
N GLU B 103 -5.29 37.04 11.30
CA GLU B 103 -6.34 36.64 12.25
C GLU B 103 -5.95 35.39 13.01
N SER B 104 -6.07 35.45 14.35
CA SER B 104 -5.72 34.32 15.19
C SER B 104 -6.79 33.24 15.05
N ARG B 105 -6.37 31.96 15.16
CA ARG B 105 -7.30 30.82 15.16
C ARG B 105 -8.26 31.01 16.38
N LEU B 106 -7.75 31.59 17.47
CA LEU B 106 -8.55 31.86 18.67
C LEU B 106 -9.76 32.81 18.40
N ASN B 107 -9.71 33.61 17.30
CA ASN B 107 -10.79 34.51 16.90
C ASN B 107 -11.98 33.79 16.28
N LEU B 108 -11.82 32.50 15.96
CA LEU B 108 -12.84 31.68 15.33
C LEU B 108 -13.78 31.08 16.35
N VAL B 109 -13.41 31.18 17.62
CA VAL B 109 -14.11 30.54 18.72
C VAL B 109 -15.62 30.69 18.72
N GLN B 110 -16.15 31.92 18.79
CA GLN B 110 -17.61 32.10 18.82
C GLN B 110 -18.36 31.51 17.64
N ARG B 111 -17.86 31.72 16.39
CA ARG B 111 -18.52 31.19 15.19
C ARG B 111 -18.53 29.67 15.18
N ASN B 112 -17.40 29.06 15.55
CA ASN B 112 -17.24 27.60 15.54
C ASN B 112 -17.94 26.85 16.65
N VAL B 113 -18.04 27.44 17.85
CA VAL B 113 -18.80 26.85 18.96
C VAL B 113 -20.29 26.80 18.59
N ASN B 114 -20.84 27.90 18.02
CA ASN B 114 -22.24 27.93 17.61
C ASN B 114 -22.55 26.82 16.59
N ILE B 115 -21.61 26.58 15.64
CA ILE B 115 -21.74 25.51 14.65
C ILE B 115 -21.64 24.13 15.37
N PHE B 116 -20.72 23.99 16.36
CA PHE B 116 -20.54 22.71 17.07
C PHE B 116 -21.76 22.32 17.91
N LYS B 117 -22.52 23.32 18.37
CA LYS B 117 -23.78 23.11 19.12
C LYS B 117 -24.81 22.34 18.29
N PHE B 118 -24.75 22.47 16.94
CA PHE B 118 -25.63 21.72 16.04
C PHE B 118 -24.99 20.40 15.64
N ILE B 119 -23.73 20.42 15.18
CA ILE B 119 -23.04 19.23 14.68
C ILE B 119 -22.86 18.10 15.67
N ILE B 120 -22.29 18.41 16.84
CA ILE B 120 -21.95 17.42 17.88
C ILE B 120 -23.11 16.50 18.31
N PRO B 121 -24.30 17.02 18.74
CA PRO B 121 -25.42 16.13 19.14
C PRO B 121 -25.89 15.24 17.99
N ASN B 122 -25.92 15.79 16.77
CA ASN B 122 -26.32 15.04 15.58
C ASN B 122 -25.33 13.92 15.23
N VAL B 123 -24.02 14.18 15.41
CA VAL B 123 -22.99 13.19 15.15
C VAL B 123 -23.06 12.01 16.12
N VAL B 124 -23.08 12.29 17.44
CA VAL B 124 -23.02 11.26 18.48
C VAL B 124 -24.25 10.36 18.53
N LYS B 125 -25.40 10.91 18.08
CA LYS B 125 -26.73 10.27 18.05
C LYS B 125 -26.74 8.94 17.29
N TYR B 126 -26.05 8.88 16.15
CA TYR B 126 -26.08 7.72 15.26
C TYR B 126 -24.91 6.77 15.33
N SER B 127 -23.86 7.12 16.11
CA SER B 127 -22.64 6.34 16.17
C SER B 127 -22.18 6.05 17.60
N PRO B 128 -22.75 4.97 18.20
CA PRO B 128 -22.36 4.59 19.57
C PRO B 128 -20.88 4.30 19.78
N GLN B 129 -20.24 3.74 18.75
CA GLN B 129 -18.82 3.35 18.82
C GLN B 129 -17.83 4.37 18.29
N CYS B 130 -18.28 5.58 17.88
CA CYS B 130 -17.33 6.51 17.29
C CYS B 130 -16.36 7.17 18.24
N LYS B 131 -15.22 7.55 17.68
CA LYS B 131 -14.26 8.44 18.29
C LYS B 131 -14.53 9.75 17.51
N LEU B 132 -14.44 10.88 18.20
CA LEU B 132 -14.59 12.22 17.63
C LEU B 132 -13.18 12.77 17.38
N LEU B 133 -12.86 13.08 16.11
CA LEU B 133 -11.59 13.68 15.71
C LEU B 133 -11.85 15.11 15.23
N ILE B 134 -11.46 16.09 16.07
CA ILE B 134 -11.70 17.51 15.79
C ILE B 134 -10.54 18.08 15.01
N VAL B 135 -10.86 18.74 13.88
CA VAL B 135 -9.87 19.39 13.00
C VAL B 135 -10.08 20.91 12.97
N SER B 136 -11.37 21.37 13.05
CA SER B 136 -11.78 22.78 13.04
C SER B 136 -11.01 23.56 14.10
N ASN B 137 -10.77 24.85 13.84
CA ASN B 137 -10.01 25.71 14.74
C ASN B 137 -10.82 26.72 15.56
N PRO B 138 -10.36 27.11 16.78
CA PRO B 138 -9.12 26.67 17.48
C PRO B 138 -9.28 25.23 17.99
N VAL B 139 -8.54 24.30 17.40
CA VAL B 139 -8.68 22.85 17.63
C VAL B 139 -8.71 22.38 19.09
N ASP B 140 -7.82 22.95 19.92
CA ASP B 140 -7.74 22.56 21.32
C ASP B 140 -9.00 22.97 22.04
N ILE B 141 -9.41 24.24 21.85
CA ILE B 141 -10.64 24.77 22.46
C ILE B 141 -11.82 23.98 21.93
N LEU B 142 -11.84 23.70 20.59
CA LEU B 142 -12.94 22.94 19.98
C LEU B 142 -13.01 21.49 20.37
N THR B 143 -11.88 20.91 20.82
CA THR B 143 -11.88 19.52 21.32
C THR B 143 -12.54 19.54 22.69
N TYR B 144 -12.23 20.58 23.50
CA TYR B 144 -12.85 20.74 24.83
C TYR B 144 -14.37 20.94 24.65
N VAL B 145 -14.76 21.77 23.67
CA VAL B 145 -16.14 22.05 23.32
C VAL B 145 -16.87 20.76 22.86
N ALA B 146 -16.26 19.99 21.96
CA ALA B 146 -16.85 18.72 21.50
C ALA B 146 -17.02 17.75 22.67
N TRP B 147 -16.05 17.75 23.63
CA TRP B 147 -16.05 16.89 24.80
C TRP B 147 -17.21 17.28 25.76
N LYS B 148 -17.36 18.58 26.03
CA LYS B 148 -18.44 19.10 26.86
C LYS B 148 -19.83 18.88 26.23
N ILE B 149 -19.98 19.15 24.91
CA ILE B 149 -21.27 18.96 24.24
C ILE B 149 -21.66 17.48 24.09
N SER B 150 -20.73 16.65 23.61
CA SER B 150 -21.00 15.22 23.40
C SER B 150 -21.30 14.46 24.68
N GLY B 151 -20.66 14.84 25.78
CA GLY B 151 -20.76 14.09 27.02
C GLY B 151 -19.95 12.80 26.92
N PHE B 152 -19.06 12.70 25.91
CA PHE B 152 -18.22 11.54 25.70
C PHE B 152 -17.06 11.47 26.73
N PRO B 153 -16.51 10.27 27.05
CA PRO B 153 -15.34 10.26 27.95
C PRO B 153 -14.12 10.85 27.19
N LYS B 154 -13.14 11.36 27.92
CA LYS B 154 -11.97 12.01 27.32
C LYS B 154 -11.18 11.20 26.27
N ASN B 155 -11.12 9.87 26.42
CA ASN B 155 -10.40 9.01 25.47
C ASN B 155 -10.99 9.08 24.07
N ARG B 156 -12.30 9.28 23.95
CA ARG B 156 -13.03 9.32 22.68
C ARG B 156 -13.02 10.66 21.92
N VAL B 157 -12.49 11.75 22.52
CA VAL B 157 -12.53 13.11 21.89
C VAL B 157 -11.11 13.55 21.65
N ILE B 158 -10.71 13.57 20.38
CA ILE B 158 -9.33 13.91 20.02
C ILE B 158 -9.30 15.14 19.13
N GLY B 159 -8.27 15.97 19.33
CA GLY B 159 -8.05 17.12 18.45
C GLY B 159 -6.84 16.83 17.60
N SER B 160 -6.89 17.16 16.31
CA SER B 160 -5.75 16.90 15.42
C SER B 160 -4.49 17.60 15.96
N GLY B 161 -4.71 18.60 16.81
CA GLY B 161 -3.70 19.35 17.56
C GLY B 161 -2.38 19.61 16.86
N CYS B 162 -1.29 19.19 17.50
CA CYS B 162 0.08 19.44 17.01
C CYS B 162 0.67 18.33 16.16
N ASN B 163 -0.18 17.40 15.63
CA ASN B 163 0.32 16.32 14.79
C ASN B 163 0.98 16.92 13.54
N LEU B 164 0.33 17.93 12.93
CA LEU B 164 0.84 18.62 11.75
C LEU B 164 2.00 19.57 12.10
N ASP B 165 1.93 20.26 13.24
CA ASP B 165 3.02 21.16 13.68
C ASP B 165 4.30 20.33 13.86
N SER B 166 4.17 19.14 14.48
CA SER B 166 5.33 18.27 14.67
C SER B 166 5.85 17.72 13.35
N ALA B 167 4.94 17.37 12.39
CA ALA B 167 5.32 16.91 11.06
C ALA B 167 6.10 18.02 10.33
N ARG B 168 5.63 19.28 10.44
CA ARG B 168 6.31 20.42 9.82
C ARG B 168 7.70 20.60 10.44
N PHE B 169 7.79 20.51 11.77
CA PHE B 169 9.04 20.61 12.54
C PHE B 169 10.02 19.56 12.03
N ARG B 170 9.56 18.32 11.93
CA ARG B 170 10.41 17.21 11.50
C ARG B 170 10.85 17.36 10.06
N TYR B 171 9.93 17.82 9.17
CA TYR B 171 10.24 18.12 7.78
C TYR B 171 11.36 19.18 7.71
N LEU B 172 11.19 20.32 8.44
CA LEU B 172 12.16 21.42 8.42
C LEU B 172 13.52 21.01 8.99
N MET B 173 13.51 20.22 10.08
CA MET B 173 14.73 19.71 10.71
C MET B 173 15.46 18.80 9.70
N GLY B 174 14.67 17.95 9.04
CA GLY B 174 15.11 17.03 8.01
C GLY B 174 15.82 17.73 6.87
N GLU B 175 15.24 18.87 6.42
CA GLU B 175 15.79 19.70 5.35
C GLU B 175 17.14 20.24 5.73
N ARG B 176 17.28 20.72 6.97
CA ARG B 176 18.56 21.24 7.47
C ARG B 176 19.62 20.17 7.59
N LEU B 177 19.23 18.94 7.95
CA LEU B 177 20.22 17.89 8.20
C LEU B 177 20.48 16.91 7.05
N GLY B 178 19.68 17.00 5.98
CA GLY B 178 19.76 16.08 4.86
C GLY B 178 19.35 14.67 5.29
N VAL B 179 18.28 14.58 6.12
CA VAL B 179 17.77 13.33 6.65
C VAL B 179 16.25 13.31 6.41
N HIS B 180 15.66 12.15 6.06
CA HIS B 180 14.20 12.02 5.88
C HIS B 180 13.46 12.41 7.20
N PRO B 181 12.28 13.09 7.14
CA PRO B 181 11.55 13.43 8.38
C PRO B 181 11.29 12.25 9.33
N LEU B 182 11.12 11.02 8.80
CA LEU B 182 10.90 9.79 9.57
C LEU B 182 12.03 9.54 10.58
N SER B 183 13.28 9.96 10.24
CA SER B 183 14.47 9.77 11.09
C SER B 183 14.87 11.03 11.88
N CYS B 184 14.07 12.11 11.79
CA CYS B 184 14.28 13.34 12.54
C CYS B 184 13.21 13.35 13.63
N HIS B 185 13.61 13.30 14.90
CA HIS B 185 12.61 13.25 15.98
C HIS B 185 12.54 14.56 16.74
N GLY B 186 11.34 15.01 17.06
CA GLY B 186 11.10 16.29 17.74
C GLY B 186 9.62 16.58 17.90
N TRP B 187 9.25 17.14 19.05
CA TRP B 187 7.87 17.40 19.41
C TRP B 187 7.55 18.87 19.55
N VAL B 188 6.45 19.30 18.90
CA VAL B 188 5.92 20.64 19.08
C VAL B 188 4.61 20.37 19.86
N LEU B 189 4.51 20.90 21.07
CA LEU B 189 3.39 20.66 21.96
C LEU B 189 2.62 21.92 22.30
N GLY B 190 1.55 21.74 23.05
CA GLY B 190 0.73 22.85 23.49
C GLY B 190 -0.35 23.19 22.49
N GLU B 191 -0.63 24.49 22.37
CA GLU B 191 -1.65 24.98 21.45
C GLU B 191 -1.23 24.75 20.01
N HIS B 192 -2.16 24.31 19.15
CA HIS B 192 -1.91 24.26 17.72
C HIS B 192 -2.17 25.73 17.29
N GLY B 193 -1.16 26.57 17.51
CA GLY B 193 -1.22 28.00 17.25
C GLY B 193 0.04 28.70 17.71
N ASP B 194 -0.07 30.03 17.95
CA ASP B 194 1.04 30.91 18.32
C ASP B 194 1.81 30.54 19.58
N SER B 195 1.16 29.93 20.56
CA SER B 195 1.80 29.58 21.82
C SER B 195 2.37 28.15 21.89
N SER B 196 2.47 27.44 20.74
CA SER B 196 3.07 26.09 20.71
C SER B 196 4.52 26.09 21.28
N VAL B 197 4.96 24.93 21.74
CA VAL B 197 6.23 24.80 22.45
C VAL B 197 7.10 23.78 21.72
N PRO B 198 8.27 24.21 21.17
CA PRO B 198 9.19 23.23 20.57
C PRO B 198 9.94 22.57 21.73
N VAL B 199 9.92 21.24 21.81
CA VAL B 199 10.58 20.56 22.94
C VAL B 199 12.01 20.22 22.53
N TRP B 200 12.90 21.21 22.65
CA TRP B 200 14.32 21.12 22.28
C TRP B 200 15.03 19.98 22.98
N SER B 201 14.69 19.73 24.24
CA SER B 201 15.31 18.67 25.05
C SER B 201 15.09 17.27 24.47
N GLY B 202 14.01 17.08 23.69
CA GLY B 202 13.68 15.81 23.07
C GLY B 202 14.07 15.65 21.61
N VAL B 203 14.53 16.74 20.96
CA VAL B 203 14.93 16.80 19.54
C VAL B 203 16.17 15.94 19.33
N ASN B 204 16.06 14.91 18.47
CA ASN B 204 17.14 13.96 18.26
C ASN B 204 17.14 13.26 16.90
N VAL B 205 18.32 12.78 16.50
CA VAL B 205 18.51 11.91 15.35
C VAL B 205 19.19 10.64 15.92
N ALA B 206 18.59 9.45 15.69
CA ALA B 206 19.11 8.14 16.13
C ALA B 206 19.41 8.11 17.66
N GLY B 207 18.56 8.77 18.45
CA GLY B 207 18.72 8.88 19.89
C GLY B 207 19.73 9.93 20.36
N VAL B 208 20.42 10.61 19.43
CA VAL B 208 21.41 11.65 19.76
C VAL B 208 20.71 12.97 19.99
N SER B 209 20.79 13.49 21.23
CA SER B 209 20.19 14.78 21.58
C SER B 209 20.91 15.94 20.90
N LEU B 210 20.23 16.70 20.01
CA LEU B 210 20.81 17.85 19.29
C LEU B 210 21.25 18.95 20.26
N LYS B 211 20.49 19.14 21.34
CA LYS B 211 20.78 20.07 22.43
C LYS B 211 22.03 19.59 23.21
N SER B 212 22.30 18.26 23.25
CA SER B 212 23.50 17.75 23.91
C SER B 212 24.76 18.09 23.09
N LEU B 213 24.60 18.36 21.79
CA LEU B 213 25.70 18.75 20.90
C LEU B 213 25.85 20.29 20.84
N ASN B 214 24.72 21.01 20.94
CA ASN B 214 24.65 22.46 20.92
C ASN B 214 23.73 22.87 22.08
N PRO B 215 24.33 23.16 23.26
CA PRO B 215 23.50 23.54 24.44
C PRO B 215 22.63 24.78 24.25
N GLN B 216 23.00 25.66 23.32
CA GLN B 216 22.29 26.89 22.97
C GLN B 216 21.13 26.63 21.97
N LEU B 217 20.91 25.36 21.54
CA LEU B 217 19.85 25.00 20.59
C LEU B 217 18.48 25.55 20.95
N GLY B 218 17.90 26.30 20.02
CA GLY B 218 16.57 26.88 20.17
C GLY B 218 16.49 28.20 20.93
N THR B 219 17.63 28.71 21.44
CA THR B 219 17.67 29.99 22.19
C THR B 219 18.16 31.12 21.26
N ASP B 220 18.07 32.36 21.73
CA ASP B 220 18.54 33.49 20.92
C ASP B 220 20.07 33.47 20.75
N ALA B 221 20.81 32.79 21.66
CA ALA B 221 22.26 32.62 21.60
C ALA B 221 22.72 31.61 20.54
N ASP B 222 21.79 30.84 19.96
CA ASP B 222 22.06 29.81 18.94
C ASP B 222 22.65 30.42 17.66
N LYS B 223 23.89 30.03 17.33
CA LYS B 223 24.60 30.51 16.13
C LYS B 223 23.88 30.12 14.84
N GLU B 224 23.14 29.01 14.86
CA GLU B 224 22.39 28.48 13.72
C GLU B 224 20.91 28.87 13.75
N GLN B 225 20.50 29.53 14.84
CA GLN B 225 19.15 30.04 15.06
C GLN B 225 18.07 28.98 14.79
N TRP B 226 18.15 27.85 15.54
CA TRP B 226 17.15 26.78 15.39
C TRP B 226 15.77 27.22 15.82
N LYS B 227 15.67 28.36 16.53
CA LYS B 227 14.39 28.93 16.96
C LYS B 227 13.56 29.35 15.74
N ASP B 228 14.25 29.70 14.62
N ASP B 228 14.22 29.71 14.61
CA ASP B 228 13.62 30.08 13.35
CA ASP B 228 13.50 30.09 13.38
C ASP B 228 12.79 28.92 12.77
C ASP B 228 12.72 28.90 12.82
N VAL B 229 13.18 27.66 13.12
CA VAL B 229 12.47 26.43 12.68
C VAL B 229 11.10 26.42 13.35
N HIS B 230 11.06 26.64 14.69
CA HIS B 230 9.78 26.70 15.41
C HIS B 230 8.98 27.91 14.91
N LYS B 231 9.63 29.08 14.67
CA LYS B 231 8.92 30.26 14.15
C LYS B 231 8.23 29.91 12.80
N GLN B 232 8.97 29.27 11.87
CA GLN B 232 8.44 28.77 10.58
C GLN B 232 7.25 27.80 10.79
N VAL B 233 7.30 26.95 11.85
CA VAL B 233 6.19 26.04 12.21
C VAL B 233 4.96 26.87 12.58
N VAL B 234 5.13 27.85 13.50
CA VAL B 234 4.06 28.75 13.94
C VAL B 234 3.41 29.48 12.75
N ASP B 235 4.25 30.00 11.84
CA ASP B 235 3.80 30.83 10.72
C ASP B 235 3.34 30.06 9.50
N SER B 236 3.62 28.75 9.43
CA SER B 236 3.37 27.92 8.26
C SER B 236 1.97 28.01 7.68
N ALA B 237 0.88 27.89 8.49
CA ALA B 237 -0.47 27.98 7.93
C ALA B 237 -0.70 29.36 7.34
N TYR B 238 -0.21 30.44 7.99
CA TYR B 238 -0.38 31.79 7.48
C TYR B 238 0.40 32.05 6.20
N GLU B 239 1.58 31.44 6.07
CA GLU B 239 2.40 31.60 4.85
C GLU B 239 1.70 30.91 3.69
N VAL B 240 1.18 29.67 3.93
CA VAL B 240 0.44 28.91 2.91
C VAL B 240 -0.87 29.63 2.54
N ILE B 241 -1.60 30.18 3.54
CA ILE B 241 -2.87 30.93 3.31
C ILE B 241 -2.57 32.15 2.42
N LYS B 242 -1.49 32.88 2.70
CA LYS B 242 -1.10 34.05 1.91
C LYS B 242 -0.81 33.66 0.43
N LEU B 243 -0.23 32.46 0.20
CA LEU B 243 0.17 32.03 -1.14
C LEU B 243 -0.94 31.38 -1.98
N LYS B 244 -1.73 30.50 -1.39
CA LYS B 244 -2.76 29.76 -2.14
C LYS B 244 -4.18 29.97 -1.59
N GLY B 245 -4.31 30.74 -0.50
CA GLY B 245 -5.64 31.07 0.03
C GLY B 245 -6.16 30.24 1.18
N TYR B 246 -5.58 29.06 1.39
CA TYR B 246 -5.99 28.11 2.41
C TYR B 246 -4.91 27.01 2.48
N THR B 247 -5.01 26.12 3.46
CA THR B 247 -4.09 24.99 3.56
C THR B 247 -5.02 23.78 3.46
N SER B 248 -4.54 22.68 2.88
CA SER B 248 -5.39 21.48 2.72
C SER B 248 -4.60 20.18 2.71
N TRP B 249 -3.57 20.07 1.86
CA TRP B 249 -2.86 18.79 1.70
C TRP B 249 -2.17 18.23 2.96
N ALA B 250 -1.34 19.01 3.63
CA ALA B 250 -0.62 18.58 4.83
C ALA B 250 -1.58 18.26 5.99
N ILE B 251 -2.62 19.08 6.17
CA ILE B 251 -3.61 18.76 7.23
C ILE B 251 -4.39 17.47 6.89
N GLY B 252 -4.77 17.30 5.62
CA GLY B 252 -5.46 16.09 5.17
C GLY B 252 -4.64 14.83 5.52
N LEU B 253 -3.34 14.86 5.19
CA LEU B 253 -2.39 13.78 5.47
C LEU B 253 -2.18 13.55 6.96
N SER B 254 -2.15 14.64 7.75
CA SER B 254 -1.97 14.53 9.21
C SER B 254 -3.20 13.86 9.82
N VAL B 255 -4.40 14.25 9.37
CA VAL B 255 -5.64 13.65 9.87
C VAL B 255 -5.75 12.18 9.46
N ALA B 256 -5.35 11.84 8.21
CA ALA B 256 -5.39 10.43 7.74
C ALA B 256 -4.41 9.57 8.56
N ASP B 257 -3.28 10.16 9.03
CA ASP B 257 -2.26 9.49 9.87
C ASP B 257 -2.91 9.10 11.21
N LEU B 258 -3.66 10.06 11.82
CA LEU B 258 -4.40 9.82 13.07
C LEU B 258 -5.52 8.79 12.85
N ALA B 259 -6.27 8.93 11.75
CA ALA B 259 -7.33 7.97 11.38
C ALA B 259 -6.74 6.56 11.24
N GLU B 260 -5.52 6.43 10.67
CA GLU B 260 -4.85 5.13 10.55
C GLU B 260 -4.54 4.49 11.93
N SER B 261 -3.94 5.27 12.86
CA SER B 261 -3.66 4.77 14.21
C SER B 261 -4.96 4.28 14.90
N ILE B 262 -6.08 5.01 14.71
CA ILE B 262 -7.38 4.65 15.32
C ILE B 262 -7.96 3.39 14.67
N MET B 263 -8.15 3.43 13.36
CA MET B 263 -8.77 2.34 12.58
C MET B 263 -8.02 1.01 12.69
N LYS B 264 -6.68 1.06 12.77
CA LYS B 264 -5.84 -0.14 12.81
C LYS B 264 -5.33 -0.43 14.23
N ASN B 265 -5.88 0.26 15.26
CA ASN B 265 -5.50 0.12 16.68
C ASN B 265 -3.96 0.07 16.85
N LEU B 266 -3.23 0.98 16.21
CA LEU B 266 -1.76 0.91 16.21
C LEU B 266 -1.05 1.18 17.53
N ARG B 267 -1.64 2.03 18.37
CA ARG B 267 -1.03 2.44 19.64
C ARG B 267 0.30 3.15 19.36
N ARG B 268 0.28 4.01 18.33
CA ARG B 268 1.42 4.86 18.02
C ARG B 268 1.23 6.12 18.88
N VAL B 269 2.32 6.87 19.06
CA VAL B 269 2.34 8.09 19.84
C VAL B 269 2.21 9.30 18.89
N HIS B 270 1.25 10.21 19.18
CA HIS B 270 1.01 11.42 18.39
C HIS B 270 0.86 12.62 19.32
N PRO B 271 1.33 13.83 18.91
CA PRO B 271 1.09 15.03 19.75
C PRO B 271 -0.28 15.59 19.34
N ILE B 272 -1.33 15.26 20.12
CA ILE B 272 -2.73 15.58 19.80
C ILE B 272 -3.43 16.16 21.03
N SER B 273 -4.54 16.89 20.83
CA SER B 273 -5.29 17.56 21.90
C SER B 273 -6.03 16.61 22.77
N THR B 274 -5.70 16.69 24.06
CA THR B 274 -6.34 15.92 25.09
C THR B 274 -6.42 16.74 26.38
N MET B 275 -7.18 16.28 27.37
CA MET B 275 -7.21 16.97 28.64
C MET B 275 -5.92 16.74 29.45
N ILE B 276 -5.28 17.83 29.87
CA ILE B 276 -4.02 17.77 30.62
C ILE B 276 -4.14 18.06 32.10
N LYS B 277 -5.38 18.14 32.65
CA LYS B 277 -5.59 18.37 34.10
C LYS B 277 -4.83 17.33 34.91
N GLY B 278 -3.94 17.80 35.80
CA GLY B 278 -3.15 16.91 36.64
C GLY B 278 -1.69 16.82 36.21
N LEU B 279 -1.37 17.28 34.99
CA LEU B 279 0.02 17.27 34.49
C LEU B 279 0.61 18.68 34.51
N TYR B 280 1.91 18.78 34.82
CA TYR B 280 2.69 20.03 34.88
C TYR B 280 2.06 21.12 35.75
N GLY B 281 1.48 20.70 36.87
CA GLY B 281 0.79 21.59 37.79
C GLY B 281 -0.50 22.20 37.28
N ILE B 282 -0.96 21.84 36.05
CA ILE B 282 -2.22 22.35 35.48
C ILE B 282 -3.40 21.76 36.25
N LYS B 283 -4.17 22.63 36.90
CA LYS B 283 -5.30 22.25 37.74
C LYS B 283 -6.67 22.36 37.08
N GLU B 284 -6.75 22.92 35.86
CA GLU B 284 -8.01 23.10 35.15
C GLU B 284 -8.18 22.12 33.98
N ASP B 285 -9.42 22.00 33.46
CA ASP B 285 -9.82 21.13 32.33
C ASP B 285 -9.30 21.67 30.98
N VAL B 286 -8.00 21.93 30.89
CA VAL B 286 -7.40 22.44 29.65
C VAL B 286 -7.13 21.32 28.65
N PHE B 287 -7.45 21.55 27.37
CA PHE B 287 -7.10 20.61 26.30
C PHE B 287 -5.94 21.20 25.53
N LEU B 288 -4.90 20.41 25.27
CA LEU B 288 -3.75 20.87 24.48
C LEU B 288 -2.96 19.65 24.03
N SER B 289 -1.97 19.85 23.12
CA SER B 289 -1.20 18.70 22.64
C SER B 289 -0.08 18.28 23.56
N VAL B 290 -0.07 16.99 23.83
CA VAL B 290 0.97 16.23 24.54
C VAL B 290 1.08 14.89 23.79
N PRO B 291 2.18 14.11 23.91
CA PRO B 291 2.27 12.82 23.19
C PRO B 291 1.29 11.81 23.79
N CYS B 292 0.39 11.28 22.96
CA CYS B 292 -0.67 10.34 23.35
C CYS B 292 -0.51 9.05 22.60
N ILE B 293 -0.89 7.94 23.26
CA ILE B 293 -0.92 6.62 22.63
C ILE B 293 -2.32 6.52 22.03
N LEU B 294 -2.38 6.38 20.70
CA LEU B 294 -3.63 6.40 19.96
C LEU B 294 -3.99 5.03 19.36
N GLY B 295 -5.23 4.60 19.57
CA GLY B 295 -5.70 3.32 19.10
C GLY B 295 -7.21 3.28 18.89
N GLN B 296 -7.78 2.07 18.86
CA GLN B 296 -9.21 1.81 18.61
C GLN B 296 -10.19 2.45 19.58
N ASN B 297 -9.74 2.76 20.81
CA ASN B 297 -10.60 3.43 21.79
C ASN B 297 -10.15 4.86 21.98
N GLY B 298 -9.47 5.38 20.96
CA GLY B 298 -8.98 6.75 21.00
C GLY B 298 -7.72 6.83 21.82
N ILE B 299 -7.59 7.87 22.66
CA ILE B 299 -6.42 8.08 23.51
C ILE B 299 -6.59 7.23 24.78
N SER B 300 -5.86 6.11 24.88
CA SER B 300 -5.96 5.23 26.06
C SER B 300 -4.95 5.60 27.11
N ASP B 301 -3.84 6.24 26.68
CA ASP B 301 -2.71 6.57 27.54
C ASP B 301 -2.02 7.86 27.11
N VAL B 302 -1.37 8.55 28.06
CA VAL B 302 -0.64 9.80 27.79
C VAL B 302 0.81 9.62 28.24
N VAL B 303 1.77 10.02 27.38
CA VAL B 303 3.19 9.99 27.71
C VAL B 303 3.47 11.25 28.52
N LYS B 304 4.12 11.08 29.66
CA LYS B 304 4.49 12.19 30.55
C LYS B 304 5.89 12.62 30.14
N VAL B 305 5.96 13.57 29.20
CA VAL B 305 7.24 14.07 28.69
C VAL B 305 7.92 14.88 29.78
N THR B 306 9.20 14.61 29.94
CA THR B 306 10.05 15.30 30.89
C THR B 306 10.47 16.59 30.19
N LEU B 307 10.12 17.72 30.79
CA LEU B 307 10.43 19.01 30.21
C LEU B 307 11.42 19.75 31.08
N THR B 308 12.28 20.59 30.48
CA THR B 308 13.17 21.47 31.23
C THR B 308 12.27 22.53 31.90
N PRO B 309 12.73 23.23 32.96
CA PRO B 309 11.90 24.28 33.55
C PRO B 309 11.41 25.33 32.54
N ASP B 310 12.23 25.69 31.53
CA ASP B 310 11.81 26.68 30.50
C ASP B 310 10.73 26.10 29.61
N GLU B 311 10.89 24.83 29.20
CA GLU B 311 9.89 24.20 28.36
C GLU B 311 8.56 24.06 29.13
N GLU B 312 8.64 23.69 30.42
CA GLU B 312 7.44 23.56 31.27
C GLU B 312 6.71 24.89 31.44
N ALA B 313 7.47 26.01 31.61
CA ALA B 313 6.92 27.35 31.76
C ALA B 313 6.21 27.75 30.46
N ARG B 314 6.82 27.45 29.30
CA ARG B 314 6.18 27.75 28.00
C ARG B 314 4.91 26.90 27.80
N LEU B 315 4.90 25.65 28.31
CA LEU B 315 3.73 24.78 28.19
C LEU B 315 2.57 25.27 29.06
N LYS B 316 2.86 25.69 30.30
CA LYS B 316 1.88 26.26 31.23
C LYS B 316 1.34 27.60 30.69
N LYS B 317 2.20 28.39 30.03
CA LYS B 317 1.79 29.65 29.40
C LYS B 317 0.76 29.36 28.28
N SER B 318 1.02 28.32 27.48
CA SER B 318 0.11 27.89 26.42
C SER B 318 -1.23 27.44 27.05
N ALA B 319 -1.15 26.66 28.14
CA ALA B 319 -2.33 26.18 28.88
C ALA B 319 -3.10 27.38 29.43
N ASP B 320 -2.41 28.38 30.04
CA ASP B 320 -3.07 29.59 30.57
C ASP B 320 -3.84 30.36 29.47
N THR B 321 -3.23 30.53 28.28
CA THR B 321 -3.84 31.20 27.12
C THR B 321 -5.13 30.44 26.71
N LEU B 322 -5.03 29.10 26.55
CA LEU B 322 -6.13 28.22 26.20
C LEU B 322 -7.20 28.21 27.29
N TRP B 323 -6.80 28.14 28.56
CA TRP B 323 -7.77 28.22 29.65
C TRP B 323 -8.56 29.56 29.64
N GLY B 324 -7.86 30.67 29.33
CA GLY B 324 -8.46 32.00 29.21
C GLY B 324 -9.59 32.06 28.20
N ILE B 325 -9.38 31.46 27.01
CA ILE B 325 -10.40 31.36 25.95
C ILE B 325 -11.52 30.42 26.39
N GLN B 326 -11.17 29.35 27.11
CA GLN B 326 -12.18 28.40 27.60
C GLN B 326 -13.14 29.08 28.55
N LYS B 327 -12.65 30.05 29.35
CA LYS B 327 -13.49 30.79 30.28
C LYS B 327 -14.43 31.74 29.54
N GLU B 328 -14.29 31.88 28.21
CA GLU B 328 -15.17 32.75 27.38
C GLU B 328 -16.32 31.98 26.72
N LEU B 329 -16.31 30.66 26.87
CA LEU B 329 -17.31 29.79 26.23
C LEU B 329 -18.68 29.90 26.83
N GLN B 330 -19.70 30.04 25.96
CA GLN B 330 -21.10 30.17 26.36
C GLN B 330 -21.89 28.95 25.83
N PHE B 331 -22.10 27.93 26.68
CA PHE B 331 -22.84 26.71 26.31
C PHE B 331 -24.36 26.85 26.40
C ALA C 1 -2.00 -16.25 -37.13
N ALA C 2 -1.08 -15.85 -36.23
CA ALA C 2 -1.16 -16.16 -34.80
C ALA C 2 -2.29 -15.37 -34.14
N LEU C 3 -2.90 -15.95 -33.10
CA LEU C 3 -4.01 -15.35 -32.34
C LEU C 3 -3.58 -13.98 -31.79
N LYS C 4 -2.37 -13.91 -31.18
CA LYS C 4 -1.76 -12.69 -30.64
C LYS C 4 -1.80 -11.53 -31.66
N ASP C 5 -1.43 -11.79 -32.92
CA ASP C 5 -1.38 -10.81 -34.00
C ASP C 5 -2.75 -10.37 -34.50
N GLN C 6 -3.77 -11.25 -34.42
CA GLN C 6 -5.16 -10.94 -34.79
C GLN C 6 -5.77 -10.03 -33.73
N LEU C 7 -5.34 -10.21 -32.48
CA LEU C 7 -5.81 -9.50 -31.31
C LEU C 7 -5.09 -8.16 -31.10
N ILE C 8 -3.76 -8.15 -31.29
CA ILE C 8 -2.90 -7.02 -31.01
C ILE C 8 -2.10 -6.58 -32.22
N VAL C 9 -2.07 -5.26 -32.46
CA VAL C 9 -1.22 -4.66 -33.48
C VAL C 9 0.00 -4.07 -32.76
N ASN C 10 1.20 -4.62 -33.06
CA ASN C 10 2.43 -4.15 -32.43
C ASN C 10 2.86 -2.87 -33.11
N LEU C 11 3.18 -1.84 -32.32
CA LEU C 11 3.56 -0.56 -32.89
C LEU C 11 4.97 -0.14 -32.46
N LEU C 12 5.61 -0.93 -31.58
CA LEU C 12 6.93 -0.63 -31.09
C LEU C 12 7.73 -1.92 -30.91
N LYS C 13 8.97 -1.96 -31.43
CA LYS C 13 9.85 -3.14 -31.34
C LYS C 13 10.30 -3.38 -29.91
N GLU C 14 9.97 -4.57 -29.36
CA GLU C 14 10.26 -4.94 -27.98
C GLU C 14 11.75 -5.11 -27.64
N GLU C 15 12.36 -4.03 -27.11
CA GLU C 15 13.77 -4.02 -26.66
C GLU C 15 13.76 -3.58 -25.19
N GLN C 16 13.17 -4.45 -24.35
CA GLN C 16 12.95 -4.25 -22.92
C GLN C 16 14.20 -4.24 -22.02
N VAL C 17 14.41 -3.09 -21.35
CA VAL C 17 15.46 -2.85 -20.36
C VAL C 17 14.80 -2.44 -19.04
N PRO C 18 15.00 -3.17 -17.92
CA PRO C 18 14.31 -2.80 -16.67
C PRO C 18 14.94 -1.57 -16.04
N GLN C 19 14.14 -0.82 -15.30
CA GLN C 19 14.53 0.43 -14.66
C GLN C 19 14.74 0.31 -13.15
N ASN C 20 14.06 -0.63 -12.50
CA ASN C 20 14.14 -0.81 -11.04
C ASN C 20 14.27 -2.31 -10.71
N LYS C 21 15.25 -2.97 -11.35
CA LYS C 21 15.45 -4.40 -11.17
C LYS C 21 16.16 -4.73 -9.87
N ILE C 22 15.68 -5.81 -9.23
CA ILE C 22 16.25 -6.33 -8.01
C ILE C 22 16.61 -7.78 -8.24
N THR C 23 17.78 -8.18 -7.76
CA THR C 23 18.18 -9.59 -7.86
C THR C 23 18.38 -10.08 -6.44
N VAL C 24 17.86 -11.29 -6.17
CA VAL C 24 18.07 -11.99 -4.89
C VAL C 24 18.94 -13.20 -5.16
N VAL C 25 20.14 -13.21 -4.58
CA VAL C 25 21.05 -14.32 -4.69
C VAL C 25 20.81 -15.29 -3.52
N GLY C 26 20.38 -16.50 -3.86
CA GLY C 26 20.10 -17.55 -2.90
C GLY C 26 18.61 -17.71 -2.68
N VAL C 27 18.10 -18.94 -2.90
CA VAL C 27 16.67 -19.24 -2.76
C VAL C 27 16.35 -20.14 -1.55
N GLY C 28 17.18 -20.03 -0.51
CA GLY C 28 16.91 -20.70 0.76
C GLY C 28 15.78 -19.91 1.42
N ALA C 29 15.40 -20.24 2.66
CA ALA C 29 14.28 -19.56 3.34
C ALA C 29 14.47 -18.06 3.49
N VAL C 30 15.71 -17.59 3.75
CA VAL C 30 15.98 -16.16 3.85
C VAL C 30 15.77 -15.45 2.50
N GLY C 31 16.34 -15.99 1.44
CA GLY C 31 16.27 -15.41 0.11
C GLY C 31 14.86 -15.31 -0.39
N MET C 32 14.06 -16.37 -0.17
CA MET C 32 12.63 -16.38 -0.54
C MET C 32 11.76 -15.44 0.29
N ALA C 33 12.11 -15.23 1.58
CA ALA C 33 11.41 -14.28 2.46
C ALA C 33 11.74 -12.84 1.99
N CYS C 34 12.98 -12.60 1.57
CA CYS C 34 13.37 -11.30 0.98
C CYS C 34 12.58 -11.09 -0.30
N ALA C 35 12.47 -12.13 -1.15
CA ALA C 35 11.78 -12.03 -2.43
C ALA C 35 10.31 -11.70 -2.29
N ILE C 36 9.56 -12.48 -1.48
CA ILE C 36 8.13 -12.22 -1.26
C ILE C 36 7.87 -10.84 -0.64
N SER C 37 8.71 -10.41 0.32
CA SER C 37 8.60 -9.10 0.97
C SER C 37 8.80 -7.94 0.01
N ILE C 38 9.79 -8.07 -0.90
CA ILE C 38 10.06 -7.08 -1.94
C ILE C 38 8.92 -7.04 -2.96
N LEU C 39 8.38 -8.21 -3.34
CA LEU C 39 7.27 -8.28 -4.30
C LEU C 39 6.05 -7.62 -3.75
N MET C 40 5.78 -7.84 -2.46
CA MET C 40 4.61 -7.25 -1.83
C MET C 40 4.74 -5.78 -1.51
N LYS C 41 5.97 -5.22 -1.59
CA LYS C 41 6.21 -3.80 -1.34
C LYS C 41 6.29 -3.01 -2.64
N ASP C 42 6.11 -3.71 -3.79
CA ASP C 42 6.13 -3.11 -5.12
C ASP C 42 7.40 -2.26 -5.35
N LEU C 43 8.56 -2.78 -4.96
CA LEU C 43 9.81 -2.04 -5.07
C LEU C 43 10.52 -2.20 -6.41
N ALA C 44 10.20 -3.26 -7.14
CA ALA C 44 10.89 -3.60 -8.38
C ALA C 44 9.96 -3.79 -9.58
N ASP C 45 10.50 -3.63 -10.80
CA ASP C 45 9.74 -3.87 -12.04
C ASP C 45 10.19 -5.22 -12.63
N GLU C 46 11.25 -5.78 -12.05
CA GLU C 46 11.81 -7.05 -12.44
C GLU C 46 12.48 -7.65 -11.23
N LEU C 47 12.24 -8.94 -11.02
CA LEU C 47 12.87 -9.68 -9.95
C LEU C 47 13.60 -10.85 -10.53
N ALA C 48 14.92 -10.98 -10.22
CA ALA C 48 15.68 -12.11 -10.70
C ALA C 48 16.16 -12.93 -9.51
N LEU C 49 16.10 -14.26 -9.62
CA LEU C 49 16.60 -15.17 -8.58
C LEU C 49 17.78 -15.96 -9.12
N VAL C 50 18.82 -16.14 -8.30
CA VAL C 50 19.99 -16.95 -8.70
C VAL C 50 20.31 -17.95 -7.59
N ASP C 51 20.58 -19.21 -7.97
CA ASP C 51 20.98 -20.26 -7.03
C ASP C 51 21.74 -21.35 -7.79
N VAL C 52 22.25 -22.36 -7.10
CA VAL C 52 23.01 -23.47 -7.68
C VAL C 52 22.21 -24.77 -7.79
N ILE C 53 21.08 -24.88 -7.07
CA ILE C 53 20.24 -26.06 -7.14
C ILE C 53 19.15 -25.75 -8.15
N GLU C 54 19.30 -26.31 -9.35
CA GLU C 54 18.46 -26.10 -10.53
C GLU C 54 16.95 -26.25 -10.29
N ASP C 55 16.55 -27.40 -9.75
CA ASP C 55 15.14 -27.74 -9.51
C ASP C 55 14.51 -26.79 -8.52
N LYS C 56 15.15 -26.65 -7.34
CA LYS C 56 14.69 -25.76 -6.28
C LYS C 56 14.52 -24.32 -6.81
N LEU C 57 15.51 -23.84 -7.61
CA LEU C 57 15.48 -22.52 -8.21
C LEU C 57 14.27 -22.34 -9.13
N LYS C 58 14.05 -23.30 -10.03
CA LYS C 58 12.92 -23.25 -10.96
C LYS C 58 11.57 -23.30 -10.22
N GLY C 59 11.45 -24.18 -9.23
CA GLY C 59 10.23 -24.34 -8.42
C GLY C 59 9.84 -23.05 -7.72
N GLU C 60 10.83 -22.39 -7.08
CA GLU C 60 10.62 -21.10 -6.41
C GLU C 60 10.22 -20.02 -7.38
N MET C 61 10.89 -19.95 -8.55
CA MET C 61 10.56 -18.94 -9.55
C MET C 61 9.12 -19.12 -10.02
N MET C 62 8.75 -20.38 -10.39
CA MET C 62 7.43 -20.74 -10.89
C MET C 62 6.31 -20.42 -9.89
N ASP C 63 6.55 -20.72 -8.62
CA ASP C 63 5.59 -20.46 -7.53
C ASP C 63 5.35 -18.94 -7.36
N LEU C 64 6.42 -18.11 -7.49
CA LEU C 64 6.24 -16.64 -7.44
C LEU C 64 5.47 -16.17 -8.67
N GLN C 65 5.86 -16.64 -9.88
CA GLN C 65 5.21 -16.28 -11.16
C GLN C 65 3.71 -16.59 -11.15
N HIS C 66 3.31 -17.66 -10.48
CA HIS C 66 1.89 -18.07 -10.38
C HIS C 66 1.06 -17.10 -9.55
N GLY C 67 1.73 -16.26 -8.74
CA GLY C 67 1.05 -15.21 -7.97
C GLY C 67 1.06 -13.86 -8.65
N SER C 68 1.55 -13.76 -9.92
CA SER C 68 1.69 -12.51 -10.69
C SER C 68 0.45 -11.64 -10.77
N LEU C 69 -0.73 -12.27 -10.88
CA LEU C 69 -2.01 -11.56 -10.91
C LEU C 69 -2.18 -10.68 -9.65
N PHE C 70 -1.62 -11.10 -8.51
CA PHE C 70 -1.78 -10.40 -7.23
C PHE C 70 -0.65 -9.44 -6.90
N LEU C 71 0.24 -9.26 -7.88
CA LEU C 71 1.44 -8.45 -7.72
C LEU C 71 1.54 -7.35 -8.78
N LYS C 72 2.58 -6.48 -8.65
CA LYS C 72 2.87 -5.38 -9.59
C LYS C 72 4.35 -5.39 -10.03
N THR C 73 4.92 -6.60 -10.17
CA THR C 73 6.29 -6.86 -10.61
C THR C 73 6.08 -7.75 -11.84
N PRO C 74 6.06 -7.11 -13.03
CA PRO C 74 5.65 -7.83 -14.25
C PRO C 74 6.61 -8.85 -14.82
N LYS C 75 7.84 -8.94 -14.27
CA LYS C 75 8.79 -9.91 -14.79
C LYS C 75 9.55 -10.59 -13.66
N ILE C 76 9.40 -11.93 -13.56
CA ILE C 76 10.07 -12.75 -12.56
C ILE C 76 10.85 -13.80 -13.33
N VAL C 77 12.17 -13.81 -13.14
CA VAL C 77 13.07 -14.71 -13.88
C VAL C 77 14.03 -15.41 -12.91
N SER C 78 14.70 -16.47 -13.37
CA SER C 78 15.72 -17.21 -12.60
C SER C 78 16.69 -17.91 -13.52
N SER C 79 17.88 -18.18 -12.99
CA SER C 79 18.95 -18.93 -13.66
C SER C 79 20.13 -19.12 -12.73
N LYS C 80 20.90 -20.20 -12.98
CA LYS C 80 22.17 -20.46 -12.29
C LYS C 80 23.18 -19.45 -12.88
N ASP C 81 22.88 -18.95 -14.09
CA ASP C 81 23.72 -18.04 -14.89
C ASP C 81 23.47 -16.59 -14.50
N TYR C 82 24.56 -15.85 -14.20
CA TYR C 82 24.44 -14.46 -13.77
C TYR C 82 23.97 -13.48 -14.82
N SER C 83 23.90 -13.89 -16.11
CA SER C 83 23.37 -13.04 -17.19
C SER C 83 21.90 -12.68 -16.89
N VAL C 84 21.20 -13.53 -16.11
CA VAL C 84 19.81 -13.29 -15.73
C VAL C 84 19.65 -12.06 -14.79
N THR C 85 20.74 -11.64 -14.13
CA THR C 85 20.77 -10.53 -13.15
C THR C 85 21.12 -9.19 -13.80
N ALA C 86 21.41 -9.18 -15.11
CA ALA C 86 21.82 -7.97 -15.84
C ALA C 86 20.97 -6.74 -15.56
N ASN C 87 21.65 -5.59 -15.37
CA ASN C 87 21.07 -4.28 -15.11
C ASN C 87 20.27 -4.19 -13.80
N SER C 88 20.69 -4.91 -12.74
CA SER C 88 19.99 -4.76 -11.47
C SER C 88 20.41 -3.44 -10.81
N LYS C 89 19.50 -2.79 -10.08
CA LYS C 89 19.83 -1.56 -9.34
C LYS C 89 20.21 -1.95 -7.90
N LEU C 90 19.74 -3.13 -7.46
CA LEU C 90 20.01 -3.67 -6.15
C LEU C 90 20.19 -5.17 -6.28
N VAL C 91 21.27 -5.69 -5.68
CA VAL C 91 21.56 -7.11 -5.67
C VAL C 91 21.69 -7.52 -4.21
N ILE C 92 20.81 -8.45 -3.78
CA ILE C 92 20.74 -8.92 -2.41
C ILE C 92 21.40 -10.30 -2.25
N ILE C 93 22.46 -10.39 -1.45
CA ILE C 93 23.20 -11.65 -1.26
C ILE C 93 22.78 -12.39 -0.01
N THR C 94 22.15 -13.56 -0.18
CA THR C 94 21.67 -14.40 0.95
C THR C 94 22.28 -15.77 0.93
N ALA C 95 23.03 -16.11 -0.14
CA ALA C 95 23.63 -17.41 -0.32
C ALA C 95 24.74 -17.74 0.67
N GLY C 96 24.90 -19.03 0.91
CA GLY C 96 25.94 -19.54 1.79
C GLY C 96 25.45 -20.41 2.92
N ALA C 97 26.42 -20.92 3.71
CA ALA C 97 26.11 -21.74 4.86
C ALA C 97 25.35 -20.90 5.89
N ARG C 98 24.49 -21.56 6.67
CA ARG C 98 23.77 -20.91 7.77
C ARG C 98 24.09 -21.63 9.06
N GLN C 99 24.09 -20.89 10.17
CA GLN C 99 24.45 -21.45 11.46
C GLN C 99 23.47 -22.48 11.96
N GLN C 100 24.04 -23.56 12.47
CA GLN C 100 23.33 -24.64 13.12
C GLN C 100 23.03 -24.18 14.53
N GLU C 101 22.23 -24.96 15.26
CA GLU C 101 21.92 -24.72 16.68
C GLU C 101 23.27 -24.82 17.40
N GLY C 102 23.57 -23.82 18.23
CA GLY C 102 24.82 -23.78 18.99
C GLY C 102 26.04 -23.37 18.19
N GLU C 103 25.84 -22.82 16.98
CA GLU C 103 26.96 -22.39 16.12
C GLU C 103 26.88 -20.87 15.93
N SER C 104 28.02 -20.20 16.03
CA SER C 104 28.16 -18.76 15.84
C SER C 104 28.11 -18.46 14.35
N ARG C 105 27.56 -17.28 13.99
CA ARG C 105 27.56 -16.77 12.61
C ARG C 105 29.01 -16.62 12.16
N LEU C 106 29.92 -16.32 13.10
CA LEU C 106 31.35 -16.18 12.89
C LEU C 106 31.99 -17.46 12.35
N ASN C 107 31.42 -18.64 12.68
CA ASN C 107 31.94 -19.94 12.22
C ASN C 107 31.63 -20.25 10.75
N LEU C 108 30.78 -19.43 10.11
CA LEU C 108 30.43 -19.63 8.70
C LEU C 108 31.40 -18.90 7.80
N VAL C 109 32.33 -18.14 8.39
CA VAL C 109 33.21 -17.24 7.64
C VAL C 109 34.05 -17.83 6.49
N GLN C 110 34.75 -18.95 6.71
CA GLN C 110 35.58 -19.58 5.69
C GLN C 110 34.73 -20.07 4.52
N ARG C 111 33.60 -20.76 4.83
CA ARG C 111 32.68 -21.27 3.81
C ARG C 111 32.10 -20.13 2.97
N ASN C 112 31.67 -19.05 3.62
CA ASN C 112 31.02 -17.95 2.93
C ASN C 112 31.94 -17.01 2.17
N VAL C 113 33.19 -16.86 2.64
CA VAL C 113 34.20 -16.06 1.93
C VAL C 113 34.50 -16.79 0.61
N ASN C 114 34.69 -18.13 0.67
CA ASN C 114 34.98 -18.94 -0.53
C ASN C 114 33.83 -18.83 -1.56
N ILE C 115 32.58 -18.87 -1.08
CA ILE C 115 31.40 -18.72 -1.92
C ILE C 115 31.36 -17.29 -2.55
N PHE C 116 31.67 -16.26 -1.73
CA PHE C 116 31.65 -14.85 -2.19
C PHE C 116 32.65 -14.57 -3.29
N LYS C 117 33.79 -15.30 -3.28
CA LYS C 117 34.84 -15.22 -4.30
C LYS C 117 34.29 -15.56 -5.68
N PHE C 118 33.22 -16.40 -5.74
CA PHE C 118 32.55 -16.74 -6.99
C PHE C 118 31.37 -15.80 -7.28
N ILE C 119 30.50 -15.58 -6.28
CA ILE C 119 29.31 -14.75 -6.42
C ILE C 119 29.59 -13.26 -6.71
N ILE C 120 30.40 -12.62 -5.87
CA ILE C 120 30.63 -11.19 -6.02
C ILE C 120 31.13 -10.75 -7.41
N PRO C 121 32.22 -11.33 -7.97
CA PRO C 121 32.66 -10.89 -9.32
C PRO C 121 31.59 -11.07 -10.41
N ASN C 122 30.80 -12.15 -10.31
CA ASN C 122 29.72 -12.44 -11.25
C ASN C 122 28.57 -11.44 -11.17
N VAL C 123 28.27 -10.96 -9.96
CA VAL C 123 27.22 -9.97 -9.77
C VAL C 123 27.66 -8.64 -10.44
N VAL C 124 28.87 -8.15 -10.11
CA VAL C 124 29.37 -6.86 -10.59
C VAL C 124 29.58 -6.84 -12.11
N LYS C 125 29.90 -8.02 -12.68
CA LYS C 125 30.10 -8.18 -14.13
C LYS C 125 28.83 -7.75 -14.90
N TYR C 126 27.62 -8.05 -14.36
CA TYR C 126 26.37 -7.76 -15.05
C TYR C 126 25.56 -6.59 -14.53
N SER C 127 25.84 -6.12 -13.31
CA SER C 127 25.11 -4.99 -12.75
C SER C 127 26.08 -3.90 -12.26
N PRO C 128 26.72 -3.18 -13.20
CA PRO C 128 27.71 -2.14 -12.82
C PRO C 128 27.20 -0.95 -12.04
N GLN C 129 25.88 -0.73 -12.06
CA GLN C 129 25.25 0.37 -11.34
C GLN C 129 24.64 -0.05 -9.98
N CYS C 130 24.61 -1.35 -9.65
CA CYS C 130 23.94 -1.81 -8.42
C CYS C 130 24.58 -1.37 -7.12
N LYS C 131 23.77 -1.49 -6.06
CA LYS C 131 24.20 -1.43 -4.68
C LYS C 131 24.19 -2.90 -4.29
N LEU C 132 25.17 -3.31 -3.46
CA LEU C 132 25.22 -4.68 -2.99
C LEU C 132 24.65 -4.67 -1.60
N LEU C 133 23.63 -5.50 -1.36
CA LEU C 133 23.06 -5.61 -0.01
C LEU C 133 23.40 -6.99 0.53
N ILE C 134 24.35 -7.03 1.49
CA ILE C 134 24.82 -8.28 2.08
C ILE C 134 23.96 -8.73 3.24
N VAL C 135 23.47 -9.98 3.17
CA VAL C 135 22.60 -10.59 4.20
C VAL C 135 23.24 -11.84 4.79
N SER C 136 24.00 -12.59 3.94
CA SER C 136 24.72 -13.82 4.35
C SER C 136 25.56 -13.50 5.59
N ASN C 137 25.82 -14.51 6.42
CA ASN C 137 26.58 -14.34 7.67
C ASN C 137 28.00 -14.90 7.69
N PRO C 138 28.94 -14.31 8.51
CA PRO C 138 28.79 -13.13 9.38
C PRO C 138 28.76 -11.85 8.52
N VAL C 139 27.58 -11.21 8.48
CA VAL C 139 27.25 -10.08 7.64
C VAL C 139 28.30 -8.94 7.64
N ASP C 140 28.85 -8.60 8.83
CA ASP C 140 29.83 -7.51 8.97
C ASP C 140 31.13 -7.85 8.23
N ILE C 141 31.65 -9.06 8.44
CA ILE C 141 32.86 -9.51 7.77
C ILE C 141 32.58 -9.74 6.28
N LEU C 142 31.38 -10.28 5.95
CA LEU C 142 31.02 -10.48 4.55
C LEU C 142 30.81 -9.18 3.76
N THR C 143 30.41 -8.09 4.44
CA THR C 143 30.27 -6.78 3.74
C THR C 143 31.66 -6.28 3.36
N TYR C 144 32.62 -6.36 4.28
CA TYR C 144 34.02 -6.00 4.08
C TYR C 144 34.58 -6.82 2.90
N VAL C 145 34.35 -8.15 2.94
CA VAL C 145 34.81 -9.08 1.92
C VAL C 145 34.23 -8.68 0.54
N ALA C 146 32.87 -8.50 0.46
CA ALA C 146 32.19 -8.10 -0.79
C ALA C 146 32.74 -6.77 -1.29
N TRP C 147 32.98 -5.82 -0.38
CA TRP C 147 33.53 -4.51 -0.73
C TRP C 147 34.90 -4.69 -1.41
N LYS C 148 35.83 -5.41 -0.73
CA LYS C 148 37.19 -5.65 -1.25
C LYS C 148 37.21 -6.38 -2.58
N ILE C 149 36.33 -7.37 -2.75
CA ILE C 149 36.25 -8.17 -3.99
C ILE C 149 35.66 -7.35 -5.16
N SER C 150 34.49 -6.71 -4.92
CA SER C 150 33.72 -5.98 -5.93
C SER C 150 34.44 -4.88 -6.69
N GLY C 151 35.26 -4.11 -5.98
CA GLY C 151 35.88 -2.91 -6.56
C GLY C 151 34.89 -1.77 -6.50
N PHE C 152 33.76 -1.97 -5.79
CA PHE C 152 32.74 -0.94 -5.61
C PHE C 152 33.17 0.07 -4.54
N PRO C 153 32.72 1.33 -4.56
CA PRO C 153 33.07 2.22 -3.44
C PRO C 153 32.28 1.75 -2.20
N LYS C 154 32.80 2.02 -1.00
CA LYS C 154 32.17 1.58 0.26
C LYS C 154 30.69 1.95 0.46
N ASN C 155 30.22 3.10 -0.07
CA ASN C 155 28.81 3.49 0.05
C ASN C 155 27.88 2.48 -0.63
N ARG C 156 28.38 1.76 -1.66
CA ARG C 156 27.52 0.84 -2.43
C ARG C 156 27.51 -0.61 -1.96
N VAL C 157 28.20 -0.90 -0.83
CA VAL C 157 28.32 -2.27 -0.29
C VAL C 157 27.79 -2.21 1.15
N ILE C 158 26.54 -2.58 1.33
CA ILE C 158 25.82 -2.42 2.61
C ILE C 158 25.54 -3.80 3.19
N GLY C 159 25.74 -3.95 4.49
CA GLY C 159 25.42 -5.18 5.20
C GLY C 159 24.13 -4.98 5.97
N SER C 160 23.21 -5.95 5.92
CA SER C 160 21.91 -5.82 6.59
C SER C 160 22.09 -5.54 8.10
N GLY C 161 23.26 -5.92 8.61
CA GLY C 161 23.72 -5.71 9.97
C GLY C 161 22.70 -5.78 11.09
N CYS C 162 22.63 -4.72 11.90
CA CYS C 162 21.76 -4.62 13.08
C CYS C 162 20.39 -4.03 12.82
N ASN C 163 19.98 -3.92 11.56
CA ASN C 163 18.64 -3.40 11.25
C ASN C 163 17.60 -4.36 11.89
N LEU C 164 17.87 -5.67 11.84
CA LEU C 164 16.98 -6.66 12.47
C LEU C 164 17.12 -6.70 14.02
N ASP C 165 18.33 -6.60 14.55
CA ASP C 165 18.54 -6.58 16.02
C ASP C 165 17.79 -5.39 16.65
N SER C 166 17.87 -4.21 16.01
CA SER C 166 17.19 -3.00 16.46
C SER C 166 15.66 -3.14 16.35
N ALA C 167 15.16 -3.78 15.28
CA ALA C 167 13.71 -4.04 15.10
C ALA C 167 13.21 -4.99 16.19
N ARG C 168 14.05 -6.01 16.52
CA ARG C 168 13.74 -6.98 17.59
C ARG C 168 13.70 -6.24 18.93
N PHE C 169 14.70 -5.39 19.19
CA PHE C 169 14.79 -4.58 20.41
C PHE C 169 13.56 -3.70 20.56
N ARG C 170 13.20 -2.98 19.47
CA ARG C 170 12.04 -2.08 19.43
C ARG C 170 10.71 -2.81 19.70
N TYR C 171 10.54 -4.03 19.10
CA TYR C 171 9.37 -4.88 19.33
C TYR C 171 9.26 -5.26 20.80
N LEU C 172 10.39 -5.71 21.41
CA LEU C 172 10.42 -6.14 22.82
C LEU C 172 10.13 -5.01 23.79
N MET C 173 10.74 -3.85 23.53
CA MET C 173 10.52 -2.60 24.28
C MET C 173 9.01 -2.22 24.19
N GLY C 174 8.45 -2.32 22.98
CA GLY C 174 7.04 -2.04 22.69
C GLY C 174 6.09 -2.90 23.48
N GLU C 175 6.38 -4.23 23.55
CA GLU C 175 5.60 -5.24 24.29
CA GLU C 175 5.57 -5.20 24.29
C GLU C 175 5.57 -4.88 25.78
N ARG C 176 6.73 -4.48 26.33
CA ARG C 176 6.85 -4.11 27.74
C ARG C 176 6.08 -2.83 28.07
N LEU C 177 6.02 -1.89 27.11
CA LEU C 177 5.39 -0.58 27.32
C LEU C 177 3.96 -0.42 26.82
N GLY C 178 3.50 -1.35 25.98
CA GLY C 178 2.17 -1.28 25.37
C GLY C 178 2.12 -0.14 24.39
N VAL C 179 3.23 0.04 23.63
CA VAL C 179 3.40 1.09 22.62
C VAL C 179 3.84 0.37 21.32
N HIS C 180 3.35 0.80 20.14
CA HIS C 180 3.78 0.21 18.88
C HIS C 180 5.31 0.34 18.75
N PRO C 181 6.02 -0.68 18.20
CA PRO C 181 7.49 -0.52 17.98
C PRO C 181 7.88 0.76 17.25
N LEU C 182 7.01 1.27 16.33
CA LEU C 182 7.28 2.52 15.58
C LEU C 182 7.53 3.71 16.54
N SER C 183 6.90 3.70 17.73
CA SER C 183 7.06 4.79 18.70
C SER C 183 8.02 4.50 19.84
N CYS C 184 8.64 3.30 19.83
CA CYS C 184 9.67 2.88 20.76
C CYS C 184 11.00 2.99 20.04
N HIS C 185 11.89 3.88 20.51
CA HIS C 185 13.16 4.12 19.83
C HIS C 185 14.30 3.54 20.63
N GLY C 186 15.23 2.90 19.93
CA GLY C 186 16.36 2.21 20.58
C GLY C 186 17.27 1.60 19.55
N TRP C 187 18.58 1.72 19.79
CA TRP C 187 19.59 1.27 18.84
C TRP C 187 20.49 0.18 19.42
N VAL C 188 20.58 -0.94 18.67
CA VAL C 188 21.47 -2.06 18.94
C VAL C 188 22.51 -1.95 17.83
N LEU C 189 23.78 -1.72 18.19
CA LEU C 189 24.86 -1.50 17.21
C LEU C 189 25.95 -2.56 17.31
N GLY C 190 26.99 -2.43 16.49
CA GLY C 190 28.15 -3.31 16.50
C GLY C 190 27.92 -4.52 15.62
N GLU C 191 28.44 -5.68 16.05
CA GLU C 191 28.26 -6.92 15.30
C GLU C 191 26.80 -7.37 15.29
N HIS C 192 26.29 -7.85 14.11
CA HIS C 192 25.00 -8.53 14.03
C HIS C 192 25.32 -9.97 14.57
N GLY C 193 25.37 -10.08 15.89
CA GLY C 193 25.75 -11.31 16.58
C GLY C 193 25.87 -11.11 18.07
N ASP C 194 26.68 -11.96 18.71
CA ASP C 194 26.84 -12.00 20.17
C ASP C 194 27.40 -10.77 20.85
N SER C 195 28.26 -10.03 20.17
CA SER C 195 28.90 -8.84 20.77
C SER C 195 28.16 -7.52 20.44
N SER C 196 26.87 -7.59 20.00
CA SER C 196 26.07 -6.38 19.71
C SER C 196 25.95 -5.53 20.97
N VAL C 197 25.78 -4.23 20.78
CA VAL C 197 25.74 -3.25 21.84
C VAL C 197 24.38 -2.55 21.93
N PRO C 198 23.64 -2.71 23.04
CA PRO C 198 22.38 -1.96 23.22
C PRO C 198 22.73 -0.54 23.68
N VAL C 199 22.31 0.49 22.95
CA VAL C 199 22.63 1.87 23.34
C VAL C 199 21.53 2.39 24.28
N TRP C 200 21.61 2.01 25.56
CA TRP C 200 20.64 2.38 26.60
C TRP C 200 20.43 3.89 26.73
N SER C 201 21.50 4.67 26.56
CA SER C 201 21.51 6.12 26.65
C SER C 201 20.55 6.78 25.63
N GLY C 202 20.31 6.14 24.50
CA GLY C 202 19.46 6.66 23.42
C GLY C 202 18.04 6.11 23.37
N VAL C 203 17.75 5.12 24.25
CA VAL C 203 16.45 4.42 24.33
C VAL C 203 15.41 5.41 24.83
N ASN C 204 14.37 5.68 24.01
CA ASN C 204 13.39 6.67 24.41
C ASN C 204 12.01 6.44 23.79
N VAL C 205 10.99 7.06 24.42
CA VAL C 205 9.63 7.15 23.88
C VAL C 205 9.30 8.64 23.87
N ALA C 206 8.87 9.20 22.73
CA ALA C 206 8.53 10.64 22.60
C ALA C 206 9.64 11.61 23.11
N GLY C 207 10.90 11.21 22.94
CA GLY C 207 12.06 11.99 23.34
C GLY C 207 12.48 11.85 24.78
N VAL C 208 11.67 11.11 25.58
CA VAL C 208 11.92 10.86 26.99
C VAL C 208 12.91 9.69 27.11
N SER C 209 14.09 9.95 27.64
CA SER C 209 15.11 8.93 27.86
C SER C 209 14.66 7.94 28.94
N LEU C 210 14.56 6.63 28.63
CA LEU C 210 14.18 5.64 29.66
C LEU C 210 15.23 5.56 30.76
N LYS C 211 16.50 5.77 30.39
CA LYS C 211 17.60 5.78 31.36
C LYS C 211 17.52 6.97 32.35
N SER C 212 16.91 8.08 31.95
CA SER C 212 16.74 9.23 32.83
C SER C 212 15.74 8.92 33.94
N LEU C 213 14.65 8.18 33.61
CA LEU C 213 13.62 7.80 34.58
C LEU C 213 14.13 6.67 35.46
N ASN C 214 14.88 5.71 34.87
CA ASN C 214 15.47 4.56 35.56
C ASN C 214 16.98 4.49 35.23
N PRO C 215 17.82 5.12 36.07
CA PRO C 215 19.28 5.13 35.81
C PRO C 215 19.95 3.77 35.69
N GLN C 216 19.41 2.76 36.38
CA GLN C 216 19.94 1.39 36.38
C GLN C 216 19.58 0.61 35.09
N LEU C 217 18.84 1.23 34.15
CA LEU C 217 18.43 0.64 32.88
C LEU C 217 19.58 -0.06 32.15
N GLY C 218 19.38 -1.35 31.86
CA GLY C 218 20.36 -2.16 31.15
C GLY C 218 21.47 -2.75 32.01
N THR C 219 21.49 -2.46 33.32
CA THR C 219 22.51 -3.01 34.24
C THR C 219 21.87 -4.16 35.02
N ASP C 220 22.70 -4.99 35.71
CA ASP C 220 22.22 -6.10 36.53
C ASP C 220 21.42 -5.66 37.76
N ALA C 221 21.62 -4.41 38.20
CA ALA C 221 20.92 -3.78 39.33
C ALA C 221 19.46 -3.37 39.00
N ASP C 222 19.09 -3.35 37.71
CA ASP C 222 17.74 -2.98 37.26
C ASP C 222 16.71 -3.99 37.78
N LYS C 223 15.73 -3.53 38.60
CA LYS C 223 14.69 -4.40 39.18
C LYS C 223 13.76 -5.03 38.13
N GLU C 224 13.62 -4.36 36.98
CA GLU C 224 12.81 -4.78 35.85
C GLU C 224 13.63 -5.57 34.83
N GLN C 225 14.96 -5.66 35.05
CA GLN C 225 15.91 -6.40 34.23
C GLN C 225 15.83 -6.13 32.70
N TRP C 226 15.91 -4.85 32.29
CA TRP C 226 15.85 -4.50 30.87
C TRP C 226 17.02 -5.10 30.04
N LYS C 227 18.11 -5.52 30.71
CA LYS C 227 19.23 -6.17 30.03
C LYS C 227 18.75 -7.49 29.38
N ASP C 228 17.72 -8.14 29.97
CA ASP C 228 17.10 -9.35 29.41
C ASP C 228 16.52 -9.08 28.00
N VAL C 229 16.15 -7.81 27.71
CA VAL C 229 15.64 -7.42 26.38
C VAL C 229 16.84 -7.56 25.39
N HIS C 230 18.03 -7.02 25.76
CA HIS C 230 19.20 -7.18 24.88
C HIS C 230 19.61 -8.65 24.78
N LYS C 231 19.57 -9.42 25.91
CA LYS C 231 19.89 -10.86 25.89
C LYS C 231 18.94 -11.59 24.92
N GLN C 232 17.63 -11.24 24.93
CA GLN C 232 16.65 -11.84 24.01
C GLN C 232 16.96 -11.48 22.56
N VAL C 233 17.47 -10.26 22.32
CA VAL C 233 17.85 -9.79 20.98
C VAL C 233 18.99 -10.68 20.51
N VAL C 234 20.06 -10.80 21.32
CA VAL C 234 21.22 -11.65 21.03
C VAL C 234 20.79 -13.09 20.75
N ASP C 235 19.94 -13.64 21.63
CA ASP C 235 19.54 -15.07 21.56
C ASP C 235 18.44 -15.40 20.54
N SER C 236 17.74 -14.40 20.03
CA SER C 236 16.60 -14.55 19.12
C SER C 236 16.80 -15.50 17.94
N ALA C 237 17.86 -15.30 17.11
CA ALA C 237 18.10 -16.22 15.99
C ALA C 237 18.32 -17.65 16.50
N TYR C 238 19.05 -17.83 17.60
CA TYR C 238 19.28 -19.17 18.15
C TYR C 238 17.98 -19.79 18.66
N GLU C 239 17.17 -19.00 19.38
CA GLU C 239 15.90 -19.47 19.94
C GLU C 239 14.94 -19.90 18.83
N VAL C 240 14.80 -19.05 17.79
CA VAL C 240 13.95 -19.32 16.62
C VAL C 240 14.50 -20.54 15.84
N ILE C 241 15.86 -20.66 15.63
CA ILE C 241 16.50 -21.81 14.95
C ILE C 241 16.16 -23.09 15.72
N LYS C 242 16.32 -23.06 17.04
CA LYS C 242 16.02 -24.19 17.94
C LYS C 242 14.53 -24.58 17.79
N LEU C 243 13.62 -23.59 17.55
CA LEU C 243 12.19 -23.87 17.45
C LEU C 243 11.68 -24.30 16.07
N LYS C 244 12.11 -23.60 14.99
CA LYS C 244 11.61 -23.88 13.64
C LYS C 244 12.66 -24.34 12.63
N GLY C 245 13.92 -24.43 13.05
CA GLY C 245 15.03 -24.92 12.23
C GLY C 245 15.86 -23.86 11.56
N TYR C 246 15.32 -22.62 11.46
CA TYR C 246 15.95 -21.47 10.78
C TYR C 246 15.11 -20.25 11.09
N THR C 247 15.53 -19.07 10.60
CA THR C 247 14.76 -17.83 10.72
C THR C 247 14.58 -17.35 9.28
N SER C 248 13.48 -16.66 9.01
CA SER C 248 13.24 -16.22 7.63
C SER C 248 12.40 -14.94 7.53
N TRP C 249 11.26 -14.89 8.21
CA TRP C 249 10.32 -13.79 8.06
C TRP C 249 10.83 -12.45 8.51
N ALA C 250 11.39 -12.37 9.72
CA ALA C 250 11.86 -11.09 10.26
C ALA C 250 13.04 -10.54 9.48
N ILE C 251 13.96 -11.42 9.07
CA ILE C 251 15.11 -11.02 8.23
C ILE C 251 14.64 -10.55 6.85
N GLY C 252 13.63 -11.26 6.30
CA GLY C 252 13.01 -10.92 5.02
C GLY C 252 12.47 -9.49 5.00
N LEU C 253 11.72 -9.13 6.06
CA LEU C 253 11.13 -7.80 6.25
C LEU C 253 12.18 -6.75 6.54
N SER C 254 13.23 -7.10 7.32
CA SER C 254 14.31 -6.15 7.61
C SER C 254 15.06 -5.81 6.32
N VAL C 255 15.29 -6.81 5.45
CA VAL C 255 15.97 -6.59 4.16
C VAL C 255 15.09 -5.76 3.21
N ALA C 256 13.77 -6.04 3.18
CA ALA C 256 12.85 -5.26 2.31
C ALA C 256 12.79 -3.78 2.78
N ASP C 257 12.89 -3.56 4.08
CA ASP C 257 12.91 -2.23 4.70
C ASP C 257 14.13 -1.42 4.16
N LEU C 258 15.31 -2.04 4.17
CA LEU C 258 16.55 -1.47 3.60
C LEU C 258 16.42 -1.28 2.09
N ALA C 259 15.84 -2.29 1.38
CA ALA C 259 15.59 -2.20 -0.06
C ALA C 259 14.69 -0.99 -0.38
N GLU C 260 13.67 -0.73 0.45
CA GLU C 260 12.78 0.42 0.23
C GLU C 260 13.54 1.75 0.38
N SER C 261 14.36 1.91 1.44
CA SER C 261 15.13 3.13 1.62
C SER C 261 16.08 3.36 0.43
N ILE C 262 16.70 2.28 -0.11
CA ILE C 262 17.63 2.36 -1.25
C ILE C 262 16.88 2.73 -2.53
N MET C 263 15.89 1.93 -2.92
CA MET C 263 15.12 2.09 -4.14
C MET C 263 14.36 3.41 -4.23
N LYS C 264 13.83 3.90 -3.09
CA LYS C 264 13.04 5.14 -3.05
C LYS C 264 13.88 6.35 -2.63
N ASN C 265 15.20 6.18 -2.48
CA ASN C 265 16.13 7.24 -2.08
C ASN C 265 15.61 8.04 -0.85
N LEU C 266 15.10 7.33 0.16
CA LEU C 266 14.51 7.99 1.32
C LEU C 266 15.46 8.76 2.22
N ARG C 267 16.73 8.32 2.34
CA ARG C 267 17.67 8.94 3.29
C ARG C 267 17.16 8.78 4.75
N ARG C 268 16.64 7.58 5.05
CA ARG C 268 16.26 7.21 6.40
C ARG C 268 17.52 6.72 7.08
N VAL C 269 17.55 6.74 8.42
CA VAL C 269 18.71 6.28 9.19
C VAL C 269 18.45 4.82 9.63
N HIS C 270 19.40 3.91 9.35
CA HIS C 270 19.34 2.48 9.71
C HIS C 270 20.63 2.02 10.34
N PRO C 271 20.59 1.08 11.32
CA PRO C 271 21.84 0.55 11.89
C PRO C 271 22.33 -0.61 11.02
N ILE C 272 23.28 -0.32 10.12
CA ILE C 272 23.77 -1.26 9.10
C ILE C 272 25.28 -1.26 9.00
N SER C 273 25.83 -2.34 8.41
CA SER C 273 27.27 -2.56 8.30
C SER C 273 27.95 -1.67 7.31
N THR C 274 28.93 -0.93 7.83
CA THR C 274 29.76 0.00 7.06
C THR C 274 31.12 0.10 7.72
N MET C 275 32.11 0.63 6.99
CA MET C 275 33.45 0.80 7.54
C MET C 275 33.45 1.81 8.68
N ILE C 276 33.97 1.41 9.83
CA ILE C 276 33.99 2.34 10.97
C ILE C 276 35.38 2.88 11.30
N LYS C 277 36.40 2.56 10.46
CA LYS C 277 37.77 3.05 10.66
C LYS C 277 37.73 4.56 10.75
N GLY C 278 38.37 5.11 11.77
CA GLY C 278 38.37 6.54 12.02
C GLY C 278 37.36 7.00 13.06
N LEU C 279 36.44 6.11 13.47
CA LEU C 279 35.43 6.42 14.48
C LEU C 279 35.68 5.67 15.77
N TYR C 280 35.46 6.36 16.91
CA TYR C 280 35.64 5.84 18.28
C TYR C 280 37.04 5.25 18.53
N GLY C 281 38.04 5.80 17.84
CA GLY C 281 39.41 5.33 17.95
C GLY C 281 39.67 4.00 17.28
N ILE C 282 38.71 3.50 16.45
CA ILE C 282 38.92 2.25 15.71
C ILE C 282 39.86 2.58 14.56
N LYS C 283 40.99 1.86 14.50
CA LYS C 283 42.04 2.07 13.50
C LYS C 283 42.02 1.07 12.34
N GLU C 284 41.41 -0.10 12.51
CA GLU C 284 41.39 -1.12 11.45
C GLU C 284 40.16 -1.06 10.56
N ASP C 285 40.25 -1.67 9.34
CA ASP C 285 39.21 -1.73 8.31
C ASP C 285 37.99 -2.58 8.73
N VAL C 286 37.50 -2.37 9.96
CA VAL C 286 36.36 -3.09 10.52
C VAL C 286 35.05 -2.56 9.95
N PHE C 287 34.14 -3.47 9.57
CA PHE C 287 32.80 -3.13 9.17
C PHE C 287 31.89 -3.60 10.33
N LEU C 288 30.99 -2.73 10.78
CA LEU C 288 30.00 -3.05 11.82
C LEU C 288 28.83 -2.09 11.74
N SER C 289 27.77 -2.32 12.51
CA SER C 289 26.61 -1.45 12.42
C SER C 289 26.71 -0.21 13.30
N VAL C 290 26.41 0.95 12.69
CA VAL C 290 26.30 2.31 13.24
C VAL C 290 25.10 2.93 12.49
N PRO C 291 24.37 3.95 13.02
CA PRO C 291 23.23 4.50 12.26
C PRO C 291 23.72 5.21 10.99
N CYS C 292 23.24 4.75 9.85
CA CYS C 292 23.65 5.29 8.56
C CYS C 292 22.50 5.90 7.83
N ILE C 293 22.75 6.95 7.02
CA ILE C 293 21.74 7.52 6.12
C ILE C 293 21.79 6.66 4.84
N LEU C 294 20.66 6.08 4.48
CA LEU C 294 20.58 5.18 3.34
C LEU C 294 19.66 5.69 2.24
N GLY C 295 20.19 5.76 1.02
CA GLY C 295 19.47 6.24 -0.15
C GLY C 295 19.85 5.53 -1.43
N GLN C 296 19.64 6.19 -2.58
CA GLN C 296 19.89 5.65 -3.93
C GLN C 296 21.36 5.33 -4.21
N ASN C 297 22.30 5.95 -3.47
CA ASN C 297 23.74 5.71 -3.61
C ASN C 297 24.30 4.94 -2.41
N GLY C 298 23.41 4.21 -1.72
CA GLY C 298 23.76 3.43 -0.53
C GLY C 298 23.96 4.33 0.69
N ILE C 299 25.02 4.06 1.46
CA ILE C 299 25.38 4.77 2.69
C ILE C 299 26.15 6.05 2.35
N SER C 300 25.49 7.18 2.44
CA SER C 300 26.07 8.48 2.08
C SER C 300 26.70 9.18 3.27
N ASP C 301 26.18 8.89 4.46
CA ASP C 301 26.56 9.55 5.71
C ASP C 301 26.44 8.58 6.88
N VAL C 302 27.22 8.84 7.93
CA VAL C 302 27.20 8.06 9.16
C VAL C 302 26.89 9.00 10.31
N VAL C 303 25.91 8.64 11.14
CA VAL C 303 25.58 9.43 12.32
C VAL C 303 26.58 9.08 13.43
N LYS C 304 27.07 10.10 14.13
CA LYS C 304 28.01 9.91 15.24
C LYS C 304 27.22 9.86 16.54
N VAL C 305 26.92 8.66 17.02
CA VAL C 305 26.18 8.48 18.25
C VAL C 305 27.09 8.78 19.44
N THR C 306 26.55 9.54 20.40
CA THR C 306 27.20 9.92 21.65
C THR C 306 26.95 8.73 22.59
N LEU C 307 27.99 7.94 22.83
CA LEU C 307 27.87 6.74 23.67
C LEU C 307 28.42 7.00 25.04
N THR C 308 27.86 6.37 26.10
CA THR C 308 28.39 6.47 27.48
C THR C 308 29.76 5.75 27.47
N PRO C 309 30.66 5.97 28.46
CA PRO C 309 31.95 5.24 28.43
C PRO C 309 31.82 3.72 28.32
N ASP C 310 30.83 3.10 28.99
CA ASP C 310 30.61 1.65 28.91
C ASP C 310 30.10 1.22 27.51
N GLU C 311 29.17 2.01 26.91
CA GLU C 311 28.65 1.70 25.57
C GLU C 311 29.79 1.72 24.51
N GLU C 312 30.68 2.75 24.59
CA GLU C 312 31.84 2.91 23.68
C GLU C 312 32.82 1.76 23.82
N ALA C 313 33.14 1.36 25.07
CA ALA C 313 34.05 0.25 25.33
C ALA C 313 33.46 -1.04 24.77
N ARG C 314 32.14 -1.26 24.95
CA ARG C 314 31.43 -2.42 24.39
C ARG C 314 31.48 -2.39 22.86
N LEU C 315 31.41 -1.20 22.25
CA LEU C 315 31.45 -1.09 20.80
C LEU C 315 32.86 -1.38 20.26
N LYS C 316 33.87 -0.89 20.99
CA LYS C 316 35.26 -1.17 20.62
C LYS C 316 35.57 -2.67 20.80
N LYS C 317 34.89 -3.34 21.76
CA LYS C 317 35.08 -4.78 22.03
C LYS C 317 34.51 -5.58 20.89
N SER C 318 33.35 -5.13 20.35
CA SER C 318 32.68 -5.76 19.22
C SER C 318 33.58 -5.68 17.99
N ALA C 319 34.19 -4.48 17.76
CA ALA C 319 35.12 -4.20 16.66
C ALA C 319 36.33 -5.13 16.76
N ASP C 320 36.92 -5.26 17.97
CA ASP C 320 38.04 -6.16 18.23
C ASP C 320 37.72 -7.63 17.90
N THR C 321 36.51 -8.09 18.28
CA THR C 321 36.03 -9.46 18.03
C THR C 321 35.98 -9.69 16.52
N LEU C 322 35.39 -8.75 15.77
CA LEU C 322 35.30 -8.86 14.30
C LEU C 322 36.69 -8.83 13.64
N TRP C 323 37.57 -7.92 14.07
CA TRP C 323 38.95 -7.82 13.56
C TRP C 323 39.74 -9.11 13.79
N GLY C 324 39.56 -9.71 14.96
CA GLY C 324 40.18 -10.97 15.34
C GLY C 324 39.91 -12.07 14.33
N ILE C 325 38.67 -12.11 13.78
CA ILE C 325 38.25 -13.07 12.75
C ILE C 325 38.74 -12.58 11.36
N GLN C 326 38.43 -11.31 11.02
CA GLN C 326 38.75 -10.67 9.74
C GLN C 326 40.23 -10.65 9.34
N LYS C 327 41.14 -10.29 10.27
CA LYS C 327 42.59 -10.21 10.00
C LYS C 327 43.25 -11.51 9.51
N GLU C 328 42.63 -12.66 9.79
CA GLU C 328 43.16 -13.97 9.39
C GLU C 328 42.57 -14.47 8.06
N LEU C 329 41.73 -13.67 7.39
CA LEU C 329 41.13 -14.09 6.12
C LEU C 329 42.07 -13.99 4.93
N GLN C 330 41.96 -14.96 4.01
CA GLN C 330 42.71 -15.01 2.76
C GLN C 330 41.73 -15.07 1.59
N PHE C 331 41.81 -14.07 0.70
CA PHE C 331 40.98 -13.92 -0.50
C PHE C 331 41.60 -12.90 -1.47
N ALA D 2 7.45 1.51 38.86
CA ALA D 2 7.80 0.92 37.57
C ALA D 2 8.01 1.96 36.47
N LEU D 3 8.90 1.62 35.52
CA LEU D 3 9.26 2.46 34.40
C LEU D 3 8.06 2.82 33.49
N LYS D 4 7.23 1.83 33.15
CA LYS D 4 6.03 2.03 32.32
C LYS D 4 5.12 3.10 32.96
N ASP D 5 4.94 3.04 34.29
CA ASP D 5 4.13 3.98 35.04
C ASP D 5 4.74 5.38 35.16
N GLN D 6 6.09 5.48 35.25
CA GLN D 6 6.76 6.79 35.31
C GLN D 6 6.65 7.48 33.94
N LEU D 7 6.66 6.69 32.87
CA LEU D 7 6.62 7.20 31.51
C LEU D 7 5.21 7.50 31.01
N ILE D 8 4.25 6.64 31.37
CA ILE D 8 2.90 6.71 30.82
C ILE D 8 1.82 6.74 31.91
N VAL D 9 0.81 7.59 31.70
CA VAL D 9 -0.36 7.65 32.57
C VAL D 9 -1.53 6.99 31.81
N ASN D 10 -2.10 5.93 32.41
CA ASN D 10 -3.19 5.20 31.80
C ASN D 10 -4.54 5.89 32.02
N LEU D 11 -5.35 6.01 30.95
CA LEU D 11 -6.66 6.64 31.08
C LEU D 11 -7.75 5.63 31.36
N LEU D 12 -7.71 4.46 30.70
CA LEU D 12 -8.74 3.43 30.85
C LEU D 12 -8.23 2.00 30.56
N LYS D 13 -8.95 0.99 31.11
CA LYS D 13 -8.73 -0.43 30.83
C LYS D 13 -9.64 -0.69 29.65
N GLU D 14 -9.05 -0.85 28.45
CA GLU D 14 -9.77 -1.07 27.20
C GLU D 14 -10.39 -2.46 27.12
N GLU D 15 -11.44 -2.60 26.27
CA GLU D 15 -12.15 -3.84 26.01
C GLU D 15 -11.23 -4.89 25.39
N GLN D 16 -10.25 -4.41 24.59
CA GLN D 16 -9.21 -5.17 23.88
C GLN D 16 -9.70 -6.02 22.68
N VAL D 17 -11.01 -6.38 22.61
CA VAL D 17 -11.55 -7.21 21.53
C VAL D 17 -11.20 -6.64 20.13
N PRO D 18 -10.40 -7.37 19.33
CA PRO D 18 -10.03 -6.84 18.00
C PRO D 18 -11.25 -6.73 17.07
N GLN D 19 -11.17 -5.81 16.11
CA GLN D 19 -12.25 -5.55 15.17
C GLN D 19 -12.09 -6.27 13.84
N ASN D 20 -10.85 -6.65 13.51
CA ASN D 20 -10.52 -7.27 12.23
C ASN D 20 -9.52 -8.42 12.43
N LYS D 21 -9.85 -9.33 13.33
CA LYS D 21 -8.95 -10.44 13.62
C LYS D 21 -9.08 -11.56 12.61
N ILE D 22 -7.90 -12.07 12.19
CA ILE D 22 -7.79 -13.22 11.30
C ILE D 22 -7.00 -14.33 12.03
N THR D 23 -7.47 -15.58 11.92
CA THR D 23 -6.80 -16.76 12.44
C THR D 23 -6.31 -17.58 11.26
N VAL D 24 -5.07 -18.06 11.35
CA VAL D 24 -4.57 -19.04 10.38
C VAL D 24 -4.34 -20.35 11.16
N VAL D 25 -5.05 -21.42 10.75
CA VAL D 25 -4.91 -22.74 11.37
C VAL D 25 -3.96 -23.51 10.45
N GLY D 26 -2.83 -23.91 11.02
CA GLY D 26 -1.79 -24.66 10.32
C GLY D 26 -0.64 -23.74 9.99
N VAL D 27 0.55 -24.04 10.53
CA VAL D 27 1.77 -23.28 10.29
C VAL D 27 2.75 -23.99 9.34
N GLY D 28 2.21 -24.82 8.45
CA GLY D 28 3.01 -25.45 7.39
C GLY D 28 3.38 -24.38 6.37
N ALA D 29 3.91 -24.79 5.21
CA ALA D 29 4.33 -23.81 4.21
C ALA D 29 3.16 -22.97 3.65
N VAL D 30 1.99 -23.60 3.41
CA VAL D 30 0.79 -22.90 2.95
C VAL D 30 0.32 -21.87 3.99
N GLY D 31 0.14 -22.30 5.24
CA GLY D 31 -0.32 -21.45 6.33
C GLY D 31 0.55 -20.22 6.57
N MET D 32 1.88 -20.43 6.57
CA MET D 32 2.82 -19.31 6.76
C MET D 32 2.82 -18.35 5.56
N ALA D 33 2.62 -18.85 4.33
CA ALA D 33 2.56 -17.98 3.13
C ALA D 33 1.27 -17.16 3.21
N CYS D 34 0.17 -17.78 3.69
CA CYS D 34 -1.09 -17.06 3.94
C CYS D 34 -0.86 -15.94 4.99
N ALA D 35 -0.15 -16.27 6.09
CA ALA D 35 0.18 -15.36 7.20
C ALA D 35 0.98 -14.15 6.75
N ILE D 36 2.09 -14.37 6.03
CA ILE D 36 2.92 -13.25 5.56
C ILE D 36 2.18 -12.33 4.59
N SER D 37 1.42 -12.91 3.64
CA SER D 37 0.67 -12.16 2.62
C SER D 37 -0.36 -11.25 3.28
N ILE D 38 -1.12 -11.79 4.26
CA ILE D 38 -2.13 -11.05 5.02
C ILE D 38 -1.48 -9.89 5.82
N LEU D 39 -0.32 -10.16 6.47
CA LEU D 39 0.42 -9.14 7.22
C LEU D 39 0.92 -8.03 6.30
N MET D 40 1.39 -8.38 5.09
N MET D 40 1.39 -8.40 5.08
CA MET D 40 1.89 -7.37 4.17
CA MET D 40 1.90 -7.45 4.07
C MET D 40 0.78 -6.62 3.42
C MET D 40 0.77 -6.61 3.46
N LYS D 41 -0.49 -7.08 3.57
CA LYS D 41 -1.65 -6.42 2.98
C LYS D 41 -2.46 -5.62 4.00
N ASP D 42 -2.00 -5.59 5.27
CA ASP D 42 -2.61 -4.80 6.36
C ASP D 42 -4.10 -5.06 6.52
N LEU D 43 -4.49 -6.34 6.41
CA LEU D 43 -5.89 -6.74 6.47
C LEU D 43 -6.39 -6.92 7.88
N ALA D 44 -5.49 -7.21 8.83
CA ALA D 44 -5.90 -7.53 10.19
C ALA D 44 -5.27 -6.67 11.28
N ASP D 45 -5.98 -6.52 12.42
CA ASP D 45 -5.44 -5.82 13.60
C ASP D 45 -4.88 -6.83 14.59
N GLU D 46 -5.21 -8.11 14.36
CA GLU D 46 -4.71 -9.22 15.16
C GLU D 46 -4.62 -10.47 14.32
N LEU D 47 -3.47 -11.13 14.40
CA LEU D 47 -3.28 -12.39 13.72
C LEU D 47 -3.05 -13.47 14.76
N ALA D 48 -3.81 -14.56 14.64
CA ALA D 48 -3.63 -15.71 15.54
C ALA D 48 -3.23 -16.95 14.75
N LEU D 49 -2.24 -17.71 15.26
CA LEU D 49 -1.80 -18.96 14.62
C LEU D 49 -2.08 -20.13 15.53
N VAL D 50 -2.55 -21.25 14.95
CA VAL D 50 -2.83 -22.49 15.68
C VAL D 50 -2.18 -23.64 14.95
N ASP D 51 -1.56 -24.55 15.70
CA ASP D 51 -1.00 -25.79 15.19
C ASP D 51 -0.85 -26.78 16.34
N VAL D 52 -0.46 -28.03 16.03
CA VAL D 52 -0.26 -29.10 17.01
C VAL D 52 1.21 -29.33 17.41
N ILE D 53 2.17 -28.83 16.60
CA ILE D 53 3.60 -28.97 16.88
C ILE D 53 4.00 -27.69 17.61
N GLU D 54 4.11 -27.79 18.96
CA GLU D 54 4.38 -26.64 19.85
C GLU D 54 5.59 -25.78 19.51
N ASP D 55 6.76 -26.40 19.28
CA ASP D 55 8.02 -25.72 18.95
C ASP D 55 7.93 -24.93 17.65
N LYS D 56 7.46 -25.57 16.57
CA LYS D 56 7.29 -25.00 15.24
C LYS D 56 6.30 -23.82 15.29
N LEU D 57 5.15 -24.01 15.98
CA LEU D 57 4.16 -22.95 16.14
C LEU D 57 4.80 -21.74 16.81
N LYS D 58 5.48 -21.95 17.94
CA LYS D 58 6.13 -20.86 18.68
C LYS D 58 7.23 -20.19 17.84
N GLY D 59 8.08 -20.98 17.16
CA GLY D 59 9.16 -20.47 16.31
C GLY D 59 8.60 -19.55 15.22
N GLU D 60 7.54 -20.01 14.53
CA GLU D 60 6.85 -19.24 13.49
C GLU D 60 6.25 -17.93 14.02
N MET D 61 5.58 -17.98 15.20
CA MET D 61 4.99 -16.79 15.78
C MET D 61 6.06 -15.76 16.13
N MET D 62 7.15 -16.20 16.79
CA MET D 62 8.25 -15.30 17.19
C MET D 62 8.90 -14.61 15.98
N ASP D 63 9.11 -15.37 14.88
CA ASP D 63 9.75 -14.87 13.66
C ASP D 63 8.87 -13.77 12.99
N LEU D 64 7.52 -13.94 12.96
CA LEU D 64 6.63 -12.89 12.43
C LEU D 64 6.67 -11.70 13.37
N GLN D 65 6.59 -11.94 14.69
CA GLN D 65 6.63 -10.89 15.74
C GLN D 65 7.84 -9.99 15.62
N HIS D 66 9.00 -10.59 15.31
CA HIS D 66 10.27 -9.86 15.18
C HIS D 66 10.26 -8.87 14.01
N GLY D 67 9.34 -9.06 13.07
CA GLY D 67 9.16 -8.12 11.96
C GLY D 67 8.10 -7.06 12.18
N SER D 68 7.50 -6.96 13.42
CA SER D 68 6.41 -6.03 13.78
C SER D 68 6.65 -4.59 13.44
N LEU D 69 7.89 -4.13 13.61
CA LEU D 69 8.27 -2.75 13.28
C LEU D 69 7.93 -2.42 11.81
N PHE D 70 8.03 -3.43 10.93
CA PHE D 70 7.83 -3.28 9.48
C PHE D 70 6.41 -3.53 9.05
N LEU D 71 5.54 -3.78 10.04
CA LEU D 71 4.13 -4.12 9.81
C LEU D 71 3.16 -3.15 10.47
N LYS D 72 1.85 -3.38 10.27
CA LYS D 72 0.78 -2.58 10.85
C LYS D 72 -0.28 -3.51 11.46
N THR D 73 0.19 -4.66 12.02
CA THR D 73 -0.63 -5.67 12.68
C THR D 73 -0.11 -5.70 14.12
N PRO D 74 -0.75 -4.91 15.00
CA PRO D 74 -0.23 -4.71 16.37
C PRO D 74 -0.15 -5.92 17.31
N LYS D 75 -0.82 -7.03 16.98
CA LYS D 75 -0.80 -8.21 17.84
C LYS D 75 -0.76 -9.47 17.02
N ILE D 76 0.26 -10.31 17.26
CA ILE D 76 0.50 -11.61 16.65
C ILE D 76 0.62 -12.62 17.77
N VAL D 77 -0.27 -13.63 17.77
CA VAL D 77 -0.33 -14.63 18.83
C VAL D 77 -0.39 -16.02 18.27
N SER D 78 -0.13 -17.01 19.12
CA SER D 78 -0.22 -18.42 18.76
C SER D 78 -0.52 -19.28 19.99
N SER D 79 -1.15 -20.44 19.78
CA SER D 79 -1.44 -21.44 20.81
C SER D 79 -1.95 -22.68 20.16
N LYS D 80 -1.84 -23.83 20.86
CA LYS D 80 -2.41 -25.07 20.39
C LYS D 80 -3.91 -25.02 20.78
N ASP D 81 -4.24 -24.16 21.78
CA ASP D 81 -5.59 -23.98 22.34
CA ASP D 81 -5.60 -23.99 22.31
C ASP D 81 -6.36 -22.98 21.47
N TYR D 82 -7.57 -23.35 21.01
CA TYR D 82 -8.42 -22.51 20.18
C TYR D 82 -8.98 -21.25 20.84
N SER D 83 -8.78 -21.07 22.16
CA SER D 83 -9.20 -19.84 22.85
C SER D 83 -8.43 -18.62 22.28
N VAL D 84 -7.22 -18.87 21.73
CA VAL D 84 -6.38 -17.82 21.10
C VAL D 84 -7.04 -17.22 19.85
N THR D 85 -7.99 -17.97 19.26
CA THR D 85 -8.70 -17.62 18.03
C THR D 85 -10.00 -16.86 18.27
N ALA D 86 -10.34 -16.63 19.55
CA ALA D 86 -11.61 -15.98 19.92
C ALA D 86 -11.81 -14.66 19.18
N ASN D 87 -13.05 -14.43 18.72
CA ASN D 87 -13.52 -13.24 18.00
C ASN D 87 -12.81 -13.00 16.68
N SER D 88 -12.54 -14.06 15.91
CA SER D 88 -11.92 -13.89 14.61
C SER D 88 -13.03 -13.55 13.62
N LYS D 89 -12.79 -12.65 12.67
CA LYS D 89 -13.77 -12.33 11.63
C LYS D 89 -13.65 -13.39 10.55
N LEU D 90 -12.41 -13.84 10.31
CA LEU D 90 -12.06 -14.81 9.29
C LEU D 90 -11.10 -15.84 9.88
N VAL D 91 -11.42 -17.13 9.71
CA VAL D 91 -10.57 -18.24 10.15
C VAL D 91 -10.22 -19.03 8.90
N ILE D 92 -8.91 -19.09 8.60
CA ILE D 92 -8.36 -19.76 7.42
C ILE D 92 -7.74 -21.11 7.83
N ILE D 93 -8.31 -22.21 7.31
CA ILE D 93 -7.83 -23.57 7.63
C ILE D 93 -6.92 -24.07 6.52
N THR D 94 -5.64 -24.27 6.87
CA THR D 94 -4.62 -24.78 5.93
C THR D 94 -4.02 -26.11 6.49
N ALA D 95 -4.47 -26.55 7.69
CA ALA D 95 -3.95 -27.75 8.37
C ALA D 95 -4.30 -29.05 7.67
N GLY D 96 -3.50 -30.08 7.97
CA GLY D 96 -3.69 -31.43 7.47
C GLY D 96 -2.59 -31.94 6.54
N ALA D 97 -2.79 -33.17 6.03
CA ALA D 97 -1.87 -33.78 5.09
C ALA D 97 -1.84 -32.96 3.80
N ARG D 98 -0.68 -32.92 3.17
CA ARG D 98 -0.52 -32.23 1.90
C ARG D 98 0.01 -33.21 0.86
N GLN D 99 -0.21 -32.90 -0.45
CA GLN D 99 0.22 -33.76 -1.54
C GLN D 99 1.70 -34.01 -1.50
N GLN D 100 2.10 -35.26 -1.73
CA GLN D 100 3.49 -35.62 -1.90
C GLN D 100 3.66 -35.57 -3.41
N GLU D 101 4.85 -35.84 -3.91
CA GLU D 101 5.11 -35.83 -5.35
C GLU D 101 4.27 -36.90 -6.03
N GLY D 102 3.49 -36.50 -7.03
CA GLY D 102 2.66 -37.41 -7.81
C GLY D 102 1.31 -37.72 -7.20
N GLU D 103 1.07 -37.27 -5.94
CA GLU D 103 -0.15 -37.55 -5.20
C GLU D 103 -1.31 -36.64 -5.56
N SER D 104 -2.48 -37.26 -5.81
CA SER D 104 -3.72 -36.56 -6.08
C SER D 104 -4.17 -35.89 -4.80
N ARG D 105 -4.76 -34.69 -4.89
CA ARG D 105 -5.30 -33.98 -3.72
C ARG D 105 -6.44 -34.80 -3.09
N LEU D 106 -7.13 -35.61 -3.90
CA LEU D 106 -8.25 -36.45 -3.44
C LEU D 106 -7.77 -37.56 -2.50
N ASN D 107 -6.48 -37.90 -2.56
CA ASN D 107 -5.88 -38.92 -1.71
C ASN D 107 -5.76 -38.50 -0.24
N LEU D 108 -5.82 -37.18 0.03
CA LEU D 108 -5.72 -36.60 1.37
C LEU D 108 -7.07 -36.60 2.13
N VAL D 109 -8.17 -36.95 1.43
CA VAL D 109 -9.55 -36.88 1.93
C VAL D 109 -9.85 -37.46 3.32
N GLN D 110 -9.59 -38.75 3.59
CA GLN D 110 -9.91 -39.30 4.92
C GLN D 110 -9.08 -38.72 6.04
N ARG D 111 -7.77 -38.56 5.81
CA ARG D 111 -6.84 -37.98 6.77
C ARG D 111 -7.29 -36.57 7.12
N ASN D 112 -7.67 -35.77 6.11
CA ASN D 112 -8.09 -34.40 6.37
C ASN D 112 -9.49 -34.25 6.94
N VAL D 113 -10.44 -35.18 6.59
CA VAL D 113 -11.80 -35.19 7.16
C VAL D 113 -11.69 -35.49 8.67
N ASN D 114 -10.76 -36.39 9.06
CA ASN D 114 -10.52 -36.76 10.46
C ASN D 114 -9.97 -35.59 11.27
N ILE D 115 -8.98 -34.87 10.69
CA ILE D 115 -8.40 -33.65 11.29
C ILE D 115 -9.47 -32.57 11.41
N PHE D 116 -10.31 -32.39 10.37
CA PHE D 116 -11.39 -31.39 10.37
C PHE D 116 -12.44 -31.68 11.46
N LYS D 117 -12.62 -32.96 11.84
CA LYS D 117 -13.55 -33.37 12.90
C LYS D 117 -13.16 -32.77 14.26
N PHE D 118 -11.86 -32.50 14.50
CA PHE D 118 -11.36 -31.88 15.73
C PHE D 118 -11.31 -30.35 15.60
N ILE D 119 -10.73 -29.86 14.47
CA ILE D 119 -10.55 -28.43 14.18
C ILE D 119 -11.85 -27.61 14.14
N ILE D 120 -12.79 -27.99 13.27
CA ILE D 120 -14.04 -27.25 13.03
C ILE D 120 -14.87 -26.96 14.30
N PRO D 121 -15.16 -27.92 15.20
CA PRO D 121 -15.93 -27.56 16.42
C PRO D 121 -15.17 -26.58 17.31
N ASN D 122 -13.82 -26.65 17.33
CA ASN D 122 -12.98 -25.76 18.14
C ASN D 122 -12.98 -24.31 17.63
N VAL D 123 -12.97 -24.12 16.29
CA VAL D 123 -13.03 -22.81 15.63
C VAL D 123 -14.40 -22.19 15.96
N VAL D 124 -15.48 -22.95 15.68
CA VAL D 124 -16.89 -22.57 15.87
C VAL D 124 -17.17 -22.12 17.31
N LYS D 125 -16.66 -22.87 18.30
CA LYS D 125 -16.79 -22.59 19.73
C LYS D 125 -16.32 -21.17 20.09
N TYR D 126 -15.16 -20.71 19.51
CA TYR D 126 -14.59 -19.40 19.84
C TYR D 126 -14.93 -18.25 18.92
N SER D 127 -15.35 -18.56 17.70
CA SER D 127 -15.74 -17.53 16.74
C SER D 127 -17.05 -17.98 16.06
N PRO D 128 -18.19 -18.00 16.78
CA PRO D 128 -19.44 -18.45 16.14
C PRO D 128 -19.96 -17.61 14.96
N GLN D 129 -19.46 -16.37 14.83
CA GLN D 129 -19.87 -15.47 13.76
C GLN D 129 -18.84 -15.33 12.65
N CYS D 130 -17.72 -16.09 12.71
CA CYS D 130 -16.67 -16.01 11.70
C CYS D 130 -17.09 -16.50 10.34
N LYS D 131 -16.29 -16.14 9.34
CA LYS D 131 -16.38 -16.72 8.00
C LYS D 131 -15.27 -17.74 8.01
N LEU D 132 -15.55 -18.93 7.48
CA LEU D 132 -14.56 -19.97 7.39
C LEU D 132 -13.98 -19.98 5.99
N LEU D 133 -12.66 -19.94 5.86
CA LEU D 133 -12.00 -19.97 4.54
C LEU D 133 -11.14 -21.23 4.47
N ILE D 134 -11.62 -22.25 3.73
CA ILE D 134 -10.96 -23.55 3.62
C ILE D 134 -9.90 -23.55 2.53
N VAL D 135 -8.69 -23.95 2.89
CA VAL D 135 -7.54 -24.03 1.96
C VAL D 135 -7.01 -25.47 1.85
N SER D 136 -7.08 -26.21 2.97
CA SER D 136 -6.66 -27.62 3.07
C SER D 136 -7.29 -28.43 1.92
N ASN D 137 -6.58 -29.47 1.43
CA ASN D 137 -7.04 -30.26 0.30
C ASN D 137 -7.60 -31.65 0.64
N PRO D 138 -8.54 -32.21 -0.18
CA PRO D 138 -9.21 -31.60 -1.35
C PRO D 138 -10.21 -30.53 -0.92
N VAL D 139 -9.87 -29.27 -1.25
CA VAL D 139 -10.59 -28.06 -0.87
C VAL D 139 -12.11 -28.09 -1.06
N ASP D 140 -12.58 -28.56 -2.22
CA ASP D 140 -14.02 -28.61 -2.51
C ASP D 140 -14.77 -29.48 -1.51
N ILE D 141 -14.32 -30.73 -1.34
CA ILE D 141 -14.87 -31.70 -0.39
C ILE D 141 -14.71 -31.20 1.06
N LEU D 142 -13.54 -30.62 1.40
CA LEU D 142 -13.32 -30.09 2.74
C LEU D 142 -14.15 -28.85 3.08
N THR D 143 -14.60 -28.07 2.06
CA THR D 143 -15.52 -26.95 2.29
C THR D 143 -16.89 -27.52 2.66
N TYR D 144 -17.30 -28.61 1.99
CA TYR D 144 -18.55 -29.32 2.30
C TYR D 144 -18.48 -29.85 3.74
N VAL D 145 -17.33 -30.46 4.10
CA VAL D 145 -17.08 -31.02 5.44
C VAL D 145 -17.16 -29.93 6.50
N ALA D 146 -16.42 -28.81 6.30
CA ALA D 146 -16.48 -27.68 7.25
C ALA D 146 -17.92 -27.14 7.40
N TRP D 147 -18.68 -27.07 6.29
CA TRP D 147 -20.08 -26.60 6.29
C TRP D 147 -20.95 -27.50 7.16
N LYS D 148 -20.91 -28.83 6.91
CA LYS D 148 -21.67 -29.83 7.66
C LYS D 148 -21.30 -29.84 9.15
N ILE D 149 -20.00 -29.82 9.49
CA ILE D 149 -19.53 -29.83 10.87
C ILE D 149 -19.88 -28.55 11.64
N SER D 150 -19.57 -27.38 11.05
CA SER D 150 -19.81 -26.07 11.66
C SER D 150 -21.25 -25.77 12.00
N GLY D 151 -22.18 -26.19 11.14
CA GLY D 151 -23.59 -25.86 11.25
C GLY D 151 -23.84 -24.45 10.73
N PHE D 152 -22.79 -23.77 10.22
CA PHE D 152 -22.88 -22.40 9.70
C PHE D 152 -23.74 -22.35 8.42
N PRO D 153 -24.36 -21.19 8.08
CA PRO D 153 -25.06 -21.11 6.78
C PRO D 153 -24.01 -21.14 5.66
N LYS D 154 -24.36 -21.66 4.48
CA LYS D 154 -23.42 -21.80 3.35
C LYS D 154 -22.63 -20.54 2.91
N ASN D 155 -23.20 -19.31 3.10
CA ASN D 155 -22.49 -18.05 2.75
C ASN D 155 -21.18 -17.89 3.55
N ARG D 156 -21.14 -18.39 4.82
CA ARG D 156 -19.98 -18.26 5.72
C ARG D 156 -18.92 -19.36 5.64
N VAL D 157 -19.06 -20.29 4.69
CA VAL D 157 -18.10 -21.40 4.53
C VAL D 157 -17.58 -21.40 3.10
N ILE D 158 -16.35 -20.88 2.94
CA ILE D 158 -15.76 -20.68 1.62
C ILE D 158 -14.52 -21.51 1.42
N GLY D 159 -14.35 -22.04 0.22
CA GLY D 159 -13.15 -22.77 -0.16
C GLY D 159 -12.34 -21.93 -1.13
N SER D 160 -11.01 -21.94 -0.97
CA SER D 160 -10.12 -21.18 -1.85
C SER D 160 -10.31 -21.57 -3.31
N GLY D 161 -10.77 -22.80 -3.53
CA GLY D 161 -11.12 -23.38 -4.83
C GLY D 161 -10.19 -23.10 -5.99
N CYS D 162 -10.76 -22.56 -7.09
CA CYS D 162 -10.07 -22.24 -8.35
C CYS D 162 -9.60 -20.81 -8.47
N ASN D 163 -9.53 -20.09 -7.33
CA ASN D 163 -9.02 -18.72 -7.34
C ASN D 163 -7.56 -18.75 -7.87
N LEU D 164 -6.75 -19.68 -7.37
CA LEU D 164 -5.36 -19.85 -7.83
C LEU D 164 -5.31 -20.46 -9.25
N ASP D 165 -6.18 -21.44 -9.55
CA ASP D 165 -6.20 -22.06 -10.89
C ASP D 165 -6.44 -21.01 -11.98
N SER D 166 -7.35 -20.10 -11.72
CA SER D 166 -7.69 -18.98 -12.60
C SER D 166 -6.55 -17.95 -12.64
N ALA D 167 -5.86 -17.70 -11.51
CA ALA D 167 -4.71 -16.77 -11.47
C ALA D 167 -3.55 -17.33 -12.34
N ARG D 168 -3.33 -18.65 -12.27
CA ARG D 168 -2.32 -19.36 -13.06
C ARG D 168 -2.68 -19.27 -14.55
N PHE D 169 -3.95 -19.46 -14.86
CA PHE D 169 -4.48 -19.38 -16.23
C PHE D 169 -4.22 -17.99 -16.82
N ARG D 170 -4.54 -16.95 -16.05
CA ARG D 170 -4.37 -15.54 -16.45
C ARG D 170 -2.90 -15.18 -16.60
N TYR D 171 -2.02 -15.70 -15.72
CA TYR D 171 -0.57 -15.51 -15.83
C TYR D 171 -0.03 -16.10 -17.17
N LEU D 172 -0.38 -17.36 -17.47
CA LEU D 172 0.07 -18.09 -18.67
C LEU D 172 -0.42 -17.42 -19.96
N MET D 173 -1.71 -17.04 -19.98
CA MET D 173 -2.33 -16.30 -21.07
C MET D 173 -1.58 -14.95 -21.26
N GLY D 174 -1.30 -14.26 -20.15
CA GLY D 174 -0.53 -13.02 -20.12
C GLY D 174 0.84 -13.17 -20.75
N GLU D 175 1.55 -14.27 -20.39
CA GLU D 175 2.86 -14.59 -20.97
C GLU D 175 2.78 -14.85 -22.48
N ARG D 176 1.72 -15.54 -22.95
CA ARG D 176 1.54 -15.82 -24.36
C ARG D 176 1.24 -14.56 -25.16
N LEU D 177 0.51 -13.62 -24.57
CA LEU D 177 0.09 -12.40 -25.27
C LEU D 177 0.95 -11.13 -25.02
N GLY D 178 1.85 -11.16 -24.04
CA GLY D 178 2.66 -10.00 -23.69
C GLY D 178 1.84 -8.91 -23.06
N VAL D 179 0.87 -9.32 -22.23
CA VAL D 179 -0.07 -8.45 -21.52
C VAL D 179 -0.05 -8.86 -20.05
N HIS D 180 -0.17 -7.89 -19.12
CA HIS D 180 -0.21 -8.18 -17.69
C HIS D 180 -1.41 -9.09 -17.39
N PRO D 181 -1.27 -10.09 -16.47
CA PRO D 181 -2.42 -10.98 -16.15
C PRO D 181 -3.69 -10.23 -15.73
N LEU D 182 -3.53 -9.00 -15.18
CA LEU D 182 -4.68 -8.17 -14.77
C LEU D 182 -5.57 -7.81 -15.99
N SER D 183 -4.97 -7.73 -17.18
CA SER D 183 -5.71 -7.41 -18.41
C SER D 183 -6.06 -8.64 -19.24
N CYS D 184 -5.75 -9.84 -18.72
CA CYS D 184 -6.10 -11.13 -19.34
C CYS D 184 -7.22 -11.74 -18.52
N HIS D 185 -8.34 -12.07 -19.16
CA HIS D 185 -9.52 -12.59 -18.45
C HIS D 185 -9.84 -14.00 -18.91
N GLY D 186 -10.08 -14.86 -17.93
CA GLY D 186 -10.36 -16.28 -18.17
C GLY D 186 -10.74 -16.95 -16.86
N TRP D 187 -11.66 -17.91 -16.95
CA TRP D 187 -12.19 -18.59 -15.77
C TRP D 187 -11.97 -20.10 -15.84
N VAL D 188 -11.37 -20.65 -14.77
CA VAL D 188 -11.15 -22.09 -14.58
C VAL D 188 -12.11 -22.45 -13.43
N LEU D 189 -13.11 -23.29 -13.70
CA LEU D 189 -14.15 -23.68 -12.73
C LEU D 189 -14.14 -25.19 -12.36
N GLY D 190 -15.03 -25.60 -11.45
CA GLY D 190 -15.15 -26.98 -10.98
C GLY D 190 -14.19 -27.32 -9.85
N GLU D 191 -13.62 -28.52 -9.86
CA GLU D 191 -12.68 -28.99 -8.83
C GLU D 191 -11.35 -28.25 -8.86
N HIS D 192 -10.76 -27.98 -7.68
CA HIS D 192 -9.39 -27.44 -7.59
C HIS D 192 -8.51 -28.72 -7.66
N GLY D 193 -8.30 -29.16 -8.90
CA GLY D 193 -7.55 -30.36 -9.24
C GLY D 193 -7.72 -30.76 -10.70
N ASP D 194 -7.46 -32.04 -10.99
CA ASP D 194 -7.46 -32.61 -12.34
C ASP D 194 -8.71 -32.42 -13.18
N SER D 195 -9.90 -32.42 -12.56
CA SER D 195 -11.16 -32.29 -13.32
C SER D 195 -11.65 -30.82 -13.57
N SER D 196 -10.79 -29.80 -13.29
CA SER D 196 -11.12 -28.39 -13.51
C SER D 196 -11.51 -28.12 -14.95
N VAL D 197 -12.32 -27.08 -15.15
CA VAL D 197 -12.87 -26.71 -16.46
C VAL D 197 -12.45 -25.33 -16.92
N PRO D 198 -11.71 -25.22 -18.06
CA PRO D 198 -11.41 -23.87 -18.59
C PRO D 198 -12.62 -23.39 -19.41
N VAL D 199 -13.12 -22.17 -19.10
CA VAL D 199 -14.29 -21.63 -19.80
C VAL D 199 -13.81 -20.79 -20.98
N TRP D 200 -13.49 -21.47 -22.09
CA TRP D 200 -12.96 -20.87 -23.32
C TRP D 200 -13.83 -19.77 -23.90
N SER D 201 -15.15 -19.89 -23.76
CA SER D 201 -16.11 -18.90 -24.27
C SER D 201 -16.00 -17.53 -23.59
N GLY D 202 -15.46 -17.50 -22.38
CA GLY D 202 -15.30 -16.26 -21.62
C GLY D 202 -13.88 -15.72 -21.60
N VAL D 203 -12.93 -16.40 -22.29
CA VAL D 203 -11.52 -15.99 -22.36
C VAL D 203 -11.43 -14.78 -23.28
N ASN D 204 -10.90 -13.66 -22.75
CA ASN D 204 -10.85 -12.40 -23.47
C ASN D 204 -9.83 -11.42 -22.94
N VAL D 205 -9.49 -10.43 -23.79
CA VAL D 205 -8.65 -9.29 -23.48
C VAL D 205 -9.45 -8.12 -24.03
N ALA D 206 -9.73 -7.12 -23.16
CA ALA D 206 -10.51 -5.92 -23.51
C ALA D 206 -11.92 -6.27 -24.07
N GLY D 207 -12.47 -7.38 -23.59
CA GLY D 207 -13.78 -7.84 -24.00
C GLY D 207 -13.84 -8.46 -25.38
N VAL D 208 -12.67 -8.74 -25.99
CA VAL D 208 -12.54 -9.38 -27.30
C VAL D 208 -12.38 -10.87 -27.03
N SER D 209 -13.39 -11.66 -27.42
CA SER D 209 -13.38 -13.10 -27.23
C SER D 209 -12.23 -13.75 -28.04
N LEU D 210 -11.30 -14.44 -27.35
CA LEU D 210 -10.19 -15.10 -28.03
C LEU D 210 -10.72 -16.20 -28.98
N LYS D 211 -11.88 -16.80 -28.61
CA LYS D 211 -12.61 -17.78 -29.40
C LYS D 211 -13.29 -17.13 -30.63
N SER D 212 -13.57 -15.82 -30.61
CA SER D 212 -14.17 -15.18 -31.79
C SER D 212 -13.13 -15.01 -32.89
N LEU D 213 -11.85 -14.87 -32.49
CA LEU D 213 -10.74 -14.74 -33.43
C LEU D 213 -10.27 -16.14 -33.87
N ASN D 214 -10.26 -17.12 -32.94
CA ASN D 214 -9.90 -18.52 -33.19
C ASN D 214 -11.07 -19.41 -32.73
N PRO D 215 -11.98 -19.84 -33.64
CA PRO D 215 -13.13 -20.67 -33.21
C PRO D 215 -12.75 -22.02 -32.60
N GLN D 216 -11.56 -22.50 -32.96
CA GLN D 216 -10.99 -23.77 -32.53
C GLN D 216 -10.23 -23.67 -31.19
N LEU D 217 -10.26 -22.49 -30.53
CA LEU D 217 -9.61 -22.22 -29.24
C LEU D 217 -9.92 -23.26 -28.18
N GLY D 218 -8.87 -23.88 -27.64
CA GLY D 218 -8.99 -24.90 -26.59
C GLY D 218 -9.36 -26.30 -27.04
N THR D 219 -9.53 -26.55 -28.35
CA THR D 219 -9.87 -27.88 -28.88
C THR D 219 -8.61 -28.60 -29.36
N ASP D 220 -8.74 -29.88 -29.77
CA ASP D 220 -7.62 -30.67 -30.30
C ASP D 220 -7.16 -30.11 -31.64
N ALA D 221 -8.11 -29.51 -32.41
CA ALA D 221 -7.89 -28.89 -33.73
C ALA D 221 -7.29 -27.47 -33.67
N ASP D 222 -6.97 -26.95 -32.45
CA ASP D 222 -6.38 -25.62 -32.26
C ASP D 222 -4.94 -25.66 -32.72
N LYS D 223 -4.62 -24.88 -33.76
CA LYS D 223 -3.28 -24.82 -34.35
C LYS D 223 -2.21 -24.30 -33.37
N GLU D 224 -2.63 -23.49 -32.36
CA GLU D 224 -1.76 -22.92 -31.33
C GLU D 224 -1.79 -23.70 -30.01
N GLN D 225 -2.68 -24.72 -29.93
CA GLN D 225 -2.88 -25.62 -28.79
C GLN D 225 -3.10 -24.88 -27.46
N TRP D 226 -4.13 -24.01 -27.38
CA TRP D 226 -4.42 -23.29 -26.14
C TRP D 226 -4.83 -24.18 -24.97
N LYS D 227 -5.31 -25.41 -25.25
CA LYS D 227 -5.66 -26.44 -24.25
C LYS D 227 -4.43 -26.75 -23.37
N ASP D 228 -3.20 -26.63 -23.94
CA ASP D 228 -1.97 -26.84 -23.17
C ASP D 228 -1.84 -25.83 -22.03
N VAL D 229 -2.51 -24.65 -22.14
CA VAL D 229 -2.54 -23.62 -21.10
C VAL D 229 -3.35 -24.22 -19.95
N HIS D 230 -4.51 -24.87 -20.24
CA HIS D 230 -5.29 -25.50 -19.18
C HIS D 230 -4.55 -26.70 -18.59
N LYS D 231 -3.85 -27.47 -19.44
CA LYS D 231 -3.05 -28.62 -18.99
C LYS D 231 -1.95 -28.14 -18.03
N GLN D 232 -1.31 -26.99 -18.35
CA GLN D 232 -0.29 -26.38 -17.48
C GLN D 232 -0.91 -25.97 -16.14
N VAL D 233 -2.16 -25.46 -16.16
CA VAL D 233 -2.91 -25.09 -14.95
C VAL D 233 -3.07 -26.32 -14.05
N VAL D 234 -3.60 -27.43 -14.60
CA VAL D 234 -3.82 -28.71 -13.92
C VAL D 234 -2.51 -29.22 -13.33
N ASP D 235 -1.44 -29.28 -14.17
CA ASP D 235 -0.13 -29.81 -13.79
C ASP D 235 0.73 -28.94 -12.88
N SER D 236 0.47 -27.62 -12.83
CA SER D 236 1.26 -26.65 -12.07
C SER D 236 1.69 -27.07 -10.67
N ALA D 237 0.74 -27.46 -9.79
CA ALA D 237 1.06 -27.86 -8.41
C ALA D 237 1.94 -29.10 -8.38
N TYR D 238 1.71 -30.05 -9.30
CA TYR D 238 2.52 -31.28 -9.38
C TYR D 238 3.93 -30.90 -9.80
N GLU D 239 4.05 -30.03 -10.82
CA GLU D 239 5.34 -29.56 -11.34
C GLU D 239 6.15 -28.81 -10.27
N VAL D 240 5.48 -27.94 -9.49
CA VAL D 240 6.12 -27.14 -8.41
C VAL D 240 6.59 -28.04 -7.25
N ILE D 241 5.74 -28.99 -6.80
CA ILE D 241 6.05 -29.98 -5.74
C ILE D 241 7.28 -30.82 -6.13
N LYS D 242 7.35 -31.29 -7.39
CA LYS D 242 8.49 -32.06 -7.88
C LYS D 242 9.79 -31.24 -7.74
N LEU D 243 9.72 -29.93 -8.07
CA LEU D 243 10.85 -29.01 -8.06
C LEU D 243 11.30 -28.52 -6.67
N LYS D 244 10.36 -28.01 -5.86
CA LYS D 244 10.64 -27.47 -4.53
C LYS D 244 10.02 -28.24 -3.33
N GLY D 245 9.30 -29.32 -3.60
CA GLY D 245 8.76 -30.19 -2.55
C GLY D 245 7.35 -29.87 -2.07
N TYR D 246 6.83 -28.68 -2.45
CA TYR D 246 5.49 -28.17 -2.08
C TYR D 246 5.22 -26.89 -2.88
N THR D 247 4.03 -26.28 -2.70
CA THR D 247 3.71 -24.96 -3.25
C THR D 247 3.35 -24.07 -2.04
N SER D 248 3.62 -22.76 -2.14
CA SER D 248 3.33 -21.89 -1.00
C SER D 248 3.02 -20.48 -1.38
N TRP D 249 3.90 -19.82 -2.17
CA TRP D 249 3.74 -18.40 -2.48
C TRP D 249 2.47 -18.01 -3.23
N ALA D 250 2.14 -18.70 -4.33
CA ALA D 250 0.97 -18.44 -5.13
C ALA D 250 -0.34 -18.67 -4.38
N ILE D 251 -0.45 -19.74 -3.58
CA ILE D 251 -1.63 -20.03 -2.76
C ILE D 251 -1.76 -18.99 -1.65
N GLY D 252 -0.63 -18.57 -1.09
CA GLY D 252 -0.61 -17.54 -0.04
C GLY D 252 -1.18 -16.24 -0.56
N LEU D 253 -0.78 -15.86 -1.78
CA LEU D 253 -1.27 -14.64 -2.42
C LEU D 253 -2.74 -14.76 -2.81
N SER D 254 -3.14 -15.96 -3.30
CA SER D 254 -4.51 -16.28 -3.68
C SER D 254 -5.44 -16.18 -2.46
N VAL D 255 -5.02 -16.74 -1.33
CA VAL D 255 -5.78 -16.69 -0.08
C VAL D 255 -5.90 -15.24 0.45
N ALA D 256 -4.79 -14.46 0.43
CA ALA D 256 -4.82 -13.06 0.89
C ALA D 256 -5.73 -12.21 0.01
N ASP D 257 -5.84 -12.57 -1.29
CA ASP D 257 -6.70 -11.89 -2.27
C ASP D 257 -8.18 -12.08 -1.84
N LEU D 258 -8.54 -13.31 -1.46
CA LEU D 258 -9.89 -13.64 -0.98
C LEU D 258 -10.13 -13.02 0.39
N ALA D 259 -9.11 -13.03 1.27
CA ALA D 259 -9.22 -12.43 2.60
C ALA D 259 -9.51 -10.93 2.47
N GLU D 260 -8.86 -10.26 1.50
CA GLU D 260 -9.06 -8.84 1.25
C GLU D 260 -10.50 -8.52 0.83
N SER D 261 -11.10 -9.34 -0.07
CA SER D 261 -12.49 -9.16 -0.51
C SER D 261 -13.46 -9.31 0.66
N ILE D 262 -13.21 -10.30 1.55
CA ILE D 262 -14.08 -10.56 2.71
C ILE D 262 -13.95 -9.40 3.70
N MET D 263 -12.72 -9.18 4.21
CA MET D 263 -12.39 -8.17 5.21
C MET D 263 -12.77 -6.76 4.77
N LYS D 264 -12.55 -6.41 3.49
CA LYS D 264 -12.87 -5.06 3.00
C LYS D 264 -14.25 -4.97 2.34
N ASN D 265 -15.08 -6.05 2.40
CA ASN D 265 -16.45 -6.11 1.80
C ASN D 265 -16.45 -5.60 0.34
N LEU D 266 -15.51 -6.07 -0.44
CA LEU D 266 -15.37 -5.55 -1.80
C LEU D 266 -16.44 -5.96 -2.79
N ARG D 267 -17.00 -7.15 -2.63
CA ARG D 267 -18.00 -7.70 -3.55
C ARG D 267 -17.35 -7.89 -4.93
N ARG D 268 -16.10 -8.38 -4.92
CA ARG D 268 -15.40 -8.75 -6.14
C ARG D 268 -15.87 -10.15 -6.46
N VAL D 269 -15.72 -10.56 -7.72
CA VAL D 269 -16.11 -11.88 -8.20
C VAL D 269 -14.87 -12.78 -8.21
N HIS D 270 -14.97 -13.93 -7.51
CA HIS D 270 -13.90 -14.95 -7.45
C HIS D 270 -14.42 -16.36 -7.75
N PRO D 271 -13.65 -17.22 -8.46
CA PRO D 271 -14.10 -18.62 -8.68
C PRO D 271 -13.71 -19.48 -7.47
N ILE D 272 -14.63 -19.59 -6.51
CA ILE D 272 -14.34 -20.26 -5.22
C ILE D 272 -15.33 -21.36 -4.91
N SER D 273 -14.94 -22.30 -4.03
CA SER D 273 -15.79 -23.44 -3.64
C SER D 273 -17.01 -23.03 -2.84
N THR D 274 -18.19 -23.45 -3.31
CA THR D 274 -19.50 -23.19 -2.71
C THR D 274 -20.49 -24.25 -3.18
N MET D 275 -21.66 -24.33 -2.52
CA MET D 275 -22.67 -25.28 -2.93
C MET D 275 -23.33 -24.87 -4.26
N ILE D 276 -23.28 -25.76 -5.24
CA ILE D 276 -23.84 -25.52 -6.57
C ILE D 276 -25.19 -26.21 -6.83
N LYS D 277 -25.86 -26.70 -5.75
CA LYS D 277 -27.17 -27.36 -5.86
C LYS D 277 -28.19 -26.39 -6.48
N GLY D 278 -28.76 -26.79 -7.60
CA GLY D 278 -29.72 -25.97 -8.33
C GLY D 278 -29.16 -25.31 -9.58
N LEU D 279 -27.85 -25.53 -9.86
CA LEU D 279 -27.17 -25.01 -11.05
C LEU D 279 -26.78 -26.13 -12.00
N TYR D 280 -26.87 -25.88 -13.33
CA TYR D 280 -26.49 -26.80 -14.41
C TYR D 280 -27.07 -28.23 -14.29
N GLY D 281 -28.26 -28.32 -13.69
CA GLY D 281 -28.94 -29.59 -13.48
C GLY D 281 -28.41 -30.40 -12.30
N ILE D 282 -27.51 -29.81 -11.47
CA ILE D 282 -26.96 -30.48 -10.29
C ILE D 282 -28.02 -30.48 -9.18
N LYS D 283 -28.43 -31.69 -8.75
CA LYS D 283 -29.46 -31.89 -7.72
C LYS D 283 -28.90 -32.17 -6.31
N GLU D 284 -27.58 -32.41 -6.19
CA GLU D 284 -26.96 -32.73 -4.90
C GLU D 284 -26.16 -31.59 -4.29
N ASP D 285 -25.86 -31.70 -2.97
CA ASP D 285 -25.08 -30.73 -2.19
C ASP D 285 -23.58 -30.70 -2.58
N VAL D 286 -23.27 -30.63 -3.90
CA VAL D 286 -21.88 -30.60 -4.41
C VAL D 286 -21.25 -29.22 -4.18
N PHE D 287 -20.01 -29.18 -3.68
CA PHE D 287 -19.23 -27.96 -3.50
C PHE D 287 -18.11 -27.99 -4.54
N LEU D 288 -18.00 -26.94 -5.35
CA LEU D 288 -16.96 -26.75 -6.37
C LEU D 288 -16.94 -25.27 -6.76
N SER D 289 -15.93 -24.85 -7.54
CA SER D 289 -15.82 -23.45 -7.92
C SER D 289 -16.71 -22.99 -9.05
N VAL D 290 -17.39 -21.87 -8.81
CA VAL D 290 -18.18 -21.08 -9.75
C VAL D 290 -17.87 -19.60 -9.40
N PRO D 291 -18.12 -18.61 -10.30
CA PRO D 291 -17.81 -17.23 -9.95
C PRO D 291 -18.79 -16.73 -8.88
N CYS D 292 -18.24 -16.31 -7.72
CA CYS D 292 -19.02 -15.87 -6.56
C CYS D 292 -18.75 -14.43 -6.20
N ILE D 293 -19.78 -13.72 -5.70
CA ILE D 293 -19.61 -12.35 -5.20
C ILE D 293 -19.23 -12.51 -3.74
N LEU D 294 -18.03 -12.08 -3.40
CA LEU D 294 -17.43 -12.25 -2.08
C LEU D 294 -17.29 -10.94 -1.30
N GLY D 295 -17.86 -10.92 -0.10
CA GLY D 295 -17.82 -9.75 0.78
C GLY D 295 -17.79 -10.07 2.25
N GLN D 296 -18.13 -9.09 3.10
CA GLN D 296 -18.13 -9.23 4.56
C GLN D 296 -19.03 -10.32 5.10
N ASN D 297 -20.03 -10.76 4.34
CA ASN D 297 -20.90 -11.84 4.76
C ASN D 297 -20.55 -13.16 4.04
N GLY D 298 -19.40 -13.17 3.37
CA GLY D 298 -18.95 -14.33 2.62
C GLY D 298 -19.55 -14.33 1.23
N ILE D 299 -20.05 -15.49 0.79
CA ILE D 299 -20.64 -15.61 -0.53
C ILE D 299 -22.12 -15.21 -0.47
N SER D 300 -22.44 -14.02 -1.00
CA SER D 300 -23.82 -13.54 -0.99
C SER D 300 -24.55 -13.91 -2.28
N ASP D 301 -23.81 -14.10 -3.40
CA ASP D 301 -24.40 -14.37 -4.71
C ASP D 301 -23.48 -15.18 -5.61
N VAL D 302 -24.08 -15.84 -6.62
CA VAL D 302 -23.36 -16.65 -7.61
C VAL D 302 -23.64 -16.08 -9.02
N VAL D 303 -22.58 -15.97 -9.84
CA VAL D 303 -22.70 -15.53 -11.23
C VAL D 303 -23.01 -16.81 -12.04
N LYS D 304 -24.10 -16.81 -12.81
CA LYS D 304 -24.51 -17.93 -13.66
C LYS D 304 -23.75 -17.80 -14.97
N VAL D 305 -22.65 -18.56 -15.10
CA VAL D 305 -21.84 -18.54 -16.30
C VAL D 305 -22.54 -19.34 -17.40
N THR D 306 -22.55 -18.79 -18.62
CA THR D 306 -23.14 -19.43 -19.81
C THR D 306 -22.11 -20.39 -20.40
N LEU D 307 -22.30 -21.69 -20.17
CA LEU D 307 -21.38 -22.69 -20.65
C LEU D 307 -21.85 -23.33 -21.94
N THR D 308 -20.91 -23.67 -22.86
CA THR D 308 -21.25 -24.41 -24.08
C THR D 308 -21.66 -25.82 -23.61
N PRO D 309 -22.38 -26.65 -24.42
CA PRO D 309 -22.71 -28.02 -23.95
C PRO D 309 -21.51 -28.85 -23.47
N ASP D 310 -20.34 -28.73 -24.14
CA ASP D 310 -19.10 -29.44 -23.76
C ASP D 310 -18.57 -28.91 -22.42
N GLU D 311 -18.58 -27.58 -22.22
CA GLU D 311 -18.12 -26.96 -20.97
C GLU D 311 -19.02 -27.38 -19.80
N GLU D 312 -20.35 -27.41 -20.03
CA GLU D 312 -21.31 -27.83 -19.01
C GLU D 312 -21.11 -29.32 -18.68
N ALA D 313 -20.87 -30.16 -19.70
CA ALA D 313 -20.65 -31.59 -19.52
C ALA D 313 -19.36 -31.83 -18.68
N ARG D 314 -18.29 -31.07 -18.94
CA ARG D 314 -17.04 -31.14 -18.18
C ARG D 314 -17.26 -30.71 -16.72
N LEU D 315 -18.08 -29.67 -16.49
CA LEU D 315 -18.41 -29.21 -15.13
C LEU D 315 -19.24 -30.26 -14.37
N LYS D 316 -20.18 -30.92 -15.05
CA LYS D 316 -21.02 -31.96 -14.44
C LYS D 316 -20.17 -33.21 -14.15
N LYS D 317 -19.09 -33.42 -14.93
CA LYS D 317 -18.13 -34.52 -14.75
C LYS D 317 -17.30 -34.25 -13.49
N SER D 318 -16.82 -32.98 -13.32
CA SER D 318 -16.07 -32.54 -12.14
C SER D 318 -16.96 -32.73 -10.91
N ALA D 319 -18.26 -32.33 -11.02
CA ALA D 319 -19.28 -32.50 -9.97
C ALA D 319 -19.47 -33.96 -9.57
N ASP D 320 -19.58 -34.88 -10.55
CA ASP D 320 -19.78 -36.32 -10.32
C ASP D 320 -18.58 -36.94 -9.60
N THR D 321 -17.35 -36.57 -10.01
CA THR D 321 -16.10 -37.01 -9.40
C THR D 321 -16.06 -36.64 -7.90
N LEU D 322 -16.41 -35.38 -7.57
CA LEU D 322 -16.41 -34.87 -6.19
C LEU D 322 -17.52 -35.50 -5.34
N TRP D 323 -18.74 -35.57 -5.89
CA TRP D 323 -19.90 -36.16 -5.21
C TRP D 323 -19.72 -37.66 -4.91
N GLY D 324 -18.98 -38.36 -5.78
CA GLY D 324 -18.69 -39.78 -5.57
C GLY D 324 -17.99 -40.02 -4.25
N ILE D 325 -17.05 -39.13 -3.90
CA ILE D 325 -16.29 -39.19 -2.65
C ILE D 325 -17.12 -38.56 -1.53
N GLN D 326 -17.63 -37.33 -1.78
CA GLN D 326 -18.44 -36.54 -0.85
C GLN D 326 -19.59 -37.29 -0.19
N LYS D 327 -20.42 -37.99 -0.99
CA LYS D 327 -21.61 -38.70 -0.52
C LYS D 327 -21.37 -39.85 0.46
N GLU D 328 -20.14 -40.39 0.50
CA GLU D 328 -19.76 -41.54 1.33
C GLU D 328 -18.80 -41.22 2.47
N LEU D 329 -18.73 -39.94 2.87
CA LEU D 329 -17.82 -39.53 3.94
C LEU D 329 -18.29 -39.96 5.33
N GLN D 330 -17.34 -40.43 6.15
CA GLN D 330 -17.60 -40.86 7.53
C GLN D 330 -17.24 -39.76 8.53
N PHE D 331 -18.27 -39.05 9.05
CA PHE D 331 -18.14 -37.96 10.03
C PHE D 331 -19.50 -37.59 10.64
C1 MLI E . -12.12 14.89 -16.43
C2 MLI E . -11.69 15.95 -17.42
C3 MLI E . -13.61 14.63 -16.56
O6 MLI E . -12.09 15.87 -18.61
O7 MLI E . -10.93 16.85 -16.98
O8 MLI E . -14.03 13.97 -17.53
O9 MLI E . -14.35 15.06 -15.64
C1 MLI F . -9.53 -3.81 -17.33
C2 MLI F . -10.62 -4.72 -16.81
C3 MLI F . -8.57 -4.57 -18.21
O6 MLI F . -11.71 -4.79 -17.46
O7 MLI F . -10.41 -5.37 -15.76
O8 MLI F . -8.99 -5.48 -18.95
O9 MLI F . -7.35 -4.26 -18.18
C5 88S G . 1.35 26.59 -17.17
C6 88S G . 0.42 26.26 -16.19
C8 88S G . -1.22 27.74 -17.19
C4 88S G . 1.01 27.51 -18.15
C7 88S G . -0.87 26.81 -16.21
C9 88S G . -0.27 28.08 -18.15
C2 88S G . 1.22 28.87 -19.90
C12 88S G . -3.14 26.23 -15.39
C17 88S G . -6.53 23.96 -15.14
C1 88S G . 1.86 29.53 -21.07
C14 88S G . -3.82 25.63 -14.17
C15 88S G . -5.31 25.87 -14.13
N3 88S G . 1.85 27.98 -19.17
N19 88S G . -7.03 23.45 -16.29
N11 88S G . -1.82 26.44 -15.22
N16 88S G . -6.00 25.19 -15.23
O13 88S G . -3.76 26.49 -16.44
O18 88S G . -6.54 23.34 -14.07
S10 88S G . -0.43 29.21 -19.45
C1 MLI H . 7.18 9.50 16.08
C2 MLI H . 8.69 9.54 15.82
C3 MLI H . 6.90 8.58 17.25
O6 MLI H . 9.37 10.46 16.31
O7 MLI H . 9.19 8.63 15.14
O8 MLI H . 7.72 8.50 18.19
O9 MLI H . 5.83 7.93 17.24
C5 88S I . -21.57 21.36 8.47
C6 88S I . -20.57 21.52 7.50
C8 88S I . -20.71 23.94 7.74
C4 88S I . -22.15 22.49 9.07
C7 88S I . -20.13 22.81 7.14
C9 88S I . -21.70 23.76 8.69
C2 88S I . -23.47 23.71 10.38
C12 88S I . -18.01 23.79 6.21
C17 88S I . -14.05 24.49 6.11
C1 88S I . -24.51 24.04 11.39
C14 88S I . -17.06 23.62 5.03
C15 88S I . -16.15 24.81 4.80
N3 88S I . -23.16 22.49 10.04
N19 88S I . -13.48 24.66 7.31
N11 88S I . -19.09 22.97 6.17
N16 88S I . -15.27 25.05 5.96
O13 88S I . -17.79 24.60 7.12
O18 88S I . -13.48 23.87 5.17
S10 88S I . -22.58 24.97 9.57
C1 2B4 J . -7.37 24.44 7.92
C5 2B4 J . -7.10 23.04 9.87
C2 2B4 J . -8.75 24.36 8.07
C4 2B4 J . -8.47 22.94 10.01
C6 2B4 J . -6.54 23.77 8.81
C3 2B4 J . -9.28 23.59 9.09
C9 2B4 J . -2.86 24.25 9.32
C12 2B4 J . -4.78 25.38 10.46
C8 2B4 J . -4.32 24.11 9.77
O10 2B4 J . -2.52 24.19 8.15
O13 2B4 J . -5.21 26.32 9.84
O11 2B4 J . -2.06 24.46 10.31
O14 2B4 J . -4.75 25.28 11.74
O7 2B4 J . -5.18 23.87 8.62
BR1 2B4 J . -11.17 23.45 9.27
C1 GOL K . 17.39 9.68 23.95
O1 GOL K . 17.60 8.95 25.15
C2 GOL K . 16.87 11.07 24.26
O2 GOL K . 17.91 11.82 24.92
C3 GOL K . 16.49 11.77 22.98
O3 GOL K . 16.14 13.12 23.23
C1 MLI L . 14.06 5.00 13.39
C2 MLI L . 13.21 5.40 14.57
C3 MLI L . 14.76 6.20 12.82
O6 MLI L . 13.68 5.27 15.72
O7 MLI L . 12.07 5.86 14.38
O8 MLI L . 15.15 7.12 13.59
O9 MLI L . 14.94 6.23 11.58
C5 88S M . 24.52 -19.28 -4.98
C6 88S M . 23.37 -19.56 -4.23
C8 88S M . 24.60 -21.19 -2.93
C4 88S M . 25.71 -19.98 -4.73
C7 88S M . 23.41 -20.51 -3.20
C9 88S M . 25.72 -20.93 -3.71
C2 88S M . 27.83 -20.63 -4.92
C12 88S M . 22.24 -20.88 -1.03
C17 88S M . 20.91 -19.98 2.72
C1 88S M . 29.21 -20.68 -5.46
C14 88S M . 20.84 -20.77 -0.45
C15 88S M . 20.69 -21.56 0.84
N3 88S M . 26.91 -19.82 -5.41
N19 88S M . 21.79 -19.33 3.51
N11 88S M . 22.28 -20.77 -2.39
N16 88S M . 21.42 -20.95 1.95
O13 88S M . 23.25 -21.04 -0.32
O18 88S M . 19.70 -19.71 2.71
S10 88S M . 27.29 -21.65 -3.60
C1 2B4 N . 19.80 -16.29 8.38
C5 2B4 N . 20.09 -13.98 7.76
C2 2B4 N . 20.46 -16.68 7.23
C4 2B4 N . 20.76 -14.36 6.61
C6 2B4 N . 19.60 -14.94 8.65
C3 2B4 N . 20.93 -15.71 6.35
C9 2B4 N . 18.63 -13.54 11.98
C12 2B4 N . 20.80 -14.62 11.32
C8 2B4 N . 19.60 -13.83 10.83
O10 2B4 N . 19.02 -13.06 13.04
O13 2B4 N . 20.77 -15.83 11.50
O11 2B4 N . 17.40 -13.82 11.70
O14 2B4 N . 21.84 -13.89 11.50
O7 2B4 N . 18.92 -14.59 9.79
BR1 2B4 N . 21.82 -16.26 4.76
C1 MLI O . 19.26 -13.55 10.85
C2 MLI O . 18.62 -13.46 12.21
C3 MLI O . 20.59 -14.26 11.03
O6 MLI O . 17.59 -14.13 12.38
O7 MLI O . 19.15 -12.76 13.10
O8 MLI O . 20.62 -15.50 11.21
O9 MLI O . 21.60 -13.55 11.01
C1 GOL P . 4.03 -3.68 3.33
O1 GOL P . 4.07 -2.88 2.15
C2 GOL P . 3.52 -2.86 4.50
O2 GOL P . 2.33 -2.16 4.11
C3 GOL P . 3.20 -3.80 5.64
O3 GOL P . 2.66 -3.08 6.74
C1 MLI Q . -2.46 -25.11 -3.96
C2 MLI Q . -2.73 -26.44 -3.29
C3 MLI Q . -1.86 -25.33 -5.32
O6 MLI Q . -3.49 -27.26 -3.88
O7 MLI Q . -2.19 -26.65 -2.17
O8 MLI Q . -2.62 -25.66 -6.25
O9 MLI Q . -0.63 -25.15 -5.48
C1 MLI R . -11.51 -10.66 -12.45
C2 MLI R . -11.07 -10.18 -13.82
C3 MLI R . -12.86 -10.14 -12.06
O6 MLI R . -11.23 -10.93 -14.80
O7 MLI R . -10.57 -9.05 -13.92
O8 MLI R . -13.76 -10.00 -12.92
O9 MLI R . -13.01 -9.89 -10.85
C5 88S S . -3.74 -28.35 13.52
C6 88S S . -2.66 -27.93 12.73
C8 88S S . -2.22 -30.22 12.09
C4 88S S . -4.05 -29.71 13.61
C7 88S S . -1.91 -28.87 12.01
C9 88S S . -3.27 -30.63 12.90
C2 88S S . -5.06 -31.59 14.26
C12 88S S . -0.62 -28.80 9.86
C17 88S S . 0.02 -28.34 5.79
C1 88S S . -6.03 -32.47 14.97
C14 88S S . 0.50 -28.02 9.18
C15 88S S . 1.09 -28.75 7.99
N3 88S S . -5.07 -30.29 14.38
N19 88S S . -0.80 -28.84 4.85
N11 88S S . -0.85 -28.44 11.15
N16 88S S . 0.08 -29.00 6.95
O13 88S S . -1.25 -29.68 9.27
O18 88S S . 0.67 -27.29 5.61
S10 88S S . -3.84 -32.24 13.20
#